data_7PIK
#
_entry.id   7PIK
#
_cell.length_a   1.00
_cell.length_b   1.00
_cell.length_c   1.00
_cell.angle_alpha   90.00
_cell.angle_beta   90.00
_cell.angle_gamma   90.00
#
_symmetry.space_group_name_H-M   'P 1'
#
loop_
_entity.id
_entity.type
_entity.pdbx_description
1 polymer 'Transposon Tn7 transposition protein TnsB'
2 polymer 'Right end fragment of Tn7 transposon'
3 polymer 'Right end fragment of Tn7 transposon'
#
loop_
_entity_poly.entity_id
_entity_poly.type
_entity_poly.pdbx_seq_one_letter_code
_entity_poly.pdbx_strand_id
1 'polypeptide(L)'
;SMWQINEVVLFDNDPYRILAIEDGQVVWMQISADKGVPQARAELLLMQYLDEGRLVRTDDPYVHLDLEEPSVDSVSFQKR
EEDYRKILPIINSKDRFDPKVRSELVEHVVQEHKVTKATVYKLLRRYWQRGQTPNALIPDYKNSGAPGERRSATGTAKIG
RAREYGKGEGTKVTPEIERLFRLTIEKHLLNQKGTKTTVAYRRFVDLFAQYFPRIPQEDYPTLRQFRYFYDREYPKAQRL
KSRVKAGVYKKDVRPLSSTATSQALGPGSRYEIDATIADIYLVDHHDRQKIIGRPTLYIVIDVFSRMITGFYIGFENPSY
VVAMQAFVNACSDKTAICAQHDIEISSSDWPCVGLPDVLLADRGELMSHQVEALVSSFNVRVESAPPRRGDAKGIVESTF
RTLQAEFKSFAPGIVEGSRIKSHGETDYRLDASLSVFEFTQIILRTILFRNNHLVMDKYDRDADFPTDLPSIPVQLWQWG
MQHRTGSLRAVEQEQLRVALLPRRKVSISSFGVNLWGLYYSGSEILREGWLQRSTDIARPQHLEAAYDPVLVDTIYLFPQ
VGSRVFWRCNLTERSRQFKGLSFWEVWDIQAQEKHNKANAKQDELTKRRELEAFIQQTIQKANKLTPSTTEPKSTRIKQI
KTNKKEAVTSERKKRAEHLKPSSSGDEAKVIPFNAVEADDQEDYSLPTYVPELFQDPPEKDES
;
A,B,C,D,E
2 'polydeoxyribonucleotide'
;(DC)(DT)(DA)(DG)(DT)(DT)(DT)(DA)(DA)(DG)(DA)(DC)(DT)(DT)(DT)(DA)(DT)(DT)(DG)(DT)
(DC)(DA)(DT)(DA)(DG)(DT)(DT)(DT)(DA)(DG)(DA)(DT)(DC)(DT)(DA)(DT)(DT)(DT)(DT)(DG)
(DT)(DT)(DC)(DA)(DG)(DT)(DT)(DT)(DA)(DA)(DG)(DA)(DC)(DT)(DT)(DT)(DA)(DT)(DT)(DG)
(DT)(DC)(DC)(DG)(DC)(DC)(DC)(DA)(DC)(DA)
;
K
3 'polydeoxyribonucleotide'
;(DT)(DG)(DT)(DG)(DG)(DG)(DC)(DG)(DG)(DA)(DC)(DA)(DA)(DT)(DA)(DA)(DA)(DG)(DT)(DC)
(DT)(DT)(DA)(DA)(DA)(DC)(DT)(DG)(DA)(DA)(DC)(DA)(DA)(DA)(DA)(DT)(DA)(DG)(DA)(DT)
(DC)(DT)(DA)(DA)(DA)(DC)(DT)(DA)(DT)(DG)(DA)(DC)(DA)(DA)(DT)(DA)(DA)(DA)(DG)(DT)
(DC)(DT)(DT)(DA)(DA)(DA)(DC)(DT)(DA)(DG)
;
L
#
# COMPACT_ATOMS: atom_id res chain seq x y z
N MET A 2 -11.22 1.62 -38.04
CA MET A 2 -11.46 2.21 -39.35
C MET A 2 -12.93 2.10 -39.74
N TRP A 3 -13.48 3.19 -40.23
CA TRP A 3 -14.90 3.27 -40.60
C TRP A 3 -15.03 3.87 -41.99
N GLN A 4 -16.14 3.54 -42.65
CA GLN A 4 -16.49 4.13 -43.93
C GLN A 4 -17.62 5.14 -43.75
N ILE A 5 -17.81 5.96 -44.78
CA ILE A 5 -18.93 6.89 -44.80
C ILE A 5 -20.22 6.11 -44.96
N ASN A 6 -21.27 6.55 -44.25
CA ASN A 6 -22.61 6.00 -44.32
C ASN A 6 -22.75 4.65 -43.62
N GLU A 7 -21.82 4.33 -42.72
CA GLU A 7 -21.86 3.09 -41.96
C GLU A 7 -22.58 3.31 -40.64
N VAL A 8 -23.27 2.27 -40.16
CA VAL A 8 -24.09 2.32 -38.97
C VAL A 8 -23.41 1.56 -37.85
N VAL A 9 -23.39 2.14 -36.65
CA VAL A 9 -22.78 1.53 -35.48
C VAL A 9 -23.75 1.62 -34.30
N LEU A 10 -23.51 0.77 -33.30
CA LEU A 10 -24.30 0.74 -32.07
C LEU A 10 -23.44 1.27 -30.94
N PHE A 11 -23.91 2.33 -30.28
CA PHE A 11 -23.23 2.95 -29.16
C PHE A 11 -24.19 2.95 -27.98
N ASP A 12 -23.87 2.14 -26.96
CA ASP A 12 -24.77 1.90 -25.84
C ASP A 12 -26.13 1.39 -26.33
N ASN A 13 -26.08 0.54 -27.35
CA ASN A 13 -27.27 -0.09 -27.94
C ASN A 13 -28.19 0.95 -28.61
N ASP A 14 -27.59 1.98 -29.20
CA ASP A 14 -28.33 2.96 -30.01
C ASP A 14 -27.66 3.07 -31.37
N PRO A 15 -28.43 3.10 -32.46
CA PRO A 15 -27.81 3.21 -33.79
C PRO A 15 -27.44 4.65 -34.15
N TYR A 16 -26.24 4.80 -34.71
CA TYR A 16 -25.71 6.07 -35.17
C TYR A 16 -25.12 5.88 -36.56
N ARG A 17 -25.33 6.84 -37.46
CA ARG A 17 -24.74 6.81 -38.78
C ARG A 17 -23.67 7.90 -38.89
N ILE A 18 -22.51 7.51 -39.42
CA ILE A 18 -21.35 8.38 -39.58
C ILE A 18 -21.44 9.09 -40.92
N LEU A 19 -21.29 10.42 -40.91
CA LEU A 19 -21.54 11.25 -42.08
C LEU A 19 -20.29 11.82 -42.73
N ALA A 20 -19.24 12.12 -41.97
CA ALA A 20 -18.06 12.76 -42.53
C ALA A 20 -16.86 12.52 -41.64
N ILE A 21 -15.67 12.67 -42.22
CA ILE A 21 -14.41 12.56 -41.50
C ILE A 21 -13.43 13.59 -42.07
N GLU A 22 -12.91 14.46 -41.21
CA GLU A 22 -11.88 15.42 -41.61
C GLU A 22 -10.94 15.69 -40.45
N ASP A 23 -9.69 15.24 -40.60
CA ASP A 23 -8.58 15.63 -39.73
C ASP A 23 -8.86 15.37 -38.25
N GLY A 24 -9.14 14.11 -37.94
CA GLY A 24 -9.31 13.69 -36.57
C GLY A 24 -10.67 13.96 -35.97
N GLN A 25 -11.57 14.59 -36.70
CA GLN A 25 -12.93 14.85 -36.26
C GLN A 25 -13.91 14.00 -37.05
N VAL A 26 -14.92 13.48 -36.37
CA VAL A 26 -15.96 12.66 -36.99
C VAL A 26 -17.31 13.27 -36.65
N VAL A 27 -18.15 13.45 -37.69
CA VAL A 27 -19.54 13.92 -37.55
C VAL A 27 -20.49 12.74 -37.66
N TRP A 28 -21.41 12.59 -36.71
CA TRP A 28 -22.37 11.50 -36.69
C TRP A 28 -23.77 11.91 -36.24
N MET A 29 -24.81 11.22 -36.69
CA MET A 29 -26.16 11.49 -36.23
C MET A 29 -26.89 10.23 -35.86
N GLN A 30 -27.74 10.29 -34.84
CA GLN A 30 -28.57 9.16 -34.47
C GLN A 30 -29.75 9.03 -35.43
N ILE A 31 -30.27 7.81 -35.54
CA ILE A 31 -31.29 7.52 -36.54
C ILE A 31 -32.53 6.90 -35.91
N SER A 32 -32.80 7.20 -34.65
CA SER A 32 -33.91 6.62 -33.92
C SER A 32 -35.09 7.57 -33.71
N ALA A 33 -34.84 8.84 -33.40
CA ALA A 33 -35.90 9.79 -33.09
C ALA A 33 -36.08 10.79 -34.22
N ASP A 34 -37.25 11.43 -34.23
CA ASP A 34 -37.60 12.44 -35.22
C ASP A 34 -37.29 13.85 -34.73
N LYS A 35 -36.05 14.08 -34.32
CA LYS A 35 -35.58 15.40 -33.92
C LYS A 35 -34.08 15.32 -33.69
N GLY A 36 -33.41 16.44 -33.91
CA GLY A 36 -32.01 16.58 -33.59
C GLY A 36 -31.17 16.97 -34.80
N VAL A 37 -29.89 17.21 -34.52
CA VAL A 37 -28.92 17.61 -35.53
C VAL A 37 -27.63 16.84 -35.32
N PRO A 38 -26.85 16.66 -36.39
CA PRO A 38 -25.61 15.88 -36.28
C PRO A 38 -24.60 16.55 -35.35
N GLN A 39 -23.82 15.71 -34.66
CA GLN A 39 -22.82 16.16 -33.70
C GLN A 39 -21.44 15.68 -34.12
N ALA A 40 -20.41 16.41 -33.72
CA ALA A 40 -19.02 16.11 -34.06
C ALA A 40 -18.20 15.88 -32.80
N ARG A 41 -17.27 14.92 -32.86
CA ARG A 41 -16.27 14.79 -31.81
C ARG A 41 -14.98 14.22 -32.38
N ALA A 42 -14.06 13.86 -31.49
CA ALA A 42 -12.73 13.45 -31.89
C ALA A 42 -12.68 11.95 -32.19
N GLU A 43 -11.76 11.57 -33.09
CA GLU A 43 -11.61 10.19 -33.50
C GLU A 43 -10.99 9.32 -32.40
N LEU A 44 -10.03 9.87 -31.65
CA LEU A 44 -9.43 9.11 -30.56
C LEU A 44 -10.44 8.77 -29.48
N LEU A 45 -11.49 9.59 -29.33
CA LEU A 45 -12.56 9.25 -28.41
C LEU A 45 -13.35 8.02 -28.89
N LEU A 46 -13.58 7.93 -30.20
CA LEU A 46 -14.22 6.73 -30.74
C LEU A 46 -13.32 5.51 -30.59
N MET A 47 -12.01 5.69 -30.72
CA MET A 47 -11.09 4.60 -30.44
C MET A 47 -11.20 4.14 -28.99
N GLN A 48 -11.29 5.10 -28.06
CA GLN A 48 -11.50 4.76 -26.65
C GLN A 48 -12.78 3.97 -26.46
N TYR A 49 -13.87 4.43 -27.08
CA TYR A 49 -15.14 3.72 -26.95
C TYR A 49 -15.04 2.30 -27.50
N LEU A 50 -14.36 2.14 -28.64
CA LEU A 50 -14.18 0.82 -29.24
C LEU A 50 -13.31 -0.08 -28.36
N ASP A 51 -12.42 0.52 -27.56
CA ASP A 51 -11.48 -0.27 -26.76
C ASP A 51 -12.20 -1.14 -25.73
N GLU A 52 -13.23 -0.59 -25.08
CA GLU A 52 -13.92 -1.31 -24.00
C GLU A 52 -15.35 -1.69 -24.38
N GLY A 53 -15.57 -1.98 -25.66
CA GLY A 53 -16.81 -2.61 -26.09
C GLY A 53 -18.07 -1.80 -25.93
N ARG A 54 -17.96 -0.48 -25.80
CA ARG A 54 -19.17 0.36 -25.79
C ARG A 54 -19.65 0.71 -27.18
N LEU A 55 -18.88 0.40 -28.22
CA LEU A 55 -19.24 0.71 -29.60
C LEU A 55 -19.00 -0.52 -30.45
N VAL A 56 -20.07 -1.04 -31.06
CA VAL A 56 -19.99 -2.22 -31.91
C VAL A 56 -20.61 -1.90 -33.27
N ARG A 57 -20.53 -2.87 -34.18
CA ARG A 57 -21.08 -2.72 -35.52
C ARG A 57 -22.38 -3.49 -35.64
N THR A 58 -23.24 -3.02 -36.54
CA THR A 58 -24.55 -3.62 -36.76
C THR A 58 -24.93 -3.45 -38.23
N ASP A 59 -26.19 -3.76 -38.55
CA ASP A 59 -26.67 -3.72 -39.91
C ASP A 59 -27.49 -2.45 -40.15
N ASP A 60 -27.43 -1.95 -41.38
CA ASP A 60 -28.16 -0.76 -41.76
C ASP A 60 -29.63 -1.08 -42.00
N PRO A 61 -30.57 -0.43 -41.29
CA PRO A 61 -31.99 -0.73 -41.48
C PRO A 61 -32.60 -0.16 -42.75
N TYR A 62 -31.82 0.53 -43.59
CA TYR A 62 -32.35 1.19 -44.78
C TYR A 62 -31.66 0.73 -46.06
N VAL A 63 -31.03 -0.45 -46.04
CA VAL A 63 -30.42 -0.99 -47.25
C VAL A 63 -31.44 -1.31 -48.32
N HIS A 64 -32.71 -1.51 -47.95
CA HIS A 64 -33.74 -1.83 -48.92
C HIS A 64 -34.03 -0.69 -49.89
N LEU A 65 -33.53 0.51 -49.62
CA LEU A 65 -33.76 1.64 -50.52
C LEU A 65 -32.83 1.62 -51.72
N ASP A 66 -31.75 0.85 -51.68
CA ASP A 66 -30.93 0.64 -52.87
C ASP A 66 -31.45 -0.53 -53.69
N LEU A 67 -32.77 -0.53 -53.91
CA LEU A 67 -33.43 -1.49 -54.77
C LEU A 67 -34.60 -0.87 -55.52
N GLU A 68 -34.82 0.43 -55.39
CA GLU A 68 -36.05 1.07 -55.82
C GLU A 68 -35.80 1.93 -57.05
N GLU A 69 -36.63 1.74 -58.07
CA GLU A 69 -36.58 2.54 -59.29
C GLU A 69 -38.01 2.97 -59.66
N PRO A 70 -38.53 3.99 -58.98
CA PRO A 70 -39.90 4.45 -59.27
C PRO A 70 -40.03 4.92 -60.71
N SER A 71 -41.17 4.60 -61.31
CA SER A 71 -41.41 4.96 -62.70
C SER A 71 -41.68 6.47 -62.82
N VAL A 72 -41.38 7.00 -64.01
CA VAL A 72 -41.69 8.39 -64.29
C VAL A 72 -43.21 8.58 -64.23
N ASP A 73 -43.65 9.83 -64.12
CA ASP A 73 -45.05 10.23 -63.99
C ASP A 73 -45.75 9.50 -62.85
N SER A 74 -44.99 9.13 -61.82
CA SER A 74 -45.58 8.70 -60.56
C SER A 74 -45.30 9.73 -59.48
N VAL A 75 -46.17 9.76 -58.45
CA VAL A 75 -46.11 10.81 -57.44
C VAL A 75 -44.78 10.79 -56.69
N SER A 76 -44.23 9.60 -56.44
CA SER A 76 -42.95 9.48 -55.77
C SER A 76 -41.83 10.10 -56.59
N PHE A 77 -41.83 9.88 -57.91
CA PHE A 77 -40.78 10.43 -58.76
C PHE A 77 -40.76 11.96 -58.69
N GLN A 78 -41.90 12.60 -58.93
CA GLN A 78 -41.92 14.05 -58.87
C GLN A 78 -41.53 14.54 -57.48
N LYS A 79 -42.23 14.05 -56.45
CA LYS A 79 -42.00 14.56 -55.10
C LYS A 79 -40.52 14.48 -54.74
N ARG A 80 -39.86 13.36 -55.09
CA ARG A 80 -38.43 13.25 -54.84
C ARG A 80 -37.64 14.28 -55.63
N GLU A 81 -38.04 14.55 -56.88
CA GLU A 81 -37.29 15.52 -57.69
C GLU A 81 -37.32 16.93 -57.09
N GLU A 82 -38.52 17.45 -56.78
CA GLU A 82 -38.51 18.80 -56.22
C GLU A 82 -37.98 18.83 -54.79
N ASP A 83 -38.15 17.75 -54.01
CA ASP A 83 -37.56 17.74 -52.68
C ASP A 83 -36.04 17.76 -52.73
N TYR A 84 -35.45 17.15 -53.76
CA TYR A 84 -33.99 17.22 -53.90
C TYR A 84 -33.56 18.60 -54.38
N ARG A 85 -34.30 19.19 -55.32
CA ARG A 85 -33.93 20.52 -55.79
C ARG A 85 -34.09 21.57 -54.69
N LYS A 86 -34.96 21.34 -53.73
CA LYS A 86 -35.12 22.30 -52.64
C LYS A 86 -33.87 22.39 -51.77
N ILE A 87 -33.36 21.25 -51.30
CA ILE A 87 -32.26 21.25 -50.34
C ILE A 87 -30.90 21.08 -51.00
N LEU A 88 -30.84 21.03 -52.33
CA LEU A 88 -29.53 21.00 -53.00
C LEU A 88 -28.60 22.14 -52.61
N PRO A 89 -29.04 23.40 -52.48
CA PRO A 89 -28.09 24.45 -52.06
C PRO A 89 -27.44 24.22 -50.71
N ILE A 90 -28.18 23.66 -49.74
CA ILE A 90 -27.63 23.52 -48.39
C ILE A 90 -26.61 22.38 -48.33
N ILE A 91 -26.92 21.25 -48.96
CA ILE A 91 -26.03 20.08 -48.86
C ILE A 91 -24.76 20.24 -49.67
N ASN A 92 -24.70 21.20 -50.59
CA ASN A 92 -23.49 21.48 -51.36
C ASN A 92 -22.63 22.57 -50.71
N SER A 93 -22.73 22.74 -49.40
CA SER A 93 -22.00 23.78 -48.69
C SER A 93 -21.03 23.15 -47.70
N LYS A 94 -19.91 23.82 -47.48
CA LYS A 94 -18.91 23.36 -46.53
C LYS A 94 -19.23 23.77 -45.10
N ASP A 95 -20.33 24.50 -44.89
CA ASP A 95 -20.74 24.94 -43.56
C ASP A 95 -22.13 24.40 -43.21
N ARG A 96 -22.51 23.26 -43.80
CA ARG A 96 -23.81 22.66 -43.52
C ARG A 96 -23.93 22.15 -42.08
N PHE A 97 -22.82 21.87 -41.41
CA PHE A 97 -22.83 21.38 -40.05
C PHE A 97 -22.54 22.48 -39.02
N ASP A 98 -22.61 23.74 -39.43
CA ASP A 98 -22.42 24.88 -38.56
C ASP A 98 -23.77 25.53 -38.28
N PRO A 99 -24.18 25.68 -37.01
CA PRO A 99 -25.56 26.13 -36.73
C PRO A 99 -25.95 27.47 -37.35
N LYS A 100 -25.05 28.46 -37.34
CA LYS A 100 -25.42 29.80 -37.77
C LYS A 100 -25.52 29.91 -39.29
N VAL A 101 -24.51 29.42 -40.00
CA VAL A 101 -24.56 29.41 -41.46
C VAL A 101 -25.72 28.52 -41.93
N ARG A 102 -25.97 27.43 -41.21
CA ARG A 102 -27.12 26.58 -41.52
C ARG A 102 -28.42 27.35 -41.40
N SER A 103 -28.54 28.18 -40.35
CA SER A 103 -29.73 29.00 -40.19
C SER A 103 -29.89 29.99 -41.34
N GLU A 104 -28.80 30.62 -41.77
CA GLU A 104 -28.87 31.54 -42.89
C GLU A 104 -29.30 30.84 -44.18
N LEU A 105 -28.74 29.64 -44.43
CA LEU A 105 -29.12 28.89 -45.63
C LEU A 105 -30.58 28.47 -45.59
N VAL A 106 -31.05 28.05 -44.40
CA VAL A 106 -32.47 27.69 -44.26
C VAL A 106 -33.35 28.90 -44.56
N GLU A 107 -32.96 30.08 -44.05
CA GLU A 107 -33.73 31.29 -44.35
C GLU A 107 -33.74 31.59 -45.84
N HIS A 108 -32.59 31.41 -46.51
CA HIS A 108 -32.54 31.64 -47.95
C HIS A 108 -33.49 30.72 -48.70
N VAL A 109 -33.49 29.43 -48.34
CA VAL A 109 -34.39 28.48 -49.01
C VAL A 109 -35.84 28.83 -48.74
N VAL A 110 -36.15 29.23 -47.49
CA VAL A 110 -37.52 29.60 -47.14
C VAL A 110 -37.98 30.79 -47.97
N GLN A 111 -37.12 31.79 -48.13
CA GLN A 111 -37.49 32.95 -48.94
C GLN A 111 -37.66 32.58 -50.41
N GLU A 112 -36.73 31.79 -50.96
CA GLU A 112 -36.71 31.59 -52.39
C GLU A 112 -37.79 30.61 -52.88
N HIS A 113 -38.09 29.58 -52.09
CA HIS A 113 -39.06 28.57 -52.51
C HIS A 113 -40.45 28.74 -51.92
N LYS A 114 -40.62 29.64 -50.96
CA LYS A 114 -41.89 29.86 -50.27
C LYS A 114 -42.38 28.59 -49.58
N VAL A 115 -41.54 28.09 -48.66
CA VAL A 115 -41.86 26.91 -47.86
C VAL A 115 -41.57 27.22 -46.40
N THR A 116 -42.16 26.41 -45.53
CA THR A 116 -42.03 26.58 -44.09
C THR A 116 -40.69 26.04 -43.60
N LYS A 117 -40.18 26.66 -42.52
CA LYS A 117 -38.90 26.28 -41.95
C LYS A 117 -38.91 24.84 -41.44
N ALA A 118 -40.03 24.42 -40.87
CA ALA A 118 -40.15 23.06 -40.32
C ALA A 118 -39.99 22.02 -41.41
N THR A 119 -40.57 22.26 -42.58
CA THR A 119 -40.43 21.33 -43.69
C THR A 119 -38.97 21.18 -44.12
N VAL A 120 -38.24 22.29 -44.16
CA VAL A 120 -36.82 22.25 -44.53
C VAL A 120 -36.04 21.43 -43.50
N TYR A 121 -36.29 21.65 -42.22
CA TYR A 121 -35.58 20.90 -41.19
C TYR A 121 -35.92 19.41 -41.27
N LYS A 122 -37.18 19.08 -41.54
CA LYS A 122 -37.58 17.69 -41.69
C LYS A 122 -36.88 17.03 -42.87
N LEU A 123 -36.80 17.73 -44.01
CA LEU A 123 -36.13 17.17 -45.18
C LEU A 123 -34.66 16.94 -44.92
N LEU A 124 -34.00 17.89 -44.24
CA LEU A 124 -32.59 17.71 -43.90
C LEU A 124 -32.39 16.50 -42.99
N ARG A 125 -33.23 16.37 -41.97
CA ARG A 125 -33.13 15.25 -41.04
C ARG A 125 -33.32 13.91 -41.76
N ARG A 126 -34.31 13.85 -42.67
CA ARG A 126 -34.60 12.61 -43.36
C ARG A 126 -33.50 12.26 -44.35
N TYR A 127 -32.93 13.25 -45.03
CA TYR A 127 -31.80 12.98 -45.92
C TYR A 127 -30.59 12.47 -45.15
N TRP A 128 -30.28 13.08 -44.00
CA TRP A 128 -29.12 12.65 -43.25
C TRP A 128 -29.33 11.30 -42.57
N GLN A 129 -30.58 10.93 -42.27
CA GLN A 129 -30.81 9.71 -41.49
C GLN A 129 -30.86 8.45 -42.36
N ARG A 130 -31.25 8.55 -43.63
CA ARG A 130 -31.46 7.37 -44.46
C ARG A 130 -30.37 7.16 -45.51
N GLY A 131 -29.17 7.71 -45.29
CA GLY A 131 -28.00 7.30 -46.05
C GLY A 131 -27.46 8.26 -47.08
N GLN A 132 -27.96 9.49 -47.15
CA GLN A 132 -27.40 10.54 -48.01
C GLN A 132 -27.47 10.17 -49.50
N THR A 133 -28.67 9.86 -49.96
CA THR A 133 -28.94 9.62 -51.37
C THR A 133 -30.25 10.30 -51.74
N PRO A 134 -30.48 10.56 -53.03
CA PRO A 134 -31.81 11.04 -53.45
C PRO A 134 -32.95 10.11 -53.06
N ASN A 135 -32.71 8.80 -53.07
CA ASN A 135 -33.76 7.83 -52.76
C ASN A 135 -34.25 7.95 -51.32
N ALA A 136 -33.50 8.64 -50.46
CA ALA A 136 -33.94 8.89 -49.10
C ALA A 136 -35.08 9.89 -49.03
N LEU A 137 -35.42 10.56 -50.13
CA LEU A 137 -36.49 11.56 -50.14
C LEU A 137 -37.74 11.07 -50.88
N ILE A 138 -37.93 9.76 -50.97
CA ILE A 138 -39.18 9.21 -51.50
C ILE A 138 -40.19 9.14 -50.35
N PRO A 139 -41.43 9.56 -50.57
CA PRO A 139 -42.43 9.56 -49.48
C PRO A 139 -42.87 8.16 -49.11
N ASP A 140 -43.49 8.06 -47.93
CA ASP A 140 -43.97 6.80 -47.37
C ASP A 140 -45.39 6.46 -47.79
N TYR A 141 -45.81 6.92 -48.97
CA TYR A 141 -47.17 6.71 -49.44
C TYR A 141 -47.52 5.24 -49.62
N LYS A 142 -46.53 4.35 -49.66
CA LYS A 142 -46.80 2.94 -49.90
C LYS A 142 -47.48 2.27 -48.72
N ASN A 143 -47.36 2.82 -47.51
CA ASN A 143 -48.07 2.30 -46.36
C ASN A 143 -49.49 2.82 -46.24
N SER A 144 -49.86 3.83 -46.98
CA SER A 144 -51.17 4.41 -46.85
C SER A 144 -52.24 3.47 -47.38
N GLY A 145 -53.40 3.46 -46.74
CA GLY A 145 -54.47 2.57 -47.15
C GLY A 145 -54.50 1.29 -46.36
N ALA A 146 -53.46 0.98 -45.55
CA ALA A 146 -53.33 -0.26 -44.82
C ALA A 146 -53.61 -1.46 -45.72
N PRO A 147 -52.72 -1.76 -46.67
CA PRO A 147 -52.99 -2.83 -47.63
C PRO A 147 -53.05 -4.20 -46.98
N GLY A 148 -53.88 -5.06 -47.55
CA GLY A 148 -54.00 -6.44 -47.09
C GLY A 148 -54.48 -6.59 -45.66
N GLU A 149 -55.53 -5.85 -45.31
CA GLU A 149 -56.10 -5.91 -43.97
C GLU A 149 -57.62 -5.83 -44.07
N ARG A 150 -58.28 -6.04 -42.94
CA ARG A 150 -59.72 -5.91 -42.84
C ARG A 150 -60.04 -4.57 -42.19
N ARG A 151 -60.81 -3.73 -42.89
CA ARG A 151 -61.08 -2.38 -42.40
C ARG A 151 -61.85 -2.40 -41.09
N SER A 152 -62.88 -3.25 -41.01
CA SER A 152 -63.73 -3.36 -39.82
C SER A 152 -64.30 -2.00 -39.41
N MET B 2 0.70 -3.79 14.96
CA MET B 2 -0.70 -3.70 15.37
C MET B 2 -1.30 -2.36 14.94
N TRP B 3 -0.44 -1.39 14.64
CA TRP B 3 -0.86 -0.07 14.21
C TRP B 3 -0.28 0.23 12.83
N GLN B 4 -1.05 0.94 12.02
CA GLN B 4 -0.65 1.29 10.66
C GLN B 4 -0.61 2.81 10.50
N ILE B 5 0.25 3.26 9.58
CA ILE B 5 0.37 4.69 9.32
C ILE B 5 -0.95 5.23 8.79
N ASN B 6 -1.32 6.42 9.27
CA ASN B 6 -2.50 7.15 8.80
C ASN B 6 -3.79 6.43 9.19
N GLU B 7 -3.80 5.83 10.37
CA GLU B 7 -4.97 5.13 10.90
C GLU B 7 -5.66 5.99 11.94
N VAL B 8 -6.99 5.96 11.96
CA VAL B 8 -7.80 6.81 12.82
C VAL B 8 -8.42 5.94 13.91
N VAL B 9 -8.30 6.39 15.16
CA VAL B 9 -8.84 5.67 16.31
C VAL B 9 -9.60 6.64 17.20
N LEU B 10 -10.50 6.07 18.01
CA LEU B 10 -11.27 6.84 18.98
C LEU B 10 -10.71 6.60 20.38
N PHE B 11 -10.36 7.69 21.05
CA PHE B 11 -9.80 7.68 22.40
C PHE B 11 -10.65 8.59 23.27
N ASP B 12 -11.46 7.98 24.15
CA ASP B 12 -12.47 8.72 24.93
C ASP B 12 -13.40 9.51 24.01
N ASN B 13 -13.83 8.85 22.92
CA ASN B 13 -14.76 9.44 21.96
C ASN B 13 -14.19 10.69 21.30
N ASP B 14 -12.89 10.66 20.99
CA ASP B 14 -12.23 11.70 20.24
C ASP B 14 -11.38 11.05 19.15
N PRO B 15 -11.47 11.51 17.90
CA PRO B 15 -10.68 10.89 16.83
C PRO B 15 -9.23 11.39 16.82
N TYR B 16 -8.31 10.45 16.63
CA TYR B 16 -6.88 10.72 16.58
C TYR B 16 -6.28 9.96 15.41
N ARG B 17 -5.34 10.59 14.71
CA ARG B 17 -4.64 9.96 13.60
C ARG B 17 -3.18 9.73 13.95
N ILE B 18 -2.68 8.54 13.60
CA ILE B 18 -1.31 8.12 13.90
C ILE B 18 -0.42 8.49 12.72
N LEU B 19 0.68 9.19 13.01
CA LEU B 19 1.56 9.70 11.97
C LEU B 19 2.84 8.91 11.79
N ALA B 20 3.41 8.35 12.85
CA ALA B 20 4.66 7.63 12.73
C ALA B 20 4.80 6.65 13.90
N ILE B 21 5.65 5.64 13.69
CA ILE B 21 6.06 4.70 14.72
C ILE B 21 7.57 4.56 14.65
N GLU B 22 8.24 4.69 15.79
CA GLU B 22 9.69 4.55 15.84
C GLU B 22 10.11 4.13 17.24
N ASP B 23 10.85 3.01 17.31
CA ASP B 23 11.52 2.45 18.48
C ASP B 23 10.80 2.72 19.80
N GLY B 24 9.55 2.25 19.89
CA GLY B 24 8.79 2.33 21.12
C GLY B 24 7.90 3.55 21.24
N GLN B 25 8.06 4.54 20.37
CA GLN B 25 7.27 5.76 20.40
C GLN B 25 6.24 5.73 19.28
N VAL B 26 5.07 6.30 19.56
CA VAL B 26 4.03 6.53 18.56
C VAL B 26 3.63 7.99 18.62
N VAL B 27 3.71 8.67 17.46
CA VAL B 27 3.29 10.08 17.32
C VAL B 27 1.86 10.19 16.76
N TRP B 28 0.99 10.90 17.46
CA TRP B 28 -0.39 11.06 17.00
C TRP B 28 -0.90 12.49 17.07
N MET B 29 -1.95 12.79 16.32
CA MET B 29 -2.49 14.14 16.31
C MET B 29 -4.01 14.11 16.22
N GLN B 30 -4.67 14.99 16.98
CA GLN B 30 -6.12 15.06 16.93
C GLN B 30 -6.54 15.71 15.61
N ILE B 31 -7.69 15.32 15.09
CA ILE B 31 -8.14 15.82 13.80
C ILE B 31 -9.47 16.56 13.91
N SER B 32 -9.85 16.97 15.13
CA SER B 32 -11.14 17.62 15.35
C SER B 32 -11.06 19.13 15.47
N ALA B 33 -10.05 19.66 16.15
CA ALA B 33 -9.93 21.09 16.38
C ALA B 33 -9.01 21.75 15.37
N ASP B 34 -8.98 23.08 15.41
CA ASP B 34 -8.22 23.91 14.48
C ASP B 34 -7.04 24.55 15.18
N LYS B 35 -6.39 23.78 16.06
CA LYS B 35 -5.17 24.22 16.75
C LYS B 35 -4.46 23.00 17.30
N GLY B 36 -3.20 23.17 17.66
CA GLY B 36 -2.43 22.14 18.33
C GLY B 36 -1.26 21.66 17.49
N VAL B 37 -0.47 20.80 18.12
CA VAL B 37 0.70 20.17 17.51
C VAL B 37 0.70 18.70 17.87
N PRO B 38 1.40 17.87 17.09
CA PRO B 38 1.40 16.43 17.37
C PRO B 38 2.05 16.08 18.71
N GLN B 39 1.57 14.99 19.31
CA GLN B 39 2.09 14.46 20.55
C GLN B 39 2.68 13.07 20.34
N ALA B 40 3.53 12.66 21.29
CA ALA B 40 4.18 11.36 21.26
C ALA B 40 3.93 10.63 22.58
N ARG B 41 3.71 9.32 22.48
CA ARG B 41 3.54 8.47 23.67
C ARG B 41 4.20 7.12 23.41
N ALA B 42 4.08 6.23 24.39
CA ALA B 42 4.68 4.90 24.30
C ALA B 42 3.64 3.86 23.88
N GLU B 43 4.12 2.77 23.29
CA GLU B 43 3.21 1.74 22.78
C GLU B 43 2.62 0.91 23.91
N LEU B 44 3.36 0.75 25.01
CA LEU B 44 2.82 0.02 26.15
C LEU B 44 1.61 0.72 26.74
N LEU B 45 1.66 2.06 26.80
CA LEU B 45 0.51 2.82 27.28
C LEU B 45 -0.68 2.66 26.34
N LEU B 46 -0.43 2.60 25.03
CA LEU B 46 -1.51 2.36 24.07
C LEU B 46 -2.11 0.97 24.25
N MET B 47 -1.27 -0.03 24.51
CA MET B 47 -1.78 -1.37 24.76
C MET B 47 -2.65 -1.40 26.03
N GLN B 48 -2.22 -0.69 27.07
CA GLN B 48 -3.04 -0.59 28.27
C GLN B 48 -4.37 0.09 27.99
N TYR B 49 -4.35 1.17 27.21
CA TYR B 49 -5.58 1.85 26.84
C TYR B 49 -6.52 0.93 26.08
N LEU B 50 -5.98 0.16 25.14
CA LEU B 50 -6.80 -0.75 24.35
C LEU B 50 -7.40 -1.86 25.21
N ASP B 51 -6.58 -2.45 26.09
CA ASP B 51 -7.07 -3.52 26.95
C ASP B 51 -8.14 -3.02 27.92
N GLU B 52 -7.94 -1.82 28.48
CA GLU B 52 -8.93 -1.28 29.42
C GLU B 52 -10.27 -1.04 28.75
N GLY B 53 -10.26 -0.53 27.52
CA GLY B 53 -11.49 -0.30 26.79
C GLY B 53 -11.74 1.14 26.42
N ARG B 54 -10.73 1.99 26.56
CA ARG B 54 -10.84 3.40 26.24
C ARG B 54 -10.41 3.75 24.83
N LEU B 55 -9.98 2.76 24.04
CA LEU B 55 -9.46 3.00 22.70
C LEU B 55 -10.10 2.00 21.74
N VAL B 56 -10.71 2.51 20.67
CA VAL B 56 -11.35 1.67 19.67
C VAL B 56 -10.94 2.15 18.28
N ARG B 57 -11.26 1.34 17.28
CA ARG B 57 -10.93 1.62 15.88
C ARG B 57 -12.17 2.01 15.10
N THR B 58 -11.98 2.88 14.11
CA THR B 58 -13.06 3.39 13.27
C THR B 58 -12.50 3.62 11.86
N ASP B 59 -13.22 4.40 11.07
CA ASP B 59 -12.86 4.70 9.69
C ASP B 59 -12.38 6.15 9.56
N ASP B 60 -11.54 6.37 8.54
CA ASP B 60 -10.95 7.68 8.29
C ASP B 60 -11.95 8.55 7.53
N PRO B 61 -12.31 9.73 8.04
CA PRO B 61 -13.27 10.60 7.34
C PRO B 61 -12.71 11.32 6.13
N TYR B 62 -11.50 10.98 5.66
CA TYR B 62 -10.91 11.63 4.50
C TYR B 62 -10.39 10.61 3.50
N VAL B 63 -11.01 9.43 3.44
CA VAL B 63 -10.60 8.41 2.49
C VAL B 63 -10.90 8.84 1.06
N HIS B 64 -11.95 9.63 0.86
CA HIS B 64 -12.31 10.09 -0.48
C HIS B 64 -11.33 11.11 -1.03
N LEU B 65 -10.49 11.70 -0.17
CA LEU B 65 -9.67 12.83 -0.58
C LEU B 65 -8.64 12.43 -1.64
N ASP B 66 -8.00 11.27 -1.47
CA ASP B 66 -6.93 10.88 -2.37
C ASP B 66 -7.43 10.58 -3.78
N LEU B 67 -8.71 10.24 -3.94
CA LEU B 67 -9.29 9.97 -5.26
C LEU B 67 -9.94 11.22 -5.82
N GLU B 68 -9.13 12.27 -5.97
CA GLU B 68 -9.59 13.54 -6.50
C GLU B 68 -8.60 14.03 -7.54
N GLU B 69 -9.09 14.83 -8.48
CA GLU B 69 -8.26 15.33 -9.58
C GLU B 69 -8.85 16.63 -10.10
N PRO B 70 -8.44 17.77 -9.53
CA PRO B 70 -8.82 19.05 -10.11
C PRO B 70 -8.16 19.25 -11.47
N SER B 71 -8.87 19.93 -12.36
CA SER B 71 -8.32 20.21 -13.68
C SER B 71 -7.27 21.30 -13.60
N VAL B 72 -6.35 21.29 -14.57
CA VAL B 72 -5.35 22.34 -14.63
C VAL B 72 -6.04 23.68 -14.94
N ASP B 73 -5.33 24.77 -14.64
CA ASP B 73 -5.77 26.15 -14.79
C ASP B 73 -6.86 26.54 -13.80
N SER B 74 -7.35 25.62 -12.97
CA SER B 74 -8.26 25.96 -11.90
C SER B 74 -7.46 26.38 -10.67
N VAL B 75 -8.04 27.29 -9.88
CA VAL B 75 -7.31 27.86 -8.75
C VAL B 75 -6.89 26.78 -7.76
N SER B 76 -7.65 25.69 -7.68
CA SER B 76 -7.27 24.58 -6.80
C SER B 76 -5.92 24.00 -7.20
N PHE B 77 -5.70 23.81 -8.50
CA PHE B 77 -4.47 23.17 -8.97
C PHE B 77 -3.24 24.01 -8.61
N GLN B 78 -3.25 25.30 -8.98
CA GLN B 78 -2.09 26.13 -8.69
C GLN B 78 -1.94 26.43 -7.21
N LYS B 79 -3.05 26.55 -6.46
CA LYS B 79 -2.90 26.76 -5.03
C LYS B 79 -2.28 25.54 -4.35
N ARG B 80 -2.72 24.34 -4.72
CA ARG B 80 -2.10 23.14 -4.16
C ARG B 80 -0.62 23.06 -4.53
N GLU B 81 -0.29 23.35 -5.79
CA GLU B 81 1.10 23.24 -6.21
C GLU B 81 1.98 24.30 -5.53
N GLU B 82 1.44 25.49 -5.30
CA GLU B 82 2.21 26.55 -4.68
C GLU B 82 2.38 26.33 -3.18
N ASP B 83 1.36 25.79 -2.52
CA ASP B 83 1.45 25.56 -1.09
C ASP B 83 2.30 24.34 -0.76
N TYR B 84 2.25 23.30 -1.59
CA TYR B 84 3.09 22.13 -1.34
C TYR B 84 4.56 22.45 -1.48
N ARG B 85 4.91 23.44 -2.29
CA ARG B 85 6.30 23.85 -2.48
C ARG B 85 6.82 24.69 -1.32
N LYS B 86 5.94 25.21 -0.46
CA LYS B 86 6.37 26.06 0.64
C LYS B 86 6.87 25.23 1.83
N ILE B 87 6.12 24.19 2.20
CA ILE B 87 6.40 23.45 3.43
C ILE B 87 7.25 22.22 3.14
N LEU B 88 7.81 22.15 1.94
CA LEU B 88 8.62 20.99 1.56
C LEU B 88 9.87 20.83 2.42
N PRO B 89 10.67 21.86 2.69
CA PRO B 89 11.87 21.66 3.52
C PRO B 89 11.59 21.21 4.94
N ILE B 90 10.38 21.42 5.46
CA ILE B 90 10.09 21.04 6.85
C ILE B 90 9.67 19.58 6.93
N ILE B 91 8.82 19.12 6.02
CA ILE B 91 8.36 17.74 6.04
C ILE B 91 9.40 16.76 5.51
N ASN B 92 10.44 17.24 4.86
CA ASN B 92 11.55 16.42 4.42
C ASN B 92 12.61 16.24 5.51
N SER B 93 12.43 16.87 6.67
CA SER B 93 13.36 16.79 7.76
C SER B 93 12.97 15.68 8.73
N LYS B 94 13.98 15.09 9.37
CA LYS B 94 13.76 14.07 10.39
C LYS B 94 13.63 14.66 11.79
N ASP B 95 13.76 15.97 11.93
CA ASP B 95 13.56 16.68 13.19
C ASP B 95 12.34 17.58 13.12
N ARG B 96 11.29 17.14 12.43
CA ARG B 96 10.11 17.95 12.23
C ARG B 96 9.11 17.87 13.38
N PHE B 97 9.32 16.98 14.34
CA PHE B 97 8.44 16.85 15.49
C PHE B 97 9.06 17.42 16.76
N ASP B 98 10.14 18.19 16.64
CA ASP B 98 10.83 18.82 17.75
C ASP B 98 10.60 20.33 17.72
N PRO B 99 10.11 20.94 18.80
CA PRO B 99 9.71 22.35 18.73
C PRO B 99 10.79 23.33 18.30
N LYS B 100 12.04 23.17 18.77
CA LYS B 100 13.05 24.18 18.50
C LYS B 100 13.55 24.11 17.05
N VAL B 101 13.81 22.89 16.56
CA VAL B 101 14.19 22.74 15.17
C VAL B 101 13.04 23.13 14.26
N ARG B 102 11.81 22.84 14.68
CA ARG B 102 10.64 23.27 13.91
C ARG B 102 10.56 24.78 13.83
N SER B 103 10.87 25.47 14.93
CA SER B 103 10.88 26.94 14.91
C SER B 103 11.95 27.46 13.96
N GLU B 104 13.14 26.86 13.98
CA GLU B 104 14.19 27.30 13.06
C GLU B 104 13.78 27.10 11.61
N LEU B 105 13.17 25.95 11.29
CA LEU B 105 12.72 25.71 9.93
C LEU B 105 11.62 26.68 9.52
N VAL B 106 10.69 26.98 10.43
CA VAL B 106 9.63 27.93 10.13
C VAL B 106 10.21 29.31 9.84
N GLU B 107 11.21 29.73 10.63
CA GLU B 107 11.85 31.01 10.38
C GLU B 107 12.53 31.05 9.02
N HIS B 108 13.18 29.93 8.65
CA HIS B 108 13.80 29.88 7.32
C HIS B 108 12.76 30.01 6.21
N VAL B 109 11.64 29.29 6.34
CA VAL B 109 10.58 29.37 5.34
C VAL B 109 10.03 30.79 5.26
N VAL B 110 9.84 31.44 6.41
CA VAL B 110 9.30 32.80 6.43
C VAL B 110 10.26 33.76 5.72
N GLN B 111 11.56 33.64 6.01
CA GLN B 111 12.53 34.52 5.37
C GLN B 111 12.60 34.28 3.88
N GLU B 112 12.48 33.02 3.44
CA GLU B 112 12.64 32.72 2.02
C GLU B 112 11.41 33.11 1.20
N HIS B 113 10.23 32.61 1.57
CA HIS B 113 9.06 32.70 0.70
C HIS B 113 8.21 33.95 0.94
N LYS B 114 8.61 34.83 1.87
CA LYS B 114 7.87 36.06 2.16
C LYS B 114 6.42 35.77 2.56
N VAL B 115 6.29 35.04 3.68
CA VAL B 115 4.99 34.65 4.20
C VAL B 115 5.05 34.70 5.72
N THR B 116 3.90 34.94 6.35
CA THR B 116 3.85 35.03 7.80
C THR B 116 3.91 33.65 8.44
N LYS B 117 4.12 33.64 9.76
CA LYS B 117 4.33 32.41 10.52
C LYS B 117 3.03 31.65 10.75
N ALA B 118 1.92 32.38 10.97
CA ALA B 118 0.63 31.74 11.19
C ALA B 118 0.18 30.95 9.96
N THR B 119 0.49 31.46 8.77
CA THR B 119 0.15 30.74 7.55
C THR B 119 0.90 29.42 7.46
N VAL B 120 2.18 29.42 7.84
CA VAL B 120 2.97 28.18 7.83
C VAL B 120 2.41 27.18 8.82
N TYR B 121 2.05 27.65 10.02
CA TYR B 121 1.47 26.73 11.00
C TYR B 121 0.15 26.14 10.53
N LYS B 122 -0.70 26.97 9.90
CA LYS B 122 -1.95 26.47 9.36
C LYS B 122 -1.72 25.44 8.26
N LEU B 123 -0.77 25.69 7.37
CA LEU B 123 -0.49 24.74 6.29
C LEU B 123 0.01 23.40 6.84
N LEU B 124 0.90 23.46 7.83
CA LEU B 124 1.40 22.22 8.44
C LEU B 124 0.27 21.45 9.13
N ARG B 125 -0.61 22.16 9.83
CA ARG B 125 -1.74 21.51 10.49
C ARG B 125 -2.66 20.84 9.47
N ARG B 126 -2.94 21.51 8.35
CA ARG B 126 -3.79 20.91 7.32
C ARG B 126 -3.13 19.67 6.72
N TYR B 127 -1.82 19.73 6.49
CA TYR B 127 -1.12 18.56 5.96
C TYR B 127 -1.19 17.38 6.92
N TRP B 128 -1.01 17.63 8.22
CA TRP B 128 -0.97 16.51 9.15
C TRP B 128 -2.37 15.95 9.45
N GLN B 129 -3.38 16.81 9.48
CA GLN B 129 -4.70 16.36 9.94
C GLN B 129 -5.48 15.56 8.89
N ARG B 130 -5.16 15.69 7.60
CA ARG B 130 -6.02 15.14 6.56
C ARG B 130 -5.43 13.94 5.84
N GLY B 131 -4.25 13.47 6.23
CA GLY B 131 -3.78 12.20 5.73
C GLY B 131 -2.42 12.18 5.07
N GLN B 132 -1.66 13.27 5.18
CA GLN B 132 -0.27 13.33 4.70
C GLN B 132 -0.19 13.04 3.20
N THR B 133 -0.96 13.78 2.42
CA THR B 133 -0.98 13.68 0.97
C THR B 133 -1.06 15.08 0.38
N PRO B 134 -0.61 15.26 -0.86
CA PRO B 134 -0.74 16.59 -1.50
C PRO B 134 -2.18 17.08 -1.61
N ASN B 135 -3.14 16.18 -1.80
CA ASN B 135 -4.54 16.58 -1.86
C ASN B 135 -5.06 17.14 -0.55
N ALA B 136 -4.31 16.99 0.54
CA ALA B 136 -4.65 17.64 1.80
C ALA B 136 -4.42 19.15 1.74
N LEU B 137 -3.77 19.66 0.69
CA LEU B 137 -3.50 21.09 0.58
C LEU B 137 -4.39 21.77 -0.47
N ILE B 138 -5.55 21.19 -0.76
CA ILE B 138 -6.54 21.81 -1.63
C ILE B 138 -7.45 22.71 -0.80
N PRO B 139 -7.65 23.97 -1.18
CA PRO B 139 -8.49 24.86 -0.38
C PRO B 139 -9.96 24.45 -0.42
N ASP B 140 -10.76 25.15 0.41
CA ASP B 140 -12.17 24.84 0.58
C ASP B 140 -13.07 25.83 -0.16
N TYR B 141 -12.66 26.31 -1.33
CA TYR B 141 -13.44 27.26 -2.09
C TYR B 141 -14.75 26.69 -2.62
N LYS B 142 -14.92 25.37 -2.59
CA LYS B 142 -16.18 24.77 -3.02
C LYS B 142 -17.33 25.03 -2.05
N ASN B 143 -17.03 25.53 -0.85
CA ASN B 143 -18.07 25.84 0.13
C ASN B 143 -18.56 27.28 0.03
N SER B 144 -17.79 28.16 -0.61
CA SER B 144 -18.14 29.57 -0.64
C SER B 144 -19.25 29.83 -1.65
N GLY B 145 -20.18 30.71 -1.28
CA GLY B 145 -21.33 31.03 -2.08
C GLY B 145 -22.60 30.29 -1.69
N ALA B 146 -22.51 29.34 -0.76
CA ALA B 146 -23.63 28.52 -0.30
C ALA B 146 -24.34 27.87 -1.48
N PRO B 147 -23.74 26.88 -2.13
CA PRO B 147 -24.37 26.27 -3.31
C PRO B 147 -25.57 25.42 -2.92
N GLY B 148 -26.68 25.65 -3.61
CA GLY B 148 -27.88 24.85 -3.41
C GLY B 148 -28.89 25.39 -2.43
N GLU B 149 -28.79 26.66 -2.03
CA GLU B 149 -29.69 27.24 -1.06
C GLU B 149 -30.35 28.50 -1.61
N ARG B 150 -31.49 28.85 -1.03
CA ARG B 150 -32.37 29.89 -1.56
C ARG B 150 -32.04 31.24 -0.93
N ARG B 151 -32.35 32.30 -1.68
CA ARG B 151 -32.06 33.67 -1.26
C ARG B 151 -33.32 34.54 -1.26
N SER B 152 -34.48 33.92 -1.10
CA SER B 152 -35.74 34.66 -1.15
C SER B 152 -36.19 35.17 0.21
N ALA B 153 -35.87 34.45 1.28
CA ALA B 153 -36.34 34.85 2.61
C ALA B 153 -35.76 36.19 3.04
N THR B 154 -34.49 36.43 2.78
CA THR B 154 -33.80 37.63 3.25
C THR B 154 -33.72 38.67 2.13
N GLY B 155 -33.29 39.87 2.52
CA GLY B 155 -33.06 40.94 1.58
C GLY B 155 -34.33 41.68 1.20
N THR B 156 -34.13 42.80 0.51
CA THR B 156 -35.25 43.63 0.08
C THR B 156 -35.08 44.02 -1.39
N ALA B 157 -33.83 44.07 -1.87
CA ALA B 157 -33.55 44.54 -3.21
C ALA B 157 -33.79 43.43 -4.24
N LYS B 158 -33.68 43.80 -5.51
CA LYS B 158 -33.89 42.89 -6.63
C LYS B 158 -32.55 42.40 -7.14
N ILE B 159 -32.44 41.09 -7.35
CA ILE B 159 -31.20 40.44 -7.75
C ILE B 159 -31.26 40.17 -9.25
N GLY B 160 -30.25 40.63 -9.99
CA GLY B 160 -30.14 40.35 -11.41
C GLY B 160 -29.88 41.62 -12.18
N ARG B 161 -30.08 41.53 -13.50
CA ARG B 161 -29.84 42.66 -14.37
C ARG B 161 -30.94 43.72 -14.23
N ALA B 162 -30.66 44.89 -14.79
CA ALA B 162 -31.60 45.99 -14.83
C ALA B 162 -32.37 45.96 -16.15
N ARG B 163 -33.67 46.25 -16.07
CA ARG B 163 -34.51 46.30 -17.25
C ARG B 163 -34.04 47.40 -18.19
N GLU B 164 -33.93 47.09 -19.47
CA GLU B 164 -33.48 48.05 -20.47
C GLU B 164 -34.59 49.04 -20.81
N GLY B 168 -40.02 49.62 -15.94
CA GLY B 168 -38.73 50.17 -15.58
C GLY B 168 -38.03 49.37 -14.50
N GLU B 169 -38.78 49.02 -13.45
CA GLU B 169 -38.26 48.23 -12.35
C GLU B 169 -39.35 47.30 -11.85
N GLY B 170 -38.98 46.06 -11.58
CA GLY B 170 -39.90 45.05 -11.09
C GLY B 170 -39.87 44.94 -9.58
N THR B 171 -40.21 43.75 -9.09
CA THR B 171 -40.22 43.45 -7.67
C THR B 171 -39.29 42.28 -7.37
N LYS B 172 -39.27 41.87 -6.10
CA LYS B 172 -38.50 40.73 -5.65
C LYS B 172 -39.46 39.61 -5.26
N VAL B 173 -39.06 38.37 -5.54
CA VAL B 173 -39.91 37.22 -5.23
C VAL B 173 -39.84 36.97 -3.72
N THR B 174 -40.99 37.02 -3.07
CA THR B 174 -41.16 36.79 -1.65
C THR B 174 -41.83 35.44 -1.40
N PRO B 175 -41.77 34.91 -0.18
CA PRO B 175 -42.39 33.59 0.08
C PRO B 175 -43.89 33.53 -0.22
N GLU B 176 -44.63 34.63 -0.08
CA GLU B 176 -46.05 34.57 -0.42
C GLU B 176 -46.25 34.47 -1.93
N ILE B 177 -45.40 35.14 -2.71
CA ILE B 177 -45.42 34.97 -4.15
C ILE B 177 -45.04 33.53 -4.51
N GLU B 178 -44.12 32.94 -3.74
CA GLU B 178 -43.77 31.54 -3.95
C GLU B 178 -44.97 30.64 -3.69
N ARG B 179 -45.73 30.94 -2.64
CA ARG B 179 -46.94 30.16 -2.35
C ARG B 179 -47.95 30.27 -3.49
N LEU B 180 -48.15 31.48 -4.02
CA LEU B 180 -49.05 31.64 -5.16
C LEU B 180 -48.55 30.85 -6.38
N PHE B 181 -47.24 30.91 -6.65
CA PHE B 181 -46.66 30.16 -7.75
C PHE B 181 -46.92 28.67 -7.58
N ARG B 182 -46.69 28.14 -6.38
CA ARG B 182 -46.88 26.72 -6.12
C ARG B 182 -48.34 26.32 -6.27
N LEU B 183 -49.26 27.17 -5.80
CA LEU B 183 -50.69 26.90 -5.96
C LEU B 183 -51.06 26.80 -7.43
N THR B 184 -50.62 27.77 -8.24
CA THR B 184 -50.93 27.74 -9.67
C THR B 184 -50.32 26.51 -10.35
N ILE B 185 -49.06 26.18 -10.03
CA ILE B 185 -48.41 25.04 -10.64
C ILE B 185 -49.14 23.75 -10.30
N GLU B 186 -49.51 23.58 -9.02
CA GLU B 186 -50.24 22.38 -8.62
C GLU B 186 -51.60 22.31 -9.29
N LYS B 187 -52.25 23.45 -9.48
CA LYS B 187 -53.57 23.45 -10.09
C LYS B 187 -53.53 23.10 -11.57
N HIS B 188 -52.63 23.73 -12.33
CA HIS B 188 -52.73 23.71 -13.78
C HIS B 188 -51.59 22.97 -14.49
N LEU B 189 -50.61 22.44 -13.79
CA LEU B 189 -49.51 21.86 -14.57
C LEU B 189 -49.17 20.43 -14.19
N LEU B 190 -49.24 20.07 -12.91
CA LEU B 190 -48.77 18.77 -12.47
C LEU B 190 -49.77 17.67 -12.79
N ASN B 191 -49.25 16.51 -13.19
CA ASN B 191 -50.03 15.32 -13.53
C ASN B 191 -50.94 15.55 -14.74
N GLN B 192 -50.48 16.35 -15.69
CA GLN B 192 -51.16 16.51 -16.98
C GLN B 192 -50.11 16.55 -18.07
N LYS B 193 -50.58 16.60 -19.32
CA LYS B 193 -49.69 16.67 -20.47
C LYS B 193 -50.33 17.55 -21.54
N GLY B 194 -49.48 18.14 -22.37
CA GLY B 194 -49.93 18.99 -23.45
C GLY B 194 -50.26 20.42 -23.06
N THR B 195 -50.06 20.78 -21.80
CA THR B 195 -50.32 22.13 -21.32
C THR B 195 -49.03 22.94 -21.26
N LYS B 196 -49.15 24.24 -21.51
CA LYS B 196 -48.01 25.12 -21.66
C LYS B 196 -47.89 26.07 -20.48
N THR B 197 -46.67 26.50 -20.18
CA THR B 197 -46.43 27.39 -19.05
C THR B 197 -46.98 28.80 -19.29
N THR B 198 -47.18 29.19 -20.55
CA THR B 198 -47.70 30.53 -20.84
C THR B 198 -49.14 30.68 -20.35
N VAL B 199 -49.98 29.67 -20.58
CA VAL B 199 -51.36 29.77 -20.10
C VAL B 199 -51.42 29.70 -18.58
N ALA B 200 -50.51 28.96 -17.95
CA ALA B 200 -50.45 28.95 -16.50
C ALA B 200 -50.02 30.31 -15.95
N TYR B 201 -49.11 30.99 -16.64
CA TYR B 201 -48.76 32.35 -16.24
C TYR B 201 -49.96 33.28 -16.38
N ARG B 202 -50.72 33.13 -17.48
CA ARG B 202 -51.93 33.93 -17.65
C ARG B 202 -52.92 33.68 -16.52
N ARG B 203 -53.03 32.42 -16.08
CA ARG B 203 -53.92 32.10 -14.97
C ARG B 203 -53.42 32.66 -13.63
N PHE B 204 -52.11 32.68 -13.42
CA PHE B 204 -51.57 33.28 -12.20
C PHE B 204 -51.76 34.79 -12.16
N VAL B 205 -51.70 35.44 -13.32
CA VAL B 205 -51.83 36.90 -13.35
C VAL B 205 -53.18 37.34 -12.79
N ASP B 206 -54.25 36.61 -13.13
CA ASP B 206 -55.57 36.96 -12.61
C ASP B 206 -55.65 36.83 -11.09
N LEU B 207 -55.07 35.76 -10.53
CA LEU B 207 -55.08 35.60 -9.09
C LEU B 207 -54.30 36.71 -8.40
N PHE B 208 -53.12 37.05 -8.94
CA PHE B 208 -52.34 38.16 -8.40
C PHE B 208 -53.11 39.46 -8.49
N ALA B 209 -53.90 39.64 -9.54
CA ALA B 209 -54.68 40.86 -9.69
C ALA B 209 -55.71 40.99 -8.57
N GLN B 210 -56.38 39.89 -8.21
CA GLN B 210 -57.45 39.99 -7.21
C GLN B 210 -56.89 40.08 -5.80
N TYR B 211 -55.76 39.40 -5.54
CA TYR B 211 -55.16 39.54 -4.20
C TYR B 211 -54.55 40.93 -3.99
N PHE B 212 -53.88 41.48 -5.00
CA PHE B 212 -53.15 42.75 -4.87
C PHE B 212 -53.68 43.75 -5.89
N PRO B 213 -54.84 44.36 -5.61
CA PRO B 213 -55.39 45.32 -6.58
C PRO B 213 -54.64 46.64 -6.63
N ARG B 214 -53.92 46.99 -5.56
CA ARG B 214 -53.24 48.28 -5.51
C ARG B 214 -52.07 48.34 -6.48
N ILE B 215 -51.32 47.26 -6.60
CA ILE B 215 -50.08 47.23 -7.38
C ILE B 215 -50.42 47.39 -8.86
N PRO B 216 -49.71 48.26 -9.58
CA PRO B 216 -49.97 48.44 -11.02
C PRO B 216 -49.47 47.24 -11.82
N GLN B 217 -49.77 47.27 -13.12
CA GLN B 217 -49.43 46.14 -13.99
C GLN B 217 -47.92 46.01 -14.16
N GLU B 218 -47.22 47.13 -14.28
CA GLU B 218 -45.78 47.13 -14.55
C GLU B 218 -44.94 46.65 -13.36
N ASP B 219 -45.53 46.19 -12.25
CA ASP B 219 -44.77 45.71 -11.12
C ASP B 219 -45.13 44.27 -10.76
N TYR B 220 -45.69 43.53 -11.72
CA TYR B 220 -46.01 42.14 -11.52
C TYR B 220 -44.75 41.27 -11.70
N PRO B 221 -44.69 40.12 -11.04
CA PRO B 221 -43.64 39.14 -11.38
C PRO B 221 -43.75 38.71 -12.83
N THR B 222 -42.60 38.54 -13.48
CA THR B 222 -42.57 38.27 -14.91
C THR B 222 -42.59 36.77 -15.18
N LEU B 223 -42.60 36.41 -16.46
CA LEU B 223 -42.67 35.00 -16.84
C LEU B 223 -41.34 34.29 -16.64
N ARG B 224 -40.22 35.01 -16.73
CA ARG B 224 -38.93 34.40 -16.43
C ARG B 224 -38.85 33.96 -14.97
N GLN B 225 -39.36 34.78 -14.05
CA GLN B 225 -39.32 34.40 -12.64
C GLN B 225 -40.19 33.18 -12.36
N PHE B 226 -41.39 33.15 -12.95
CA PHE B 226 -42.28 31.99 -12.80
C PHE B 226 -41.65 30.73 -13.38
N ARG B 227 -41.07 30.84 -14.58
CA ARG B 227 -40.44 29.69 -15.21
C ARG B 227 -39.23 29.19 -14.43
N TYR B 228 -38.42 30.12 -13.90
CA TYR B 228 -37.27 29.73 -13.10
C TYR B 228 -37.70 29.02 -11.82
N PHE B 229 -38.74 29.52 -11.16
CA PHE B 229 -39.31 28.84 -10.01
C PHE B 229 -39.72 27.41 -10.36
N TYR B 230 -40.52 27.27 -11.43
CA TYR B 230 -41.04 25.96 -11.83
C TYR B 230 -39.91 25.00 -12.17
N ASP B 231 -38.90 25.47 -12.91
CA ASP B 231 -37.78 24.61 -13.27
C ASP B 231 -36.93 24.26 -12.04
N ARG B 232 -36.77 25.21 -11.11
CA ARG B 232 -35.89 24.96 -9.97
C ARG B 232 -36.45 23.89 -9.05
N GLU B 233 -37.72 23.98 -8.68
CA GLU B 233 -38.24 22.96 -7.76
C GLU B 233 -39.43 22.20 -8.33
N TYR B 234 -39.35 21.86 -9.63
CA TYR B 234 -40.16 20.79 -10.21
C TYR B 234 -39.40 20.21 -11.39
N PRO B 235 -38.28 19.53 -11.13
CA PRO B 235 -37.37 19.12 -12.21
C PRO B 235 -38.02 18.10 -13.14
N LYS B 236 -37.79 18.28 -14.43
CA LYS B 236 -38.28 17.34 -15.45
C LYS B 236 -37.23 16.32 -15.86
N ALA B 237 -36.05 16.35 -15.26
CA ALA B 237 -34.99 15.39 -15.60
C ALA B 237 -35.11 14.13 -14.75
N ALA B 264 -9.11 19.86 -51.46
CA ALA B 264 -9.18 19.75 -52.91
C ALA B 264 -9.27 18.29 -53.34
N LEU B 265 -8.49 17.94 -54.36
CA LEU B 265 -8.49 16.58 -54.87
C LEU B 265 -7.80 15.63 -53.89
N GLY B 266 -8.09 14.34 -54.06
CA GLY B 266 -7.50 13.32 -53.24
C GLY B 266 -7.86 11.94 -53.75
N PRO B 267 -7.45 10.90 -53.02
CA PRO B 267 -7.79 9.53 -53.43
C PRO B 267 -9.30 9.32 -53.46
N GLY B 268 -9.76 8.59 -54.48
CA GLY B 268 -11.17 8.27 -54.59
C GLY B 268 -12.07 9.48 -54.79
N SER B 269 -11.70 10.38 -55.68
CA SER B 269 -12.52 11.55 -55.98
C SER B 269 -12.99 11.60 -57.42
N ARG B 270 -12.15 11.22 -58.37
CA ARG B 270 -12.53 11.09 -59.77
C ARG B 270 -11.89 9.83 -60.33
N TYR B 271 -12.62 9.11 -61.17
CA TYR B 271 -12.16 7.88 -61.79
C TYR B 271 -12.32 7.97 -63.30
N GLU B 272 -11.39 7.35 -64.03
CA GLU B 272 -11.35 7.41 -65.48
C GLU B 272 -11.27 6.00 -66.06
N ILE B 273 -11.67 5.88 -67.32
CA ILE B 273 -11.70 4.60 -68.03
C ILE B 273 -10.77 4.66 -69.23
N ASP B 274 -10.02 3.59 -69.47
CA ASP B 274 -9.21 3.46 -70.67
C ASP B 274 -9.25 2.01 -71.16
N ALA B 275 -8.92 1.82 -72.43
CA ALA B 275 -9.02 0.51 -73.05
C ALA B 275 -7.94 0.34 -74.10
N THR B 276 -7.65 -0.92 -74.42
CA THR B 276 -6.64 -1.26 -75.42
C THR B 276 -6.93 -2.65 -75.98
N ILE B 277 -6.28 -2.96 -77.11
CA ILE B 277 -6.43 -4.24 -77.78
C ILE B 277 -5.04 -4.81 -78.05
N ALA B 278 -4.85 -6.09 -77.73
CA ALA B 278 -3.62 -6.82 -78.05
C ALA B 278 -3.86 -7.73 -79.25
N ASP B 279 -2.83 -7.86 -80.09
CA ASP B 279 -2.98 -8.55 -81.37
C ASP B 279 -2.83 -10.06 -81.28
N ILE B 280 -2.36 -10.60 -80.15
CA ILE B 280 -2.17 -12.03 -80.04
C ILE B 280 -3.54 -12.73 -79.93
N TYR B 281 -3.58 -13.98 -80.39
CA TYR B 281 -4.78 -14.80 -80.30
C TYR B 281 -4.62 -15.80 -79.16
N LEU B 282 -5.61 -15.86 -78.28
CA LEU B 282 -5.55 -16.72 -77.10
C LEU B 282 -6.38 -17.98 -77.32
N VAL B 283 -6.10 -18.98 -76.48
CA VAL B 283 -6.72 -20.29 -76.59
C VAL B 283 -7.22 -20.73 -75.23
N ASP B 284 -8.10 -21.72 -75.24
CA ASP B 284 -8.63 -22.28 -74.00
C ASP B 284 -7.53 -22.98 -73.21
N HIS B 285 -7.67 -22.95 -71.89
CA HIS B 285 -6.64 -23.53 -71.03
C HIS B 285 -6.65 -25.05 -71.07
N HIS B 286 -7.85 -25.66 -71.07
CA HIS B 286 -7.94 -27.11 -71.09
C HIS B 286 -7.82 -27.65 -72.52
N ASP B 287 -8.74 -27.26 -73.40
CA ASP B 287 -8.74 -27.70 -74.78
C ASP B 287 -7.92 -26.70 -75.60
N ARG B 288 -6.64 -27.01 -75.81
CA ARG B 288 -5.76 -26.11 -76.53
C ARG B 288 -6.11 -25.96 -78.00
N GLN B 289 -6.99 -26.81 -78.53
CA GLN B 289 -7.38 -26.69 -79.94
C GLN B 289 -8.27 -25.47 -80.16
N LYS B 290 -9.13 -25.15 -79.20
CA LYS B 290 -10.05 -24.04 -79.36
C LYS B 290 -9.33 -22.71 -79.35
N ILE B 291 -9.76 -21.81 -80.22
CA ILE B 291 -9.21 -20.45 -80.32
C ILE B 291 -10.31 -19.48 -79.92
N ILE B 292 -10.03 -18.64 -78.93
CA ILE B 292 -11.03 -17.72 -78.39
C ILE B 292 -11.04 -16.40 -79.15
N GLY B 293 -9.87 -15.83 -79.42
CA GLY B 293 -9.77 -14.61 -80.18
C GLY B 293 -8.74 -13.68 -79.59
N ARG B 294 -8.85 -12.41 -79.95
CA ARG B 294 -8.08 -11.24 -79.55
C ARG B 294 -8.66 -10.63 -78.27
N PRO B 295 -7.84 -10.45 -77.24
CA PRO B 295 -8.35 -9.87 -75.99
C PRO B 295 -8.40 -8.36 -76.02
N THR B 296 -9.39 -7.82 -75.31
CA THR B 296 -9.50 -6.39 -75.04
C THR B 296 -9.27 -6.17 -73.55
N LEU B 297 -8.63 -5.07 -73.20
CA LEU B 297 -8.33 -4.75 -71.81
C LEU B 297 -8.94 -3.41 -71.45
N TYR B 298 -9.68 -3.38 -70.34
CA TYR B 298 -10.20 -2.17 -69.74
C TYR B 298 -9.47 -1.91 -68.43
N ILE B 299 -9.24 -0.64 -68.12
CA ILE B 299 -8.62 -0.24 -66.86
C ILE B 299 -9.32 1.01 -66.33
N VAL B 300 -9.36 1.12 -65.00
CA VAL B 300 -9.92 2.25 -64.30
C VAL B 300 -8.80 2.94 -63.53
N ILE B 301 -8.69 4.25 -63.70
CA ILE B 301 -7.56 5.03 -63.18
C ILE B 301 -8.07 6.05 -62.17
N ASP B 302 -7.35 6.16 -61.05
CA ASP B 302 -7.55 7.26 -60.11
C ASP B 302 -6.90 8.52 -60.66
N VAL B 303 -7.68 9.60 -60.74
CA VAL B 303 -7.17 10.83 -61.35
C VAL B 303 -6.08 11.46 -60.47
N PHE B 304 -6.22 11.37 -59.16
CA PHE B 304 -5.31 12.09 -58.27
C PHE B 304 -3.92 11.46 -58.25
N SER B 305 -3.82 10.21 -57.82
CA SER B 305 -2.53 9.55 -57.66
C SER B 305 -2.15 8.66 -58.84
N ARG B 306 -2.94 8.66 -59.91
CA ARG B 306 -2.65 7.90 -61.13
C ARG B 306 -2.45 6.42 -60.82
N MET B 307 -3.38 5.85 -60.06
CA MET B 307 -3.31 4.46 -59.63
C MET B 307 -4.41 3.66 -60.32
N ILE B 308 -4.07 2.42 -60.68
CA ILE B 308 -5.03 1.53 -61.34
C ILE B 308 -5.88 0.85 -60.27
N THR B 309 -7.19 1.05 -60.34
CA THR B 309 -8.09 0.50 -59.33
C THR B 309 -8.81 -0.76 -59.76
N GLY B 310 -9.06 -0.94 -61.06
CA GLY B 310 -9.72 -2.15 -61.52
C GLY B 310 -9.52 -2.37 -63.00
N PHE B 311 -9.98 -3.52 -63.47
CA PHE B 311 -9.76 -3.93 -64.85
C PHE B 311 -10.82 -4.94 -65.26
N TYR B 312 -10.84 -5.25 -66.56
CA TYR B 312 -11.76 -6.23 -67.11
C TYR B 312 -11.22 -6.68 -68.47
N ILE B 313 -11.35 -7.98 -68.74
CA ILE B 313 -10.87 -8.57 -69.99
C ILE B 313 -12.07 -8.92 -70.85
N GLY B 314 -12.16 -8.31 -72.04
CA GLY B 314 -13.20 -8.58 -72.99
C GLY B 314 -12.67 -9.29 -74.23
N PHE B 315 -13.60 -9.59 -75.14
CA PHE B 315 -13.24 -10.30 -76.37
C PHE B 315 -14.00 -9.75 -77.57
N GLU B 316 -14.29 -8.45 -77.58
CA GLU B 316 -15.03 -7.85 -78.68
C GLU B 316 -14.64 -6.37 -78.77
N ASN B 317 -15.40 -5.62 -79.56
CA ASN B 317 -15.12 -4.22 -79.76
C ASN B 317 -15.44 -3.44 -78.50
N PRO B 318 -14.57 -2.54 -78.03
CA PRO B 318 -14.82 -1.84 -76.76
C PRO B 318 -16.09 -0.99 -76.79
N SER B 319 -16.73 -0.91 -75.63
CA SER B 319 -17.92 -0.08 -75.45
C SER B 319 -18.06 0.23 -73.97
N TYR B 320 -18.92 1.21 -73.67
CA TYR B 320 -19.11 1.64 -72.28
C TYR B 320 -19.95 0.63 -71.49
N VAL B 321 -20.94 0.02 -72.14
CA VAL B 321 -21.80 -0.96 -71.48
C VAL B 321 -20.96 -2.09 -70.91
N VAL B 322 -19.91 -2.50 -71.63
CA VAL B 322 -19.04 -3.56 -71.14
C VAL B 322 -17.98 -3.03 -70.19
N ALA B 323 -17.62 -1.74 -70.27
CA ALA B 323 -16.70 -1.15 -69.31
C ALA B 323 -17.32 -0.97 -67.94
N MET B 324 -18.65 -0.99 -67.85
CA MET B 324 -19.31 -1.00 -66.55
C MET B 324 -18.86 -2.18 -65.69
N GLN B 325 -18.47 -3.30 -66.32
CA GLN B 325 -17.98 -4.43 -65.56
C GLN B 325 -16.62 -4.14 -64.92
N ALA B 326 -15.75 -3.43 -65.65
CA ALA B 326 -14.50 -2.96 -65.07
C ALA B 326 -14.76 -2.00 -63.92
N PHE B 327 -15.74 -1.12 -64.08
CA PHE B 327 -16.09 -0.21 -62.98
C PHE B 327 -16.59 -0.98 -61.76
N VAL B 328 -17.36 -2.05 -61.99
CA VAL B 328 -17.82 -2.89 -60.88
C VAL B 328 -16.63 -3.54 -60.18
N ASN B 329 -15.69 -4.07 -60.95
CA ASN B 329 -14.52 -4.73 -60.36
C ASN B 329 -13.62 -3.74 -59.62
N ALA B 330 -13.61 -2.47 -60.04
CA ALA B 330 -12.75 -1.47 -59.40
C ALA B 330 -13.17 -1.14 -57.97
N CYS B 331 -14.41 -1.42 -57.59
CA CYS B 331 -14.93 -1.01 -56.29
C CYS B 331 -14.97 -2.15 -55.27
N SER B 332 -14.41 -3.31 -55.59
CA SER B 332 -14.48 -4.49 -54.73
C SER B 332 -13.10 -4.79 -54.15
N ASP B 333 -13.04 -5.90 -53.41
CA ASP B 333 -11.80 -6.39 -52.84
C ASP B 333 -11.13 -7.36 -53.80
N LYS B 334 -9.84 -7.14 -54.07
CA LYS B 334 -9.12 -7.86 -55.11
C LYS B 334 -8.31 -9.04 -54.57
N THR B 335 -8.42 -9.36 -53.28
CA THR B 335 -7.65 -10.47 -52.73
C THR B 335 -8.07 -11.80 -53.33
N ALA B 336 -9.38 -12.03 -53.49
CA ALA B 336 -9.86 -13.32 -53.97
C ALA B 336 -9.44 -13.59 -55.40
N ILE B 337 -9.57 -12.60 -56.29
CA ILE B 337 -9.26 -12.82 -57.69
C ILE B 337 -7.76 -13.05 -57.88
N CYS B 338 -6.92 -12.35 -57.11
CA CYS B 338 -5.49 -12.59 -57.18
C CYS B 338 -5.12 -13.95 -56.61
N ALA B 339 -5.77 -14.36 -55.52
CA ALA B 339 -5.51 -15.67 -54.93
C ALA B 339 -5.89 -16.79 -55.89
N GLN B 340 -6.98 -16.61 -56.63
CA GLN B 340 -7.40 -17.63 -57.59
C GLN B 340 -6.36 -17.84 -58.67
N HIS B 341 -5.64 -16.78 -59.06
CA HIS B 341 -4.60 -16.88 -60.08
C HIS B 341 -3.23 -17.16 -59.49
N ASP B 342 -3.17 -17.77 -58.31
CA ASP B 342 -1.90 -18.15 -57.67
C ASP B 342 -1.00 -16.94 -57.43
N ILE B 343 -1.60 -15.83 -57.00
CA ILE B 343 -0.86 -14.65 -56.60
C ILE B 343 -1.31 -14.27 -55.19
N GLU B 344 -0.36 -14.11 -54.28
CA GLU B 344 -0.66 -13.79 -52.89
C GLU B 344 -0.34 -12.33 -52.63
N ILE B 345 -1.36 -11.56 -52.24
CA ILE B 345 -1.22 -10.16 -51.92
C ILE B 345 -1.95 -9.88 -50.61
N SER B 346 -1.80 -8.66 -50.10
CA SER B 346 -2.45 -8.23 -48.87
C SER B 346 -3.31 -7.00 -49.17
N SER B 347 -3.96 -6.50 -48.12
CA SER B 347 -4.81 -5.32 -48.29
C SER B 347 -4.00 -4.07 -48.60
N SER B 348 -2.72 -4.05 -48.23
CA SER B 348 -1.89 -2.87 -48.43
C SER B 348 -1.40 -2.73 -49.87
N ASP B 349 -1.52 -3.81 -50.63
CA ASP B 349 -1.01 -3.82 -51.99
C ASP B 349 -2.03 -3.28 -52.96
N TRP B 350 -3.31 -3.58 -52.74
CA TRP B 350 -4.34 -2.98 -53.58
C TRP B 350 -5.46 -2.41 -52.71
N PRO B 351 -5.22 -1.26 -52.05
CA PRO B 351 -6.20 -0.69 -51.11
C PRO B 351 -7.30 0.19 -51.72
N CYS B 352 -8.25 -0.36 -52.47
CA CYS B 352 -9.29 0.39 -53.18
C CYS B 352 -10.60 -0.39 -53.05
N VAL B 353 -11.36 -0.10 -51.99
CA VAL B 353 -12.65 -0.73 -51.74
C VAL B 353 -13.64 0.38 -51.44
N GLY B 354 -14.66 0.53 -52.28
CA GLY B 354 -15.67 1.55 -52.11
C GLY B 354 -15.85 2.39 -53.35
N LEU B 355 -16.91 3.20 -53.32
CA LEU B 355 -17.37 4.05 -54.42
C LEU B 355 -16.64 5.38 -54.42
N PRO B 356 -16.30 5.90 -55.60
CA PRO B 356 -15.75 7.25 -55.71
C PRO B 356 -16.87 8.28 -55.74
N ASP B 357 -16.46 9.56 -55.69
CA ASP B 357 -17.43 10.63 -55.77
C ASP B 357 -17.95 10.81 -57.20
N VAL B 358 -17.06 10.75 -58.18
CA VAL B 358 -17.40 11.03 -59.58
C VAL B 358 -16.86 9.92 -60.46
N LEU B 359 -17.69 9.45 -61.39
CA LEU B 359 -17.26 8.60 -62.49
C LEU B 359 -17.26 9.43 -63.75
N LEU B 360 -16.18 9.35 -64.52
CA LEU B 360 -15.92 10.28 -65.61
C LEU B 360 -15.99 9.50 -66.92
N ALA B 361 -17.15 9.52 -67.56
CA ALA B 361 -17.40 8.76 -68.78
C ALA B 361 -18.43 9.51 -69.61
N ASP B 362 -18.94 8.85 -70.65
CA ASP B 362 -19.90 9.45 -71.57
C ASP B 362 -21.31 9.03 -71.19
N ARG B 363 -22.15 10.01 -70.84
CA ARG B 363 -23.51 9.71 -70.44
C ARG B 363 -24.37 9.28 -71.62
N GLY B 364 -24.06 9.76 -72.82
CA GLY B 364 -24.90 9.48 -73.97
C GLY B 364 -24.89 8.02 -74.37
N GLU B 365 -23.73 7.38 -74.36
CA GLU B 365 -23.60 5.99 -74.81
C GLU B 365 -23.75 5.00 -73.66
N LEU B 366 -24.83 5.15 -72.89
CA LEU B 366 -25.15 4.23 -71.82
C LEU B 366 -26.65 3.96 -71.82
N MET B 367 -27.02 2.75 -71.41
CA MET B 367 -28.43 2.42 -71.26
C MET B 367 -29.01 3.19 -70.08
N SER B 368 -30.27 3.62 -70.22
CA SER B 368 -30.83 4.59 -69.29
C SER B 368 -30.92 4.04 -67.88
N HIS B 369 -31.20 2.75 -67.74
CA HIS B 369 -31.31 2.16 -66.41
C HIS B 369 -29.99 2.20 -65.66
N GLN B 370 -28.87 2.06 -66.38
CA GLN B 370 -27.56 2.14 -65.74
C GLN B 370 -27.30 3.52 -65.15
N VAL B 371 -27.56 4.57 -65.92
CA VAL B 371 -27.37 5.94 -65.44
C VAL B 371 -28.31 6.24 -64.28
N GLU B 372 -29.57 5.81 -64.39
CA GLU B 372 -30.53 6.04 -63.32
C GLU B 372 -30.09 5.37 -62.03
N ALA B 373 -29.64 4.11 -62.11
CA ALA B 373 -29.17 3.41 -60.92
C ALA B 373 -27.94 4.10 -60.33
N LEU B 374 -27.02 4.53 -61.18
CA LEU B 374 -25.80 5.16 -60.68
C LEU B 374 -26.10 6.48 -59.98
N VAL B 375 -27.05 7.25 -60.51
CA VAL B 375 -27.30 8.58 -59.96
C VAL B 375 -28.19 8.53 -58.73
N SER B 376 -29.25 7.71 -58.75
CA SER B 376 -30.24 7.77 -57.68
C SER B 376 -29.93 6.83 -56.52
N SER B 377 -29.59 5.57 -56.81
CA SER B 377 -29.46 4.58 -55.75
C SER B 377 -28.08 4.59 -55.09
N PHE B 378 -27.05 5.07 -55.80
CA PHE B 378 -25.70 5.05 -55.28
C PHE B 378 -25.08 6.43 -55.15
N ASN B 379 -25.67 7.46 -55.76
CA ASN B 379 -25.23 8.85 -55.63
C ASN B 379 -23.79 9.01 -56.13
N VAL B 380 -23.59 8.66 -57.40
CA VAL B 380 -22.32 8.86 -58.09
C VAL B 380 -22.62 9.69 -59.33
N ARG B 381 -21.93 10.82 -59.47
CA ARG B 381 -22.18 11.71 -60.59
C ARG B 381 -21.44 11.24 -61.85
N VAL B 382 -22.01 11.58 -63.00
CA VAL B 382 -21.45 11.21 -64.30
C VAL B 382 -21.29 12.48 -65.12
N GLU B 383 -20.05 12.91 -65.32
CA GLU B 383 -19.72 14.05 -66.17
C GLU B 383 -18.84 13.60 -67.32
N SER B 384 -18.71 14.47 -68.32
CA SER B 384 -18.03 14.14 -69.56
C SER B 384 -16.55 13.87 -69.34
N ALA B 385 -16.00 12.96 -70.16
CA ALA B 385 -14.63 12.47 -70.15
C ALA B 385 -13.68 13.46 -70.84
N PRO B 386 -12.44 13.52 -70.38
CA PRO B 386 -11.45 14.38 -71.03
C PRO B 386 -10.71 13.61 -72.12
N PRO B 387 -9.79 14.26 -72.84
CA PRO B 387 -9.00 13.52 -73.82
C PRO B 387 -8.20 12.39 -73.16
N ARG B 388 -8.06 11.29 -73.88
CA ARG B 388 -7.47 10.08 -73.35
C ARG B 388 -5.94 10.16 -73.37
N ARG B 389 -5.30 9.08 -72.92
CA ARG B 389 -3.85 8.96 -72.91
C ARG B 389 -3.50 7.53 -73.31
N GLY B 390 -2.24 7.16 -73.10
CA GLY B 390 -1.78 5.83 -73.48
C GLY B 390 -1.23 5.02 -72.33
N ASP B 391 -1.86 5.13 -71.16
CA ASP B 391 -1.38 4.39 -69.99
C ASP B 391 -1.75 2.91 -70.01
N ALA B 392 -2.70 2.51 -70.87
CA ALA B 392 -2.99 1.09 -71.04
C ALA B 392 -1.93 0.41 -71.90
N LYS B 393 -1.41 1.12 -72.91
CA LYS B 393 -0.35 0.57 -73.73
C LYS B 393 0.87 0.23 -72.90
N GLY B 394 1.27 1.15 -72.00
CA GLY B 394 2.40 0.88 -71.14
C GLY B 394 2.26 -0.41 -70.36
N ILE B 395 1.03 -0.76 -69.97
CA ILE B 395 0.79 -2.06 -69.36
C ILE B 395 0.93 -3.18 -70.39
N VAL B 396 0.41 -2.98 -71.59
CA VAL B 396 0.28 -4.09 -72.53
C VAL B 396 1.37 -4.09 -73.61
N GLU B 397 1.86 -2.91 -74.00
CA GLU B 397 2.80 -2.84 -75.12
C GLU B 397 4.19 -3.34 -74.77
N SER B 398 4.47 -3.60 -73.49
CA SER B 398 5.81 -4.02 -73.08
C SER B 398 6.21 -5.38 -73.66
N THR B 399 5.24 -6.22 -74.02
CA THR B 399 5.57 -7.57 -74.47
C THR B 399 4.88 -7.92 -75.78
N PHE B 400 3.74 -7.30 -76.05
CA PHE B 400 2.94 -7.64 -77.23
C PHE B 400 2.68 -6.39 -78.05
N ARG B 401 2.51 -6.59 -79.35
CA ARG B 401 2.12 -5.50 -80.25
C ARG B 401 0.65 -5.16 -80.03
N THR B 402 0.33 -3.88 -80.15
CA THR B 402 -1.00 -3.38 -79.85
C THR B 402 -1.60 -2.69 -81.06
N LEU B 403 -2.92 -2.83 -81.22
CA LEU B 403 -3.67 -2.13 -82.25
C LEU B 403 -4.56 -1.07 -81.62
N GLN B 404 -4.96 -0.10 -82.44
CA GLN B 404 -5.78 0.99 -81.96
C GLN B 404 -7.17 0.51 -81.55
N ALA B 405 -7.67 1.03 -80.43
CA ALA B 405 -8.98 0.67 -79.91
C ALA B 405 -9.85 1.92 -79.84
N GLU B 406 -11.10 1.79 -80.27
CA GLU B 406 -12.03 2.92 -80.29
C GLU B 406 -13.37 2.48 -79.74
N PHE B 407 -13.90 3.23 -78.77
CA PHE B 407 -15.22 2.96 -78.24
C PHE B 407 -16.28 3.29 -79.28
N LYS B 408 -17.28 2.41 -79.41
CA LYS B 408 -18.41 2.65 -80.29
C LYS B 408 -19.66 2.07 -79.64
N SER B 409 -20.80 2.26 -80.31
CA SER B 409 -22.08 1.96 -79.71
C SER B 409 -22.28 0.46 -79.53
N PHE B 410 -23.06 0.12 -78.50
CA PHE B 410 -23.46 -1.26 -78.26
C PHE B 410 -24.39 -1.75 -79.37
N ALA B 411 -24.26 -3.02 -79.73
CA ALA B 411 -25.09 -3.62 -80.77
C ALA B 411 -25.15 -5.12 -80.55
N PRO B 412 -26.02 -5.58 -79.65
CA PRO B 412 -26.14 -7.02 -79.40
C PRO B 412 -27.05 -7.68 -80.42
N GLY B 413 -27.13 -9.00 -80.34
CA GLY B 413 -27.97 -9.77 -81.24
C GLY B 413 -27.41 -9.87 -82.64
N ALA B 432 -1.52 -19.16 -82.29
CA ALA B 432 -0.59 -19.19 -81.17
C ALA B 432 -1.03 -20.18 -80.11
N SER B 433 -0.20 -20.36 -79.08
CA SER B 433 -0.49 -21.26 -77.97
C SER B 433 -0.29 -20.48 -76.67
N LEU B 434 -1.34 -19.80 -76.22
CA LEU B 434 -1.28 -19.03 -74.98
C LEU B 434 -2.68 -18.97 -74.39
N SER B 435 -2.83 -19.48 -73.17
CA SER B 435 -4.13 -19.50 -72.51
C SER B 435 -4.45 -18.14 -71.89
N VAL B 436 -5.72 -17.97 -71.52
CA VAL B 436 -6.13 -16.74 -70.85
C VAL B 436 -5.55 -16.65 -69.45
N PHE B 437 -5.27 -17.80 -68.83
CA PHE B 437 -4.74 -17.81 -67.47
C PHE B 437 -3.38 -17.12 -67.38
N GLU B 438 -2.46 -17.49 -68.28
CA GLU B 438 -1.13 -16.88 -68.27
C GLU B 438 -1.19 -15.40 -68.63
N PHE B 439 -2.05 -15.03 -69.59
CA PHE B 439 -2.20 -13.63 -69.95
C PHE B 439 -2.70 -12.81 -68.76
N THR B 440 -3.70 -13.34 -68.03
CA THR B 440 -4.19 -12.64 -66.86
C THR B 440 -3.11 -12.52 -65.79
N GLN B 441 -2.31 -13.57 -65.59
CA GLN B 441 -1.22 -13.50 -64.62
C GLN B 441 -0.22 -12.43 -65.00
N ILE B 442 0.15 -12.37 -66.29
CA ILE B 442 1.12 -11.38 -66.75
C ILE B 442 0.57 -9.97 -66.55
N ILE B 443 -0.69 -9.75 -66.91
CA ILE B 443 -1.31 -8.44 -66.75
C ILE B 443 -1.32 -8.04 -65.28
N LEU B 444 -1.70 -8.97 -64.39
CA LEU B 444 -1.78 -8.65 -62.98
C LEU B 444 -0.41 -8.29 -62.42
N ARG B 445 0.63 -9.05 -62.78
CA ARG B 445 1.95 -8.77 -62.23
C ARG B 445 2.51 -7.46 -62.78
N THR B 446 2.28 -7.17 -64.07
CA THR B 446 2.71 -5.89 -64.61
C THR B 446 2.01 -4.73 -63.90
N ILE B 447 0.69 -4.86 -63.66
CA ILE B 447 -0.04 -3.79 -62.99
C ILE B 447 0.47 -3.60 -61.56
N LEU B 448 0.71 -4.71 -60.84
CA LEU B 448 1.23 -4.60 -59.49
C LEU B 448 2.58 -3.89 -59.45
N PHE B 449 3.50 -4.29 -60.35
CA PHE B 449 4.80 -3.62 -60.39
C PHE B 449 4.67 -2.14 -60.73
N ARG B 450 3.83 -1.82 -61.71
CA ARG B 450 3.63 -0.42 -62.08
C ARG B 450 3.07 0.39 -60.92
N ASN B 451 2.17 -0.20 -60.14
CA ASN B 451 1.55 0.51 -59.03
C ASN B 451 2.47 0.67 -57.83
N ASN B 452 3.38 -0.27 -57.60
CA ASN B 452 4.14 -0.28 -56.35
C ASN B 452 5.52 0.35 -56.43
N HIS B 453 6.28 0.14 -57.51
CA HIS B 453 7.70 0.49 -57.52
C HIS B 453 8.11 1.52 -58.55
N LEU B 454 7.42 1.61 -59.68
CA LEU B 454 7.82 2.55 -60.71
C LEU B 454 7.69 3.98 -60.21
N VAL B 455 8.63 4.82 -60.62
CA VAL B 455 8.68 6.23 -60.22
C VAL B 455 8.33 7.09 -61.42
N MET B 456 7.30 7.92 -61.27
CA MET B 456 6.90 8.84 -62.33
C MET B 456 7.91 9.98 -62.46
N ASP B 457 8.09 10.42 -63.70
CA ASP B 457 9.01 11.52 -64.00
C ASP B 457 8.30 12.81 -64.38
N LYS B 458 7.24 12.73 -65.17
CA LYS B 458 6.52 13.90 -65.64
C LYS B 458 5.45 14.38 -64.66
N TYR B 459 5.26 13.67 -63.55
CA TYR B 459 4.25 14.07 -62.58
C TYR B 459 4.62 15.37 -61.89
N ASP B 460 3.64 16.23 -61.67
CA ASP B 460 3.83 17.52 -61.00
C ASP B 460 3.43 17.36 -59.54
N ARG B 461 4.42 17.37 -58.65
CA ARG B 461 4.15 17.21 -57.23
C ARG B 461 3.45 18.44 -56.67
N ASP B 462 2.60 18.20 -55.67
CA ASP B 462 1.87 19.28 -55.02
C ASP B 462 2.81 20.09 -54.14
N ALA B 463 2.37 21.30 -53.81
CA ALA B 463 3.18 22.20 -52.98
C ALA B 463 3.39 21.63 -51.58
N ASP B 464 2.35 21.04 -51.00
CA ASP B 464 2.42 20.54 -49.64
C ASP B 464 3.14 19.21 -49.53
N PHE B 465 3.56 18.62 -50.64
CA PHE B 465 4.21 17.32 -50.60
C PHE B 465 5.54 17.41 -49.86
N PRO B 466 5.80 16.52 -48.90
CA PRO B 466 7.12 16.48 -48.27
C PRO B 466 8.21 16.14 -49.28
N THR B 467 9.41 16.66 -49.04
CA THR B 467 10.51 16.44 -49.96
C THR B 467 10.92 14.97 -50.01
N ASP B 468 10.91 14.30 -48.85
CA ASP B 468 11.31 12.90 -48.78
C ASP B 468 10.23 11.94 -49.22
N LEU B 469 9.15 12.43 -49.85
CA LEU B 469 8.07 11.58 -50.31
C LEU B 469 8.35 11.19 -51.77
N PRO B 470 8.57 9.91 -52.07
CA PRO B 470 8.78 9.51 -53.47
C PRO B 470 7.52 9.65 -54.27
N SER B 471 7.69 9.88 -55.59
CA SER B 471 6.57 10.00 -56.51
C SER B 471 6.18 8.61 -56.99
N ILE B 472 5.46 7.90 -56.13
CA ILE B 472 5.01 6.54 -56.41
C ILE B 472 3.51 6.49 -56.17
N PRO B 473 2.73 5.78 -56.99
CA PRO B 473 1.26 5.81 -56.82
C PRO B 473 0.76 5.46 -55.44
N VAL B 474 1.26 4.37 -54.84
CA VAL B 474 0.73 3.92 -53.56
C VAL B 474 1.07 4.91 -52.46
N GLN B 475 2.26 5.51 -52.51
CA GLN B 475 2.64 6.50 -51.51
C GLN B 475 1.73 7.73 -51.57
N LEU B 476 1.43 8.20 -52.77
CA LEU B 476 0.52 9.34 -52.93
C LEU B 476 -0.88 8.98 -52.45
N TRP B 477 -1.35 7.78 -52.80
CA TRP B 477 -2.67 7.34 -52.34
C TRP B 477 -2.75 7.33 -50.82
N GLN B 478 -1.74 6.74 -50.16
CA GLN B 478 -1.74 6.67 -48.71
C GLN B 478 -1.65 8.06 -48.07
N TRP B 479 -0.80 8.93 -48.61
CA TRP B 479 -0.69 10.28 -48.05
C TRP B 479 -2.00 11.04 -48.18
N GLY B 480 -2.60 11.04 -49.37
CA GLY B 480 -3.85 11.74 -49.58
C GLY B 480 -4.98 11.17 -48.74
N MET B 481 -5.00 9.85 -48.57
CA MET B 481 -6.06 9.24 -47.75
C MET B 481 -5.85 9.58 -46.28
N GLN B 482 -4.60 9.72 -45.85
CA GLN B 482 -4.31 10.08 -44.47
C GLN B 482 -4.63 11.55 -44.19
N HIS B 483 -4.49 12.43 -45.17
CA HIS B 483 -4.59 13.86 -44.89
C HIS B 483 -5.84 14.54 -45.45
N ARG B 484 -6.32 14.16 -46.64
CA ARG B 484 -7.39 14.91 -47.29
C ARG B 484 -8.73 14.18 -47.35
N THR B 485 -8.75 12.98 -47.93
CA THR B 485 -10.02 12.37 -48.33
C THR B 485 -10.81 11.84 -47.13
N GLY B 486 -10.15 11.19 -46.18
CA GLY B 486 -10.89 10.50 -45.14
C GLY B 486 -11.08 9.04 -45.48
N SER B 487 -12.23 8.69 -46.04
CA SER B 487 -12.50 7.33 -46.48
C SER B 487 -13.41 7.36 -47.69
N LEU B 488 -13.70 6.18 -48.23
CA LEU B 488 -14.66 6.02 -49.31
C LEU B 488 -16.00 5.56 -48.75
N ARG B 489 -16.97 5.33 -49.64
CA ARG B 489 -18.33 5.00 -49.25
C ARG B 489 -18.62 3.53 -49.44
N ALA B 490 -19.65 3.06 -48.73
CA ALA B 490 -19.98 1.64 -48.66
C ALA B 490 -20.91 1.23 -49.79
N VAL B 491 -20.85 -0.05 -50.16
CA VAL B 491 -21.66 -0.60 -51.24
C VAL B 491 -21.71 -2.11 -51.08
N GLU B 492 -22.76 -2.73 -51.61
CA GLU B 492 -22.89 -4.18 -51.68
C GLU B 492 -22.63 -4.62 -53.12
N GLN B 493 -21.79 -5.65 -53.28
CA GLN B 493 -21.27 -5.97 -54.60
C GLN B 493 -22.31 -6.61 -55.51
N GLU B 494 -23.16 -7.49 -54.96
CA GLU B 494 -24.12 -8.20 -55.79
C GLU B 494 -25.16 -7.26 -56.37
N GLN B 495 -25.66 -6.32 -55.57
CA GLN B 495 -26.65 -5.36 -56.06
C GLN B 495 -26.06 -4.48 -57.15
N LEU B 496 -24.83 -3.99 -56.93
CA LEU B 496 -24.17 -3.14 -57.92
C LEU B 496 -23.91 -3.90 -59.22
N ARG B 497 -23.53 -5.18 -59.12
CA ARG B 497 -23.28 -5.95 -60.33
C ARG B 497 -24.57 -6.22 -61.09
N VAL B 498 -25.64 -6.59 -60.39
CA VAL B 498 -26.89 -6.88 -61.08
C VAL B 498 -27.52 -5.62 -61.66
N ALA B 499 -27.30 -4.46 -61.02
CA ALA B 499 -27.93 -3.22 -61.47
C ALA B 499 -27.32 -2.66 -62.74
N LEU B 500 -26.11 -3.08 -63.12
CA LEU B 500 -25.42 -2.51 -64.27
C LEU B 500 -25.36 -3.46 -65.46
N LEU B 501 -26.00 -4.63 -65.37
CA LEU B 501 -26.00 -5.60 -66.46
C LEU B 501 -27.01 -5.22 -67.54
N PRO B 502 -26.82 -5.71 -68.76
CA PRO B 502 -27.82 -5.46 -69.81
C PRO B 502 -29.11 -6.21 -69.57
N ARG B 503 -30.19 -5.66 -70.13
CA ARG B 503 -31.55 -6.12 -69.90
C ARG B 503 -32.25 -6.39 -71.23
N ARG B 504 -33.19 -7.33 -71.20
CA ARG B 504 -33.95 -7.70 -72.39
C ARG B 504 -35.34 -8.17 -71.98
N LYS B 505 -36.31 -7.88 -72.84
CA LYS B 505 -37.67 -8.33 -72.62
C LYS B 505 -37.81 -9.81 -72.93
N VAL B 506 -38.62 -10.51 -72.12
CA VAL B 506 -38.80 -11.95 -72.28
C VAL B 506 -40.26 -12.26 -72.57
N SER B 507 -40.56 -13.53 -72.79
CA SER B 507 -41.91 -14.00 -73.06
C SER B 507 -42.20 -15.24 -72.24
N ILE B 508 -43.48 -15.47 -71.95
CA ILE B 508 -43.91 -16.56 -71.08
C ILE B 508 -44.65 -17.59 -71.93
N SER B 509 -44.38 -18.86 -71.69
CA SER B 509 -44.99 -19.95 -72.42
C SER B 509 -44.94 -21.21 -71.55
N SER B 510 -45.45 -22.31 -72.11
CA SER B 510 -45.46 -23.57 -71.38
C SER B 510 -44.04 -24.11 -71.18
N PHE B 511 -43.17 -23.92 -72.18
CA PHE B 511 -41.79 -24.39 -72.06
C PHE B 511 -41.04 -23.63 -70.97
N GLY B 512 -41.28 -22.34 -70.85
CA GLY B 512 -40.64 -21.54 -69.82
C GLY B 512 -40.44 -20.11 -70.31
N VAL B 513 -39.41 -19.48 -69.76
CA VAL B 513 -39.07 -18.11 -70.10
C VAL B 513 -38.18 -18.11 -71.34
N ASN B 514 -38.52 -17.27 -72.31
CA ASN B 514 -37.82 -17.20 -73.59
C ASN B 514 -36.97 -15.94 -73.65
N LEU B 515 -35.65 -16.13 -73.68
CA LEU B 515 -34.71 -15.01 -73.83
C LEU B 515 -33.75 -15.32 -74.97
N TRP B 516 -33.71 -14.43 -75.97
CA TRP B 516 -32.85 -14.60 -77.14
C TRP B 516 -33.04 -15.97 -77.78
N GLY B 517 -34.28 -16.44 -77.79
CA GLY B 517 -34.57 -17.76 -78.32
C GLY B 517 -34.00 -18.91 -77.52
N LEU B 518 -33.97 -18.79 -76.19
CA LEU B 518 -33.56 -19.87 -75.31
C LEU B 518 -34.59 -19.98 -74.18
N TYR B 519 -34.63 -21.17 -73.57
CA TYR B 519 -35.65 -21.53 -72.60
C TYR B 519 -35.02 -21.67 -71.23
N TYR B 520 -35.55 -20.94 -70.25
CA TYR B 520 -35.09 -21.00 -68.87
C TYR B 520 -36.27 -21.30 -67.97
N SER B 521 -35.98 -21.89 -66.81
CA SER B 521 -37.01 -22.15 -65.81
C SER B 521 -36.35 -22.29 -64.45
N GLY B 522 -37.14 -22.04 -63.40
CA GLY B 522 -36.66 -22.11 -62.04
C GLY B 522 -37.76 -22.58 -61.10
N SER B 523 -37.41 -22.69 -59.83
CA SER B 523 -38.36 -23.19 -58.84
C SER B 523 -39.51 -22.22 -58.61
N GLU B 524 -39.19 -20.94 -58.38
CA GLU B 524 -40.20 -19.97 -57.96
C GLU B 524 -41.26 -19.73 -59.02
N ILE B 525 -40.96 -19.98 -60.30
CA ILE B 525 -41.96 -19.79 -61.35
C ILE B 525 -43.01 -20.90 -61.32
N LEU B 526 -42.73 -22.00 -60.62
CA LEU B 526 -43.66 -23.14 -60.63
C LEU B 526 -44.89 -22.89 -59.76
N ARG B 527 -44.75 -22.09 -58.70
CA ARG B 527 -45.87 -21.88 -57.79
C ARG B 527 -47.03 -21.20 -58.49
N GLU B 528 -46.76 -20.14 -59.24
CA GLU B 528 -47.83 -19.45 -59.96
C GLU B 528 -47.99 -20.01 -61.37
N GLY B 529 -46.89 -20.14 -62.10
CA GLY B 529 -46.93 -20.76 -63.41
C GLY B 529 -47.76 -20.02 -64.44
N TRP B 530 -47.66 -18.70 -64.48
CA TRP B 530 -48.41 -17.93 -65.47
C TRP B 530 -47.81 -18.10 -66.86
N PRO B 540 -47.70 -11.56 -68.21
CA PRO B 540 -47.43 -11.06 -69.56
C PRO B 540 -47.47 -9.54 -69.65
N GLN B 541 -47.26 -8.88 -68.53
CA GLN B 541 -47.28 -7.41 -68.47
C GLN B 541 -45.90 -6.82 -68.71
N HIS B 542 -45.28 -7.21 -69.82
CA HIS B 542 -43.97 -6.72 -70.22
C HIS B 542 -42.91 -6.99 -69.13
N LEU B 543 -42.67 -8.28 -68.90
CA LEU B 543 -41.63 -8.67 -67.98
C LEU B 543 -40.26 -8.51 -68.64
N GLU B 544 -39.21 -8.58 -67.82
CA GLU B 544 -37.86 -8.27 -68.28
C GLU B 544 -36.86 -9.06 -67.47
N ALA B 545 -35.66 -9.24 -68.04
CA ALA B 545 -34.62 -10.02 -67.39
C ALA B 545 -33.27 -9.44 -67.73
N ALA B 546 -32.37 -9.48 -66.75
CA ALA B 546 -30.97 -9.11 -66.94
C ALA B 546 -30.15 -10.34 -67.29
N TYR B 547 -29.19 -10.14 -68.19
CA TYR B 547 -28.35 -11.23 -68.67
C TYR B 547 -26.89 -10.80 -68.72
N ASP B 548 -26.00 -11.79 -68.67
CA ASP B 548 -24.57 -11.58 -68.76
C ASP B 548 -24.09 -12.00 -70.13
N PRO B 549 -23.53 -11.11 -70.95
CA PRO B 549 -23.17 -11.48 -72.33
C PRO B 549 -21.93 -12.35 -72.46
N VAL B 550 -21.41 -12.93 -71.39
CA VAL B 550 -20.28 -13.84 -71.47
C VAL B 550 -20.65 -15.29 -71.13
N LEU B 551 -21.82 -15.52 -70.55
CA LEU B 551 -22.25 -16.87 -70.19
C LEU B 551 -23.78 -16.93 -70.28
N VAL B 552 -24.30 -18.00 -70.87
CA VAL B 552 -25.72 -18.12 -71.14
C VAL B 552 -26.43 -19.00 -70.11
N ASP B 553 -25.74 -19.38 -69.04
CA ASP B 553 -26.30 -20.36 -68.11
C ASP B 553 -27.46 -19.81 -67.30
N THR B 554 -27.29 -18.62 -66.71
CA THR B 554 -28.22 -18.09 -65.74
C THR B 554 -28.72 -16.71 -66.16
N ILE B 555 -29.99 -16.42 -65.86
CA ILE B 555 -30.58 -15.12 -66.10
C ILE B 555 -31.32 -14.66 -64.85
N TYR B 556 -31.53 -13.34 -64.74
CA TYR B 556 -32.17 -12.74 -63.57
C TYR B 556 -33.48 -12.09 -64.00
N LEU B 557 -34.60 -12.71 -63.67
CA LEU B 557 -35.92 -12.19 -64.01
C LEU B 557 -36.38 -11.15 -62.99
N PHE B 558 -37.08 -10.12 -63.47
CA PHE B 558 -37.64 -9.12 -62.56
C PHE B 558 -39.15 -9.24 -62.53
N PRO B 559 -39.72 -9.90 -61.52
CA PRO B 559 -41.18 -10.12 -61.52
C PRO B 559 -41.98 -8.86 -61.28
N GLN B 560 -41.59 -8.05 -60.30
CA GLN B 560 -42.33 -6.87 -59.90
C GLN B 560 -41.68 -5.63 -60.50
N VAL B 561 -42.47 -4.84 -61.21
CA VAL B 561 -41.98 -3.61 -61.83
C VAL B 561 -41.82 -2.53 -60.77
N GLY B 562 -40.75 -1.75 -60.89
CA GLY B 562 -40.45 -0.70 -59.94
C GLY B 562 -39.40 -1.05 -58.91
N SER B 563 -39.04 -2.32 -58.78
CA SER B 563 -38.01 -2.74 -57.84
C SER B 563 -37.13 -3.78 -58.49
N ARG B 564 -35.85 -3.79 -58.10
CA ARG B 564 -34.87 -4.73 -58.62
C ARG B 564 -34.72 -5.94 -57.69
N VAL B 565 -35.85 -6.61 -57.44
CA VAL B 565 -35.85 -7.93 -56.83
C VAL B 565 -35.97 -8.96 -57.95
N PHE B 566 -35.11 -9.95 -57.94
CA PHE B 566 -34.95 -10.84 -59.08
C PHE B 566 -35.08 -12.30 -58.68
N TRP B 567 -35.49 -13.11 -59.64
CA TRP B 567 -35.51 -14.57 -59.54
C TRP B 567 -34.43 -15.14 -60.45
N ARG B 568 -33.83 -16.24 -60.02
CA ARG B 568 -32.76 -16.88 -60.78
C ARG B 568 -33.34 -17.96 -61.68
N CYS B 569 -32.93 -17.97 -62.95
CA CYS B 569 -33.41 -18.98 -63.89
C CYS B 569 -32.24 -19.62 -64.62
N ASN B 570 -32.32 -20.93 -64.79
CA ASN B 570 -31.27 -21.74 -65.43
C ASN B 570 -31.84 -22.40 -66.69
N LEU B 571 -30.93 -22.87 -67.54
CA LEU B 571 -31.32 -23.51 -68.78
C LEU B 571 -32.08 -24.80 -68.52
N THR B 572 -33.09 -25.06 -69.35
CA THR B 572 -33.83 -26.31 -69.29
C THR B 572 -33.05 -27.42 -70.00
N GLU B 573 -33.61 -28.62 -69.99
CA GLU B 573 -32.94 -29.75 -70.63
C GLU B 573 -33.07 -29.73 -72.14
N ARG B 574 -34.13 -29.11 -72.67
CA ARG B 574 -34.40 -29.14 -74.10
C ARG B 574 -33.78 -27.97 -74.84
N SER B 575 -32.95 -27.16 -74.17
CA SER B 575 -32.20 -26.11 -74.84
C SER B 575 -30.77 -25.99 -74.33
N ARG B 576 -30.30 -26.93 -73.51
CA ARG B 576 -28.98 -26.84 -72.91
C ARG B 576 -27.88 -27.45 -73.78
N GLN B 577 -28.14 -27.66 -75.07
CA GLN B 577 -27.06 -28.02 -75.97
C GLN B 577 -26.15 -26.83 -76.29
N PHE B 578 -26.55 -25.63 -75.86
CA PHE B 578 -25.73 -24.43 -75.94
C PHE B 578 -24.91 -24.20 -74.67
N LYS B 579 -24.97 -25.12 -73.71
CA LYS B 579 -24.39 -24.90 -72.39
C LYS B 579 -22.88 -24.73 -72.46
N GLY B 580 -22.37 -23.82 -71.62
CA GLY B 580 -20.94 -23.66 -71.43
C GLY B 580 -20.30 -22.55 -72.22
N LEU B 581 -20.99 -21.99 -73.21
CA LEU B 581 -20.43 -20.98 -74.10
C LEU B 581 -21.18 -19.66 -73.92
N SER B 582 -20.77 -18.66 -74.71
CA SER B 582 -21.18 -17.27 -74.52
C SER B 582 -22.25 -16.87 -75.53
N PHE B 583 -22.82 -15.69 -75.31
CA PHE B 583 -23.91 -15.21 -76.17
C PHE B 583 -23.42 -14.89 -77.58
N TRP B 584 -22.16 -14.46 -77.71
CA TRP B 584 -21.63 -14.15 -79.04
C TRP B 584 -21.59 -15.38 -79.94
N GLU B 585 -21.16 -16.51 -79.38
CA GLU B 585 -21.15 -17.76 -80.14
C GLU B 585 -22.56 -18.17 -80.54
N VAL B 586 -23.52 -18.00 -79.64
CA VAL B 586 -24.91 -18.33 -79.94
C VAL B 586 -25.43 -17.47 -81.09
N TRP B 587 -25.15 -16.17 -81.04
CA TRP B 587 -25.61 -15.29 -82.11
C TRP B 587 -24.97 -15.67 -83.43
N ASP B 588 -23.67 -15.99 -83.42
CA ASP B 588 -23.00 -16.40 -84.65
C ASP B 588 -23.60 -17.69 -85.21
N ILE B 589 -23.87 -18.66 -84.34
CA ILE B 589 -24.44 -19.92 -84.79
C ILE B 589 -25.81 -19.71 -85.41
N GLN B 590 -26.66 -18.91 -84.75
CA GLN B 590 -27.99 -18.65 -85.30
C GLN B 590 -27.90 -17.90 -86.62
N ALA B 591 -26.99 -16.93 -86.72
CA ALA B 591 -26.85 -16.19 -87.98
C ALA B 591 -26.40 -17.10 -89.11
N GLN B 592 -25.43 -17.98 -88.85
CA GLN B 592 -24.96 -18.86 -89.92
C GLN B 592 -26.01 -19.91 -90.28
N GLU B 593 -26.79 -20.39 -89.31
CA GLU B 593 -27.90 -21.28 -89.64
C GLU B 593 -28.93 -20.60 -90.51
N LYS B 594 -29.27 -19.34 -90.19
CA LYS B 594 -30.22 -18.60 -91.02
C LYS B 594 -29.66 -18.36 -92.41
N HIS B 595 -28.36 -18.09 -92.52
CA HIS B 595 -27.76 -17.83 -93.81
C HIS B 595 -27.69 -19.09 -94.67
N ASN B 596 -27.41 -20.23 -94.05
CA ASN B 596 -27.24 -21.49 -94.77
C ASN B 596 -28.52 -22.29 -94.89
N LYS B 597 -29.62 -21.83 -94.31
CA LYS B 597 -30.92 -22.48 -94.44
C LYS B 597 -31.82 -21.77 -95.44
N ALA B 598 -31.28 -20.81 -96.18
CA ALA B 598 -32.06 -20.08 -97.18
C ALA B 598 -31.15 -19.53 -98.27
N MET C 2 2.73 -18.41 74.67
CA MET C 2 2.12 -17.29 75.37
C MET C 2 2.21 -16.01 74.55
N TRP C 3 3.28 -15.25 74.77
CA TRP C 3 3.50 -14.00 74.04
C TRP C 3 4.94 -13.98 73.53
N GLN C 4 5.15 -13.16 72.49
CA GLN C 4 6.46 -12.90 71.94
C GLN C 4 7.01 -11.59 72.48
N ILE C 5 8.26 -11.33 72.18
CA ILE C 5 8.89 -10.05 72.52
C ILE C 5 8.50 -9.02 71.47
N ASN C 6 8.22 -7.80 71.92
CA ASN C 6 7.91 -6.65 71.06
C ASN C 6 6.56 -6.80 70.36
N GLU C 7 5.55 -7.25 71.09
CA GLU C 7 4.21 -7.38 70.55
C GLU C 7 3.25 -6.53 71.38
N VAL C 8 2.25 -5.97 70.69
CA VAL C 8 1.38 -4.93 71.24
C VAL C 8 0.01 -5.54 71.54
N VAL C 9 -0.59 -5.12 72.65
CA VAL C 9 -1.91 -5.56 73.06
C VAL C 9 -2.73 -4.36 73.51
N LEU C 10 -4.05 -4.52 73.47
CA LEU C 10 -4.97 -3.54 74.06
C LEU C 10 -5.40 -4.01 75.44
N PHE C 11 -5.25 -3.12 76.42
CA PHE C 11 -5.68 -3.31 77.80
C PHE C 11 -6.63 -2.16 78.11
N ASP C 12 -7.93 -2.40 77.96
CA ASP C 12 -8.97 -1.39 78.15
C ASP C 12 -8.77 -0.22 77.18
N ASN C 13 -8.69 -0.55 75.88
CA ASN C 13 -8.54 0.42 74.80
C ASN C 13 -7.28 1.27 74.98
N ASP C 14 -6.21 0.64 75.44
CA ASP C 14 -4.92 1.30 75.59
C ASP C 14 -3.81 0.37 75.10
N PRO C 15 -2.99 0.81 74.14
CA PRO C 15 -1.96 -0.09 73.59
C PRO C 15 -0.73 -0.16 74.51
N TYR C 16 -0.25 -1.38 74.73
CA TYR C 16 0.94 -1.64 75.53
C TYR C 16 1.84 -2.60 74.76
N ARG C 17 3.15 -2.47 75.00
CA ARG C 17 4.15 -3.30 74.34
C ARG C 17 4.91 -4.10 75.38
N ILE C 18 5.09 -5.40 75.12
CA ILE C 18 5.83 -6.29 76.00
C ILE C 18 7.32 -6.14 75.71
N LEU C 19 8.11 -5.89 76.75
CA LEU C 19 9.53 -5.68 76.59
C LEU C 19 10.36 -6.92 76.94
N ALA C 20 10.03 -7.61 78.02
CA ALA C 20 10.77 -8.79 78.43
C ALA C 20 9.83 -9.76 79.11
N ILE C 21 10.07 -11.05 78.92
CA ILE C 21 9.34 -12.13 79.57
C ILE C 21 10.34 -12.97 80.33
N GLU C 22 10.08 -13.18 81.62
CA GLU C 22 10.98 -13.91 82.50
C GLU C 22 10.13 -14.82 83.38
N ASP C 23 10.78 -15.82 83.99
CA ASP C 23 10.04 -16.81 84.76
C ASP C 23 9.35 -16.16 85.95
N GLY C 24 8.02 -16.03 85.87
CA GLY C 24 7.23 -15.45 86.93
C GLY C 24 7.04 -13.95 86.87
N GLN C 25 7.52 -13.29 85.82
CA GLN C 25 7.36 -11.83 85.71
C GLN C 25 7.24 -11.44 84.24
N VAL C 26 6.45 -10.40 83.98
CA VAL C 26 6.31 -9.83 82.64
C VAL C 26 6.43 -8.31 82.76
N VAL C 27 7.37 -7.73 81.97
CA VAL C 27 7.59 -6.25 81.92
C VAL C 27 7.00 -5.61 80.67
N TRP C 28 6.18 -4.57 80.83
CA TRP C 28 5.54 -3.93 79.72
C TRP C 28 5.56 -2.43 79.80
N MET C 29 5.22 -1.75 78.71
CA MET C 29 5.18 -0.31 78.71
C MET C 29 4.08 0.24 77.84
N GLN C 30 3.58 1.41 78.23
CA GLN C 30 2.56 2.05 77.41
C GLN C 30 3.22 2.88 76.32
N ILE C 31 2.59 2.90 75.15
CA ILE C 31 3.17 3.56 73.99
C ILE C 31 2.24 4.65 73.47
N SER C 32 1.48 5.26 74.38
CA SER C 32 0.52 6.29 74.01
C SER C 32 0.86 7.67 74.56
N ALA C 33 1.48 7.76 75.72
CA ALA C 33 1.84 9.02 76.33
C ALA C 33 3.28 9.39 75.97
N ASP C 34 3.81 10.42 76.61
CA ASP C 34 5.17 10.89 76.34
C ASP C 34 6.05 10.86 77.58
N LYS C 35 5.59 10.21 78.65
CA LYS C 35 6.39 10.00 79.85
C LYS C 35 6.09 8.61 80.41
N GLY C 36 6.86 8.23 81.42
CA GLY C 36 6.68 6.96 82.09
C GLY C 36 7.94 6.10 82.00
N VAL C 37 7.89 5.00 82.77
CA VAL C 37 8.96 4.00 82.74
C VAL C 37 8.35 2.62 82.66
N PRO C 38 9.11 1.64 82.17
CA PRO C 38 8.58 0.27 82.08
C PRO C 38 8.18 -0.28 83.43
N GLN C 39 7.12 -1.08 83.44
CA GLN C 39 6.59 -1.64 84.68
C GLN C 39 6.29 -3.12 84.50
N ALA C 40 6.42 -3.86 85.60
CA ALA C 40 6.33 -5.31 85.61
C ALA C 40 5.22 -5.79 86.54
N ARG C 41 4.74 -7.00 86.28
CA ARG C 41 3.85 -7.69 87.22
C ARG C 41 3.84 -9.18 86.88
N ALA C 42 2.85 -9.90 87.41
CA ALA C 42 2.81 -11.35 87.33
C ALA C 42 1.95 -11.83 86.17
N GLU C 43 2.30 -13.02 85.65
CA GLU C 43 1.58 -13.58 84.51
C GLU C 43 0.15 -13.98 84.86
N LEU C 44 -0.08 -14.39 86.11
CA LEU C 44 -1.42 -14.85 86.50
C LEU C 44 -2.45 -13.73 86.36
N LEU C 45 -2.06 -12.49 86.70
CA LEU C 45 -2.94 -11.36 86.47
C LEU C 45 -3.28 -11.22 85.00
N LEU C 46 -2.28 -11.35 84.12
CA LEU C 46 -2.53 -11.23 82.69
C LEU C 46 -3.46 -12.32 82.19
N MET C 47 -3.29 -13.54 82.69
CA MET C 47 -4.21 -14.62 82.33
C MET C 47 -5.62 -14.30 82.81
N GLN C 48 -5.75 -13.72 84.00
CA GLN C 48 -7.07 -13.36 84.52
C GLN C 48 -7.73 -12.31 83.63
N TYR C 49 -6.98 -11.27 83.26
CA TYR C 49 -7.55 -10.25 82.38
C TYR C 49 -7.91 -10.81 81.01
N LEU C 50 -7.09 -11.72 80.49
CA LEU C 50 -7.40 -12.35 79.21
C LEU C 50 -8.68 -13.18 79.30
N ASP C 51 -8.84 -13.92 80.40
CA ASP C 51 -10.06 -14.71 80.58
C ASP C 51 -11.28 -13.82 80.70
N GLU C 52 -11.17 -12.71 81.45
CA GLU C 52 -12.28 -11.77 81.53
C GLU C 52 -12.59 -11.16 80.17
N GLY C 53 -11.55 -10.85 79.40
CA GLY C 53 -11.72 -10.21 78.12
C GLY C 53 -11.18 -8.79 78.04
N ARG C 54 -10.32 -8.39 78.98
CA ARG C 54 -9.83 -7.01 78.99
C ARG C 54 -8.62 -6.83 78.07
N LEU C 55 -7.77 -7.85 77.96
CA LEU C 55 -6.65 -7.83 77.03
C LEU C 55 -7.08 -8.44 75.69
N VAL C 56 -6.73 -7.77 74.59
CA VAL C 56 -6.90 -8.32 73.26
C VAL C 56 -5.62 -8.07 72.46
N ARG C 57 -5.48 -8.82 71.38
CA ARG C 57 -4.30 -8.75 70.52
C ARG C 57 -4.50 -7.69 69.44
N THR C 58 -3.38 -7.17 68.94
CA THR C 58 -3.41 -6.09 67.95
C THR C 58 -2.09 -6.07 67.18
N ASP C 59 -1.90 -5.02 66.39
CA ASP C 59 -0.72 -4.82 65.57
C ASP C 59 0.16 -3.70 66.14
N ASP C 60 1.22 -3.38 65.41
CA ASP C 60 2.21 -2.41 65.84
C ASP C 60 2.06 -1.13 65.02
N PRO C 61 1.81 0.02 65.65
CA PRO C 61 1.73 1.27 64.87
C PRO C 61 3.08 1.75 64.33
N TYR C 62 4.20 1.20 64.81
CA TYR C 62 5.53 1.60 64.38
C TYR C 62 6.20 0.57 63.48
N VAL C 63 5.41 -0.18 62.70
CA VAL C 63 5.98 -1.23 61.86
C VAL C 63 6.66 -0.68 60.61
N HIS C 64 6.23 0.49 60.13
CA HIS C 64 6.81 1.08 58.93
C HIS C 64 8.30 1.33 59.05
N LEU C 65 8.84 1.42 60.28
CA LEU C 65 10.26 1.60 60.47
C LEU C 65 11.09 0.43 59.97
N ASP C 66 10.45 -0.67 59.56
CA ASP C 66 11.18 -1.76 58.93
C ASP C 66 11.59 -1.44 57.49
N LEU C 67 11.02 -0.41 56.88
CA LEU C 67 11.31 -0.07 55.50
C LEU C 67 12.37 1.01 55.34
N GLU C 68 12.95 1.50 56.44
CA GLU C 68 13.83 2.66 56.39
C GLU C 68 15.28 2.22 56.25
N GLU C 69 15.99 2.87 55.33
CA GLU C 69 17.44 2.69 55.17
C GLU C 69 18.05 4.05 54.83
N PRO C 70 18.33 4.87 55.84
CA PRO C 70 18.85 6.21 55.57
C PRO C 70 20.17 6.18 54.82
N SER C 71 20.35 7.14 53.92
CA SER C 71 21.57 7.22 53.14
C SER C 71 22.74 7.70 54.01
N VAL C 72 23.95 7.36 53.58
CA VAL C 72 25.14 7.83 54.28
C VAL C 72 25.25 9.34 54.12
N ASP C 73 26.00 9.97 55.04
CA ASP C 73 26.26 11.41 55.07
C ASP C 73 24.97 12.23 55.01
N SER C 74 23.89 11.70 55.57
CA SER C 74 22.67 12.44 55.81
C SER C 74 22.53 12.70 57.30
N VAL C 75 21.64 13.63 57.65
CA VAL C 75 21.49 14.00 59.05
C VAL C 75 20.88 12.85 59.85
N SER C 76 19.92 12.13 59.26
CA SER C 76 19.25 11.04 59.95
C SER C 76 20.23 9.93 60.30
N PHE C 77 21.11 9.57 59.36
CA PHE C 77 22.06 8.50 59.59
C PHE C 77 23.00 8.82 60.74
N GLN C 78 23.61 10.01 60.70
CA GLN C 78 24.58 10.40 61.72
C GLN C 78 23.90 10.55 63.08
N LYS C 79 22.72 11.16 63.11
CA LYS C 79 22.01 11.32 64.37
C LYS C 79 21.65 9.97 64.99
N ARG C 80 21.19 9.03 64.16
CA ARG C 80 20.88 7.69 64.67
C ARG C 80 22.11 7.03 65.25
N GLU C 81 23.24 7.09 64.53
CA GLU C 81 24.45 6.45 65.02
C GLU C 81 24.91 7.07 66.33
N GLU C 82 24.88 8.39 66.43
CA GLU C 82 25.33 9.05 67.67
C GLU C 82 24.40 8.72 68.84
N ASP C 83 23.09 8.73 68.62
CA ASP C 83 22.17 8.41 69.70
C ASP C 83 22.35 6.98 70.19
N TYR C 84 22.49 6.04 69.25
CA TYR C 84 22.69 4.64 69.65
C TYR C 84 24.00 4.47 70.40
N ARG C 85 25.07 5.15 69.94
CA ARG C 85 26.34 5.08 70.63
C ARG C 85 26.22 5.63 72.06
N LYS C 86 25.46 6.72 72.23
CA LYS C 86 25.32 7.31 73.55
C LYS C 86 24.56 6.39 74.50
N ILE C 87 23.44 5.80 74.04
CA ILE C 87 22.60 5.02 74.96
C ILE C 87 22.95 3.54 75.00
N LEU C 88 23.95 3.09 74.25
CA LEU C 88 24.29 1.67 74.25
C LEU C 88 24.62 1.10 75.62
N PRO C 89 25.47 1.72 76.46
CA PRO C 89 25.88 1.04 77.70
C PRO C 89 24.75 0.73 78.67
N ILE C 90 23.62 1.44 78.60
CA ILE C 90 22.55 1.22 79.58
C ILE C 90 21.71 0.01 79.20
N ILE C 91 21.29 -0.08 77.94
CA ILE C 91 20.41 -1.17 77.53
C ILE C 91 21.14 -2.51 77.50
N ASN C 92 22.47 -2.50 77.46
CA ASN C 92 23.23 -3.74 77.53
C ASN C 92 23.26 -4.33 78.93
N SER C 93 23.12 -3.48 79.96
CA SER C 93 23.21 -3.93 81.33
C SER C 93 22.03 -4.83 81.70
N LYS C 94 22.28 -5.73 82.66
CA LYS C 94 21.23 -6.65 83.09
C LYS C 94 20.18 -5.95 83.94
N ASP C 95 20.61 -5.09 84.85
CA ASP C 95 19.69 -4.40 85.77
C ASP C 95 19.33 -3.03 85.19
N ARG C 96 18.65 -3.06 84.04
CA ARG C 96 18.24 -1.86 83.36
C ARG C 96 16.82 -1.42 83.71
N PHE C 97 16.05 -2.25 84.41
CA PHE C 97 14.68 -1.91 84.79
C PHE C 97 14.56 -1.52 86.25
N ASP C 98 15.68 -1.34 86.95
CA ASP C 98 15.68 -0.95 88.36
C ASP C 98 16.03 0.51 88.50
N PRO C 99 15.20 1.30 89.20
CA PRO C 99 15.42 2.76 89.22
C PRO C 99 16.80 3.19 89.72
N LYS C 100 17.33 2.53 90.75
CA LYS C 100 18.62 2.94 91.30
C LYS C 100 19.73 2.80 90.27
N VAL C 101 20.02 1.58 89.85
CA VAL C 101 21.10 1.32 88.90
C VAL C 101 20.87 2.09 87.62
N ARG C 102 19.61 2.24 87.21
CA ARG C 102 19.30 3.11 86.08
C ARG C 102 19.79 4.53 86.32
N SER C 103 19.61 5.03 87.55
CA SER C 103 20.10 6.37 87.85
C SER C 103 21.62 6.44 87.72
N GLU C 104 22.34 5.60 88.48
CA GLU C 104 23.80 5.67 88.40
C GLU C 104 24.29 5.56 86.96
N LEU C 105 23.63 4.73 86.14
CA LEU C 105 24.01 4.65 84.73
C LEU C 105 23.70 5.96 84.00
N VAL C 106 22.59 6.61 84.33
CA VAL C 106 22.21 7.85 83.64
C VAL C 106 23.23 8.95 83.92
N GLU C 107 23.56 9.18 85.19
CA GLU C 107 24.61 10.18 85.46
C GLU C 107 25.99 9.73 84.98
N HIS C 108 26.26 8.42 84.92
CA HIS C 108 27.53 7.99 84.35
C HIS C 108 27.62 8.36 82.87
N VAL C 109 26.51 8.24 82.14
CA VAL C 109 26.48 8.66 80.74
C VAL C 109 26.58 10.17 80.64
N VAL C 110 25.88 10.89 81.53
CA VAL C 110 25.86 12.35 81.48
C VAL C 110 27.26 12.91 81.71
N GLN C 111 28.02 12.30 82.62
CA GLN C 111 29.35 12.81 82.93
C GLN C 111 30.27 12.78 81.72
N GLU C 112 30.24 11.67 80.97
CA GLU C 112 31.20 11.46 79.88
C GLU C 112 30.66 11.83 78.50
N HIS C 113 29.39 12.19 78.38
CA HIS C 113 28.84 12.55 77.07
C HIS C 113 28.34 13.99 76.99
N LYS C 114 28.32 14.73 78.11
CA LYS C 114 27.97 16.14 78.13
C LYS C 114 26.57 16.38 77.57
N VAL C 115 25.60 15.69 78.14
CA VAL C 115 24.20 15.81 77.76
C VAL C 115 23.34 15.84 79.02
N THR C 116 22.26 16.61 78.98
CA THR C 116 21.37 16.70 80.13
C THR C 116 20.61 15.39 80.33
N LYS C 117 19.98 15.27 81.50
CA LYS C 117 19.26 14.04 81.83
C LYS C 117 17.99 13.89 81.01
N ALA C 118 17.34 15.02 80.67
CA ALA C 118 16.08 14.95 79.94
C ALA C 118 16.25 14.31 78.57
N THR C 119 17.35 14.62 77.88
CA THR C 119 17.60 14.04 76.57
C THR C 119 17.87 12.54 76.67
N VAL C 120 18.62 12.12 77.69
CA VAL C 120 18.89 10.70 77.88
C VAL C 120 17.60 9.94 78.16
N TYR C 121 16.74 10.51 79.01
CA TYR C 121 15.46 9.87 79.29
C TYR C 121 14.58 9.81 78.05
N LYS C 122 14.57 10.87 77.24
CA LYS C 122 13.80 10.85 76.01
C LYS C 122 14.31 9.80 75.03
N LEU C 123 15.64 9.65 74.92
CA LEU C 123 16.19 8.63 74.03
C LEU C 123 15.81 7.23 74.49
N LEU C 124 15.93 6.96 75.79
CA LEU C 124 15.54 5.66 76.32
C LEU C 124 14.06 5.41 76.09
N ARG C 125 13.23 6.43 76.28
CA ARG C 125 11.79 6.28 76.08
C ARG C 125 11.48 5.94 74.63
N ARG C 126 12.12 6.62 73.68
CA ARG C 126 11.89 6.34 72.26
C ARG C 126 12.31 4.91 71.92
N TYR C 127 13.48 4.49 72.43
CA TYR C 127 13.95 3.13 72.16
C TYR C 127 12.98 2.08 72.69
N TRP C 128 12.47 2.29 73.90
CA TRP C 128 11.57 1.29 74.47
C TRP C 128 10.19 1.32 73.81
N GLN C 129 9.71 2.50 73.43
CA GLN C 129 8.35 2.62 72.94
C GLN C 129 8.22 2.38 71.44
N ARG C 130 9.31 2.33 70.68
CA ARG C 130 9.19 2.21 69.23
C ARG C 130 9.58 0.85 68.68
N GLY C 131 10.12 -0.05 69.50
CA GLY C 131 10.32 -1.41 69.02
C GLY C 131 11.69 -2.02 69.27
N GLN C 132 12.51 -1.37 70.08
CA GLN C 132 13.79 -1.93 70.55
C GLN C 132 14.74 -2.23 69.38
N THR C 133 14.88 -1.26 68.49
CA THR C 133 15.81 -1.32 67.38
C THR C 133 16.54 0.01 67.26
N PRO C 134 17.75 0.02 66.68
CA PRO C 134 18.41 1.30 66.41
C PRO C 134 17.64 2.20 65.44
N ASN C 135 16.90 1.64 64.48
CA ASN C 135 16.03 2.46 63.63
C ASN C 135 14.92 3.16 64.40
N ALA C 136 14.81 2.93 65.71
CA ALA C 136 13.89 3.68 66.55
C ALA C 136 14.46 5.01 67.01
N LEU C 137 15.72 5.31 66.67
CA LEU C 137 16.37 6.55 67.06
C LEU C 137 16.65 7.44 65.85
N ILE C 138 15.71 7.47 64.92
CA ILE C 138 15.80 8.32 63.73
C ILE C 138 14.97 9.57 63.98
N PRO C 139 15.52 10.77 63.77
CA PRO C 139 14.75 11.99 64.02
C PRO C 139 13.61 12.16 63.03
N ASP C 140 12.63 12.97 63.42
CA ASP C 140 11.39 13.16 62.67
C ASP C 140 11.46 14.36 61.72
N TYR C 141 12.63 14.67 61.16
CA TYR C 141 12.78 15.83 60.29
C TYR C 141 11.94 15.74 59.04
N LYS C 142 11.48 14.55 58.66
CA LYS C 142 10.60 14.42 57.50
C LYS C 142 9.26 15.11 57.71
N ASN C 143 8.90 15.42 58.95
CA ASN C 143 7.66 16.12 59.24
C ASN C 143 7.77 17.62 59.06
N SER C 144 8.98 18.17 58.98
CA SER C 144 9.16 19.61 58.90
C SER C 144 8.61 20.17 57.59
N GLY C 145 7.92 21.31 57.69
CA GLY C 145 7.37 21.97 56.53
C GLY C 145 5.96 21.56 56.17
N ALA C 146 5.44 20.48 56.78
CA ALA C 146 4.12 19.92 56.49
C ALA C 146 3.95 19.73 54.99
N PRO C 147 4.64 18.77 54.38
CA PRO C 147 4.56 18.60 52.93
C PRO C 147 3.14 18.31 52.47
N GLY C 148 2.76 18.90 51.35
CA GLY C 148 1.46 18.70 50.76
C GLY C 148 0.34 19.53 51.35
N GLU C 149 0.64 20.52 52.18
CA GLU C 149 -0.37 21.30 52.87
C GLU C 149 -0.19 22.79 52.58
N ARG C 150 -1.30 23.52 52.63
CA ARG C 150 -1.28 24.95 52.39
C ARG C 150 -0.68 25.71 53.58
N ARG C 151 -0.14 26.89 53.28
CA ARG C 151 0.37 27.77 54.33
C ARG C 151 -0.47 29.04 54.42
N GLY C 170 2.48 44.32 47.57
CA GLY C 170 2.93 43.05 48.11
C GLY C 170 2.00 42.48 49.15
N THR C 171 0.71 42.72 48.97
CA THR C 171 -0.29 42.25 49.92
C THR C 171 -0.42 40.73 49.86
N LYS C 172 -0.64 40.12 51.03
CA LYS C 172 -0.85 38.68 51.10
C LYS C 172 -2.30 38.35 50.77
N VAL C 173 -2.61 37.05 50.79
CA VAL C 173 -3.95 36.58 50.45
C VAL C 173 -4.79 36.50 51.72
N THR C 174 -5.97 37.11 51.69
CA THR C 174 -6.94 37.19 52.76
C THR C 174 -8.16 36.32 52.43
N PRO C 175 -8.82 35.74 53.43
CA PRO C 175 -10.04 34.96 53.14
C PRO C 175 -11.08 35.70 52.33
N GLU C 176 -11.22 37.02 52.53
CA GLU C 176 -12.09 37.80 51.65
C GLU C 176 -11.55 37.82 50.22
N ILE C 177 -10.25 37.99 50.07
CA ILE C 177 -9.62 37.94 48.74
C ILE C 177 -9.79 36.56 48.13
N GLU C 178 -9.68 35.51 48.95
CA GLU C 178 -9.90 34.15 48.48
C GLU C 178 -11.33 33.97 48.00
N ARG C 179 -12.30 34.53 48.72
CA ARG C 179 -13.69 34.46 48.29
C ARG C 179 -13.89 35.18 46.97
N LEU C 180 -13.25 36.35 46.81
CA LEU C 180 -13.33 37.08 45.55
C LEU C 180 -12.74 36.26 44.41
N PHE C 181 -11.59 35.64 44.64
CA PHE C 181 -10.98 34.76 43.64
C PHE C 181 -11.93 33.65 43.25
N ARG C 182 -12.55 33.00 44.24
CA ARG C 182 -13.45 31.89 43.95
C ARG C 182 -14.67 32.37 43.17
N LEU C 183 -15.21 33.53 43.52
CA LEU C 183 -16.35 34.08 42.80
C LEU C 183 -16.00 34.36 41.34
N THR C 184 -14.87 35.03 41.11
CA THR C 184 -14.47 35.37 39.74
C THR C 184 -14.20 34.11 38.92
N ILE C 185 -13.56 33.11 39.53
CA ILE C 185 -13.32 31.86 38.82
C ILE C 185 -14.63 31.16 38.52
N GLU C 186 -15.56 31.15 39.48
CA GLU C 186 -16.80 30.41 39.33
C GLU C 186 -17.68 30.98 38.22
N LYS C 187 -17.78 32.30 38.12
CA LYS C 187 -18.66 32.83 37.07
C LYS C 187 -17.98 32.99 35.72
N HIS C 188 -16.65 32.84 35.63
CA HIS C 188 -15.96 33.09 34.38
C HIS C 188 -15.25 31.86 33.82
N LEU C 189 -14.42 31.18 34.61
CA LEU C 189 -13.59 30.11 34.07
C LEU C 189 -14.36 28.79 33.98
N LEU C 190 -15.09 28.44 35.03
CA LEU C 190 -15.72 27.13 35.10
C LEU C 190 -16.80 26.97 34.04
N ASN C 191 -16.97 25.74 33.57
CA ASN C 191 -17.94 25.33 32.55
C ASN C 191 -18.06 26.33 31.41
N GLN C 192 -16.93 26.88 30.96
CA GLN C 192 -16.91 27.78 29.82
C GLN C 192 -15.68 27.46 28.96
N LYS C 193 -15.77 27.81 27.68
CA LYS C 193 -14.70 27.57 26.74
C LYS C 193 -14.36 28.86 26.01
N GLY C 194 -13.07 29.03 25.69
CA GLY C 194 -12.61 30.20 24.99
C GLY C 194 -12.32 31.40 25.84
N THR C 195 -12.35 31.27 27.17
CA THR C 195 -12.08 32.38 28.08
C THR C 195 -10.64 32.31 28.55
N LYS C 196 -9.99 33.47 28.58
CA LYS C 196 -8.60 33.57 29.00
C LYS C 196 -8.50 33.92 30.48
N THR C 197 -7.32 33.66 31.05
CA THR C 197 -7.08 33.99 32.45
C THR C 197 -6.81 35.48 32.64
N THR C 198 -6.21 36.15 31.65
CA THR C 198 -5.88 37.56 31.79
C THR C 198 -7.14 38.43 31.84
N VAL C 199 -8.15 38.09 31.05
CA VAL C 199 -9.40 38.87 31.08
C VAL C 199 -10.10 38.67 32.41
N ALA C 200 -10.05 37.46 32.97
CA ALA C 200 -10.61 37.22 34.29
C ALA C 200 -9.85 38.01 35.35
N TYR C 201 -8.53 38.11 35.21
CA TYR C 201 -7.77 38.94 36.14
C TYR C 201 -8.18 40.40 36.03
N ARG C 202 -8.44 40.88 34.82
CA ARG C 202 -8.91 42.25 34.66
C ARG C 202 -10.27 42.46 35.33
N ARG C 203 -11.18 41.49 35.18
CA ARG C 203 -12.47 41.59 35.84
C ARG C 203 -12.32 41.59 37.36
N PHE C 204 -11.44 40.74 37.90
CA PHE C 204 -11.19 40.75 39.32
C PHE C 204 -10.63 42.09 39.79
N VAL C 205 -9.74 42.68 38.99
CA VAL C 205 -9.17 43.97 39.36
C VAL C 205 -10.26 45.02 39.40
N ASP C 206 -11.18 44.99 38.44
CA ASP C 206 -12.32 45.91 38.47
C ASP C 206 -13.14 45.73 39.74
N LEU C 207 -13.46 44.48 40.09
CA LEU C 207 -14.26 44.21 41.27
C LEU C 207 -13.55 44.70 42.54
N PHE C 208 -12.26 44.40 42.66
CA PHE C 208 -11.49 44.80 43.83
C PHE C 208 -11.37 46.31 43.94
N ALA C 209 -11.26 47.00 42.80
CA ALA C 209 -11.20 48.46 42.82
C ALA C 209 -12.53 49.06 43.22
N GLN C 210 -13.64 48.45 42.80
CA GLN C 210 -14.95 49.00 43.14
C GLN C 210 -15.46 48.53 44.50
N TYR C 211 -14.74 47.63 45.18
CA TYR C 211 -15.00 47.38 46.59
C TYR C 211 -14.05 48.11 47.53
N PHE C 212 -12.77 48.25 47.18
CA PHE C 212 -11.76 48.79 48.08
C PHE C 212 -11.09 49.99 47.41
N PRO C 213 -11.71 51.17 47.46
CA PRO C 213 -11.14 52.34 46.79
C PRO C 213 -9.93 52.93 47.49
N ARG C 214 -9.68 52.60 48.76
CA ARG C 214 -8.63 53.26 49.51
C ARG C 214 -7.24 52.79 49.08
N ILE C 215 -7.10 51.50 48.82
CA ILE C 215 -5.77 50.92 48.55
C ILE C 215 -5.23 51.46 47.23
N PRO C 216 -3.95 51.85 47.16
CA PRO C 216 -3.40 52.36 45.89
C PRO C 216 -3.33 51.30 44.80
N GLN C 217 -2.90 51.71 43.61
CA GLN C 217 -2.90 50.81 42.46
C GLN C 217 -1.78 49.77 42.55
N GLU C 218 -0.65 50.13 43.15
CA GLU C 218 0.51 49.24 43.21
C GLU C 218 0.43 48.22 44.33
N ASP C 219 -0.76 47.98 44.90
CA ASP C 219 -0.89 47.04 46.01
C ASP C 219 -1.95 45.96 45.77
N TYR C 220 -2.53 45.91 44.57
CA TYR C 220 -3.43 44.82 44.26
C TYR C 220 -2.65 43.50 44.16
N PRO C 221 -3.30 42.37 44.40
CA PRO C 221 -2.67 41.08 44.10
C PRO C 221 -2.36 40.97 42.62
N THR C 222 -1.24 40.32 42.30
CA THR C 222 -0.76 40.24 40.93
C THR C 222 -1.40 39.06 40.20
N LEU C 223 -1.09 38.96 38.91
CA LEU C 223 -1.61 37.86 38.09
C LEU C 223 -0.89 36.55 38.40
N ARG C 224 0.34 36.63 38.92
CA ARG C 224 1.05 35.43 39.35
C ARG C 224 0.28 34.72 40.46
N GLN C 225 -0.17 35.48 41.47
CA GLN C 225 -0.92 34.90 42.57
C GLN C 225 -2.26 34.35 42.10
N PHE C 226 -2.96 35.09 41.24
CA PHE C 226 -4.24 34.64 40.72
C PHE C 226 -4.10 33.34 39.95
N ARG C 227 -3.09 33.26 39.08
CA ARG C 227 -2.87 32.03 38.30
C ARG C 227 -2.47 30.86 39.19
N TYR C 228 -1.61 31.12 40.18
CA TYR C 228 -1.19 30.05 41.09
C TYR C 228 -2.38 29.50 41.88
N PHE C 229 -3.24 30.40 42.38
CA PHE C 229 -4.44 29.97 43.09
C PHE C 229 -5.35 29.15 42.18
N TYR C 230 -5.58 29.64 40.96
CA TYR C 230 -6.46 28.94 40.04
C TYR C 230 -5.92 27.55 39.70
N ASP C 231 -4.61 27.43 39.53
CA ASP C 231 -4.02 26.13 39.19
C ASP C 231 -4.06 25.18 40.38
N ARG C 232 -3.83 25.68 41.60
CA ARG C 232 -3.81 24.80 42.76
C ARG C 232 -5.21 24.33 43.13
N GLU C 233 -6.18 25.24 43.15
CA GLU C 233 -7.51 24.90 43.66
C GLU C 233 -8.33 24.06 42.68
N TYR C 234 -8.12 24.23 41.38
CA TYR C 234 -8.91 23.55 40.36
C TYR C 234 -7.97 22.81 39.42
N PRO C 235 -7.56 21.59 39.79
CA PRO C 235 -6.64 20.84 38.93
C PRO C 235 -7.28 20.49 37.59
N LYS C 236 -6.44 20.42 36.55
CA LYS C 236 -6.90 20.09 35.22
C LYS C 236 -7.20 18.60 35.09
N ALA C 264 29.89 9.44 14.65
CA ALA C 264 30.36 9.98 13.38
C ALA C 264 29.44 9.55 12.24
N LEU C 265 30.03 8.94 11.21
CA LEU C 265 29.31 8.51 10.03
C LEU C 265 28.98 7.03 10.14
N GLY C 266 27.69 6.71 10.12
CA GLY C 266 27.24 5.34 10.16
C GLY C 266 26.60 4.92 8.85
N PRO C 267 25.87 3.81 8.89
CA PRO C 267 25.21 3.32 7.67
C PRO C 267 24.15 4.30 7.18
N GLY C 268 24.02 4.40 5.86
CA GLY C 268 23.08 5.32 5.26
C GLY C 268 23.54 6.75 5.15
N SER C 269 24.80 7.04 5.50
CA SER C 269 25.28 8.41 5.42
C SER C 269 25.60 8.83 3.99
N ARG C 270 26.11 7.90 3.17
CA ARG C 270 26.41 8.20 1.78
C ARG C 270 26.57 6.91 1.00
N TYR C 271 26.31 7.00 -0.30
CA TYR C 271 26.31 5.87 -1.21
C TYR C 271 27.32 6.10 -2.34
N GLU C 272 27.60 5.02 -3.09
CA GLU C 272 28.54 5.08 -4.20
C GLU C 272 28.07 4.11 -5.27
N ILE C 273 28.57 4.29 -6.49
CA ILE C 273 28.11 3.56 -7.67
C ILE C 273 29.31 2.96 -8.39
N ASP C 274 29.17 1.70 -8.81
CA ASP C 274 30.22 1.00 -9.56
C ASP C 274 29.58 0.20 -10.69
N ALA C 275 30.39 -0.21 -11.66
CA ALA C 275 29.88 -0.94 -12.82
C ALA C 275 30.96 -1.85 -13.40
N THR C 276 30.51 -2.84 -14.17
CA THR C 276 31.41 -3.79 -14.82
C THR C 276 30.69 -4.42 -16.02
N ILE C 277 31.45 -5.16 -16.83
CA ILE C 277 30.95 -5.79 -18.04
C ILE C 277 31.30 -7.28 -18.02
N ALA C 278 30.37 -8.11 -18.49
CA ALA C 278 30.57 -9.54 -18.61
C ALA C 278 30.56 -9.93 -20.09
N ASP C 279 31.49 -10.81 -20.47
CA ASP C 279 31.71 -11.11 -21.89
C ASP C 279 30.66 -12.04 -22.48
N ILE C 280 30.02 -12.88 -21.67
CA ILE C 280 29.10 -13.88 -22.20
C ILE C 280 27.93 -13.20 -22.89
N TYR C 281 27.45 -13.82 -23.96
CA TYR C 281 26.25 -13.37 -24.66
C TYR C 281 25.03 -14.09 -24.11
N LEU C 282 23.96 -13.34 -23.89
CA LEU C 282 22.76 -13.87 -23.27
C LEU C 282 21.72 -14.24 -24.34
N VAL C 283 20.73 -15.02 -23.91
CA VAL C 283 19.72 -15.59 -24.79
C VAL C 283 18.36 -15.38 -24.17
N ASP C 284 17.36 -15.07 -25.01
CA ASP C 284 16.00 -14.93 -24.52
C ASP C 284 15.52 -16.25 -23.91
N HIS C 285 14.80 -16.15 -22.79
CA HIS C 285 14.38 -17.35 -22.07
C HIS C 285 13.29 -18.09 -22.81
N HIS C 286 12.27 -17.37 -23.30
CA HIS C 286 11.15 -18.02 -23.96
C HIS C 286 11.55 -18.56 -25.33
N ASP C 287 12.27 -17.77 -26.11
CA ASP C 287 12.76 -18.18 -27.42
C ASP C 287 14.28 -18.31 -27.33
N ARG C 288 14.78 -19.54 -27.43
CA ARG C 288 16.20 -19.82 -27.26
C ARG C 288 17.04 -19.44 -28.48
N GLN C 289 16.48 -18.71 -29.44
CA GLN C 289 17.23 -18.28 -30.62
C GLN C 289 17.56 -16.80 -30.61
N LYS C 290 16.80 -15.98 -29.89
CA LYS C 290 17.07 -14.55 -29.86
C LYS C 290 18.31 -14.26 -29.04
N ILE C 291 19.08 -13.27 -29.48
CA ILE C 291 20.31 -12.84 -28.83
C ILE C 291 20.14 -11.40 -28.37
N ILE C 292 20.46 -11.14 -27.11
CA ILE C 292 20.32 -9.80 -26.54
C ILE C 292 21.66 -9.08 -26.61
N GLY C 293 22.67 -9.66 -25.99
CA GLY C 293 24.00 -9.09 -26.01
C GLY C 293 24.69 -9.31 -24.68
N ARG C 294 25.94 -8.88 -24.62
CA ARG C 294 26.72 -9.01 -23.39
C ARG C 294 26.19 -8.01 -22.36
N PRO C 295 26.07 -8.42 -21.10
CA PRO C 295 25.43 -7.55 -20.10
C PRO C 295 26.43 -6.65 -19.39
N THR C 296 25.88 -5.59 -18.80
CA THR C 296 26.62 -4.65 -17.97
C THR C 296 25.91 -4.54 -16.64
N LEU C 297 26.69 -4.53 -15.55
CA LEU C 297 26.16 -4.56 -14.20
C LEU C 297 26.51 -3.27 -13.47
N TYR C 298 25.50 -2.66 -12.85
CA TYR C 298 25.67 -1.51 -11.97
C TYR C 298 25.33 -1.93 -10.55
N ILE C 299 26.12 -1.46 -9.59
CA ILE C 299 25.88 -1.76 -8.17
C ILE C 299 26.03 -0.49 -7.34
N VAL C 300 25.31 -0.46 -6.22
CA VAL C 300 25.35 0.65 -5.27
C VAL C 300 25.91 0.12 -3.95
N ILE C 301 26.83 0.88 -3.36
CA ILE C 301 27.60 0.46 -2.20
C ILE C 301 27.47 1.48 -1.09
N ASP C 302 27.25 1.01 0.13
CA ASP C 302 27.33 1.84 1.32
C ASP C 302 28.80 2.06 1.68
N VAL C 303 29.17 3.31 1.96
CA VAL C 303 30.57 3.62 2.22
C VAL C 303 31.01 3.06 3.58
N PHE C 304 30.15 3.17 4.59
CA PHE C 304 30.54 2.80 5.95
C PHE C 304 30.75 1.30 6.09
N SER C 305 29.69 0.52 5.86
CA SER C 305 29.75 -0.93 6.06
C SER C 305 30.20 -1.69 4.82
N ARG C 306 30.36 -1.02 3.68
CA ARG C 306 30.73 -1.66 2.42
C ARG C 306 29.72 -2.73 2.01
N MET C 307 28.45 -2.49 2.27
CA MET C 307 27.38 -3.43 1.95
C MET C 307 26.67 -2.98 0.68
N ILE C 308 26.26 -3.95 -0.14
CA ILE C 308 25.62 -3.67 -1.42
C ILE C 308 24.13 -3.51 -1.22
N THR C 309 23.57 -2.43 -1.75
CA THR C 309 22.17 -2.07 -1.53
C THR C 309 21.28 -2.22 -2.74
N GLY C 310 21.82 -2.15 -3.95
CA GLY C 310 21.00 -2.26 -5.15
C GLY C 310 21.84 -2.50 -6.37
N PHE C 311 21.16 -2.94 -7.44
CA PHE C 311 21.85 -3.36 -8.66
C PHE C 311 20.95 -3.12 -9.86
N TYR C 312 21.56 -3.16 -11.04
CA TYR C 312 20.82 -3.03 -12.30
C TYR C 312 21.63 -3.67 -13.42
N ILE C 313 20.93 -4.25 -14.39
CA ILE C 313 21.54 -4.92 -15.52
C ILE C 313 21.09 -4.22 -16.81
N GLY C 314 22.05 -3.73 -17.58
CA GLY C 314 21.74 -3.05 -18.83
C GLY C 314 22.59 -3.57 -19.96
N PHE C 315 22.01 -3.55 -21.17
CA PHE C 315 22.62 -4.15 -22.35
C PHE C 315 23.17 -3.12 -23.32
N GLU C 316 23.73 -2.02 -22.80
CA GLU C 316 24.32 -0.99 -23.62
C GLU C 316 25.60 -0.50 -22.95
N ASN C 317 26.16 0.59 -23.47
CA ASN C 317 27.38 1.12 -22.90
C ASN C 317 27.10 1.78 -21.55
N PRO C 318 28.01 1.65 -20.58
CA PRO C 318 27.79 2.26 -19.27
C PRO C 318 27.73 3.78 -19.35
N SER C 319 26.86 4.37 -18.53
CA SER C 319 26.74 5.82 -18.44
C SER C 319 26.08 6.16 -17.11
N TYR C 320 26.23 7.42 -16.70
CA TYR C 320 25.69 7.87 -15.42
C TYR C 320 24.18 8.07 -15.46
N VAL C 321 23.60 8.23 -16.63
CA VAL C 321 22.15 8.38 -16.73
C VAL C 321 21.46 7.08 -16.40
N VAL C 322 22.05 5.95 -16.77
CA VAL C 322 21.40 4.65 -16.59
C VAL C 322 21.62 4.10 -15.18
N ALA C 323 22.70 4.52 -14.50
CA ALA C 323 22.94 4.07 -13.13
C ALA C 323 21.88 4.57 -12.16
N MET C 324 21.12 5.59 -12.54
CA MET C 324 20.05 6.08 -11.67
C MET C 324 18.96 5.03 -11.48
N GLN C 325 18.81 4.09 -12.40
CA GLN C 325 17.88 2.99 -12.17
C GLN C 325 18.39 2.03 -11.11
N ALA C 326 19.71 1.83 -11.05
CA ALA C 326 20.29 1.09 -9.94
C ALA C 326 20.08 1.83 -8.62
N PHE C 327 20.20 3.16 -8.65
CA PHE C 327 19.92 3.94 -7.43
C PHE C 327 18.46 3.81 -7.01
N VAL C 328 17.54 3.79 -7.97
CA VAL C 328 16.13 3.61 -7.67
C VAL C 328 15.89 2.25 -7.04
N ASN C 329 16.53 1.20 -7.60
CA ASN C 329 16.39 -0.13 -7.03
C ASN C 329 16.96 -0.20 -5.61
N ALA C 330 18.05 0.53 -5.36
CA ALA C 330 18.70 0.47 -4.06
C ALA C 330 17.84 1.02 -2.92
N CYS C 331 16.80 1.79 -3.23
CA CYS C 331 15.98 2.44 -2.21
C CYS C 331 14.63 1.75 -2.02
N SER C 332 14.46 0.55 -2.55
CA SER C 332 13.19 -0.16 -2.50
C SER C 332 13.33 -1.45 -1.70
N ASP C 333 12.23 -2.18 -1.61
CA ASP C 333 12.18 -3.46 -0.92
C ASP C 333 12.32 -4.58 -1.95
N LYS C 334 13.32 -5.44 -1.75
CA LYS C 334 13.70 -6.45 -2.74
C LYS C 334 13.05 -7.80 -2.48
N THR C 335 12.04 -7.87 -1.62
CA THR C 335 11.36 -9.15 -1.38
C THR C 335 10.69 -9.67 -2.64
N ALA C 336 10.01 -8.78 -3.38
CA ALA C 336 9.26 -9.21 -4.55
C ALA C 336 10.18 -9.69 -5.67
N ILE C 337 11.27 -8.95 -5.91
CA ILE C 337 12.18 -9.32 -7.00
C ILE C 337 12.87 -10.64 -6.70
N CYS C 338 13.21 -10.89 -5.44
CA CYS C 338 13.80 -12.17 -5.07
C CYS C 338 12.78 -13.29 -5.13
N ALA C 339 11.54 -13.03 -4.72
CA ALA C 339 10.50 -14.06 -4.78
C ALA C 339 10.20 -14.46 -6.20
N GLN C 340 10.20 -13.49 -7.13
CA GLN C 340 9.92 -13.78 -8.53
C GLN C 340 10.99 -14.65 -9.17
N HIS C 341 12.20 -14.67 -8.62
CA HIS C 341 13.30 -15.48 -9.15
C HIS C 341 13.50 -16.76 -8.35
N ASP C 342 12.42 -17.31 -7.80
CA ASP C 342 12.40 -18.58 -7.06
C ASP C 342 13.29 -18.56 -5.83
N ILE C 343 13.55 -17.38 -5.26
CA ILE C 343 14.38 -17.25 -4.06
C ILE C 343 13.49 -16.77 -2.92
N GLU C 344 13.57 -17.45 -1.77
CA GLU C 344 12.85 -17.06 -0.58
C GLU C 344 13.76 -16.24 0.31
N ILE C 345 13.31 -15.05 0.71
CA ILE C 345 14.12 -14.10 1.45
C ILE C 345 13.37 -13.65 2.69
N SER C 346 14.11 -13.16 3.68
CA SER C 346 13.49 -12.62 4.89
C SER C 346 13.94 -11.18 4.97
N SER C 347 13.30 -10.38 5.80
CA SER C 347 13.64 -8.97 5.94
C SER C 347 15.06 -8.82 6.45
N SER C 348 15.46 -9.70 7.36
CA SER C 348 16.79 -9.63 7.94
C SER C 348 17.90 -9.80 6.93
N ASP C 349 17.68 -10.64 5.92
CA ASP C 349 18.72 -10.90 4.94
C ASP C 349 19.15 -9.69 4.14
N TRP C 350 18.21 -8.86 3.71
CA TRP C 350 18.57 -7.62 3.02
C TRP C 350 17.82 -6.47 3.66
N PRO C 351 18.36 -5.94 4.77
CA PRO C 351 17.67 -4.86 5.47
C PRO C 351 18.01 -3.46 4.94
N CYS C 352 17.68 -3.16 3.68
CA CYS C 352 18.06 -1.87 3.07
C CYS C 352 16.93 -1.17 2.30
N VAL C 353 15.99 -0.54 2.99
CA VAL C 353 14.92 0.21 2.32
C VAL C 353 14.94 1.65 2.78
N GLY C 354 14.92 2.60 1.85
CA GLY C 354 14.89 3.99 2.22
C GLY C 354 15.91 4.86 1.54
N LEU C 355 15.76 6.17 1.67
CA LEU C 355 16.64 7.13 1.01
C LEU C 355 17.93 7.34 1.78
N PRO C 356 19.04 7.56 1.09
CA PRO C 356 20.30 7.90 1.78
C PRO C 356 20.37 9.37 2.16
N ASP C 357 21.52 9.80 2.68
CA ASP C 357 21.76 11.20 2.99
C ASP C 357 22.59 11.92 1.94
N VAL C 358 23.53 11.24 1.30
CA VAL C 358 24.42 11.84 0.31
C VAL C 358 24.65 10.83 -0.81
N LEU C 359 24.70 11.32 -2.04
CA LEU C 359 25.09 10.51 -3.20
C LEU C 359 26.42 11.02 -3.73
N LEU C 360 27.31 10.08 -4.07
CA LEU C 360 28.67 10.42 -4.52
C LEU C 360 28.73 10.22 -6.03
N ALA C 361 28.56 11.32 -6.77
CA ALA C 361 28.62 11.28 -8.23
C ALA C 361 28.89 12.69 -8.73
N ASP C 362 29.37 12.78 -9.97
CA ASP C 362 29.71 14.06 -10.56
C ASP C 362 28.52 14.62 -11.32
N ARG C 363 28.18 15.88 -11.04
CA ARG C 363 27.02 16.53 -11.65
C ARG C 363 27.21 16.77 -13.14
N GLY C 364 28.44 16.79 -13.63
CA GLY C 364 28.68 17.11 -15.03
C GLY C 364 28.11 16.08 -15.99
N GLU C 365 28.10 14.81 -15.58
CA GLU C 365 27.66 13.73 -16.45
C GLU C 365 26.18 13.40 -16.31
N LEU C 366 25.48 14.04 -15.38
CA LEU C 366 24.05 13.81 -15.16
C LEU C 366 23.23 14.89 -15.86
N MET C 367 21.95 14.61 -16.02
CA MET C 367 21.03 15.57 -16.62
C MET C 367 20.53 16.55 -15.56
N SER C 368 20.23 17.78 -16.00
CA SER C 368 19.93 18.85 -15.06
C SER C 368 18.68 18.56 -14.24
N HIS C 369 17.64 18.00 -14.87
CA HIS C 369 16.42 17.71 -14.13
C HIS C 369 16.65 16.65 -13.06
N GLN C 370 17.54 15.68 -13.31
CA GLN C 370 17.84 14.68 -12.30
C GLN C 370 18.53 15.32 -11.09
N VAL C 371 19.49 16.21 -11.33
CA VAL C 371 20.17 16.91 -10.24
C VAL C 371 19.18 17.75 -9.45
N GLU C 372 18.28 18.45 -10.14
CA GLU C 372 17.31 19.29 -9.46
C GLU C 372 16.35 18.44 -8.62
N ALA C 373 15.91 17.31 -9.16
CA ALA C 373 15.01 16.42 -8.42
C ALA C 373 15.69 15.85 -7.19
N LEU C 374 16.97 15.48 -7.31
CA LEU C 374 17.68 14.95 -6.15
C LEU C 374 17.89 16.02 -5.07
N VAL C 375 18.35 17.20 -5.47
CA VAL C 375 18.71 18.22 -4.49
C VAL C 375 17.46 18.81 -3.83
N SER C 376 16.46 19.16 -4.64
CA SER C 376 15.33 19.93 -4.13
C SER C 376 14.13 19.06 -3.75
N SER C 377 13.74 18.13 -4.61
CA SER C 377 12.50 17.40 -4.39
C SER C 377 12.61 16.34 -3.29
N PHE C 378 13.80 15.75 -3.11
CA PHE C 378 13.97 14.66 -2.16
C PHE C 378 15.02 14.92 -1.09
N ASN C 379 15.73 16.06 -1.16
CA ASN C 379 16.71 16.45 -0.15
C ASN C 379 17.83 15.42 -0.02
N VAL C 380 18.54 15.22 -1.14
CA VAL C 380 19.73 14.37 -1.18
C VAL C 380 20.87 15.19 -1.75
N ARG C 381 21.93 15.37 -0.97
CA ARG C 381 23.07 16.18 -1.39
C ARG C 381 24.00 15.39 -2.29
N VAL C 382 24.51 16.06 -3.32
CA VAL C 382 25.38 15.44 -4.33
C VAL C 382 26.68 16.21 -4.39
N GLU C 383 27.80 15.50 -4.24
CA GLU C 383 29.12 16.10 -4.41
C GLU C 383 30.05 15.07 -5.05
N SER C 384 31.34 15.39 -5.05
CA SER C 384 32.32 14.65 -5.85
C SER C 384 32.44 13.20 -5.40
N ALA C 385 32.70 12.32 -6.37
CA ALA C 385 32.86 10.88 -6.18
C ALA C 385 34.32 10.53 -5.99
N PRO C 386 34.67 9.78 -4.95
CA PRO C 386 36.06 9.35 -4.76
C PRO C 386 36.44 8.29 -5.77
N PRO C 387 37.74 8.03 -5.94
CA PRO C 387 38.15 6.97 -6.87
C PRO C 387 37.57 5.62 -6.47
N ARG C 388 37.21 4.83 -7.48
CA ARG C 388 36.48 3.59 -7.28
C ARG C 388 37.40 2.38 -7.34
N ARG C 389 36.98 1.31 -6.68
CA ARG C 389 37.68 0.03 -6.69
C ARG C 389 36.81 -1.03 -7.33
N GLY C 390 37.43 -2.17 -7.62
CA GLY C 390 36.75 -3.23 -8.35
C GLY C 390 35.87 -4.14 -7.51
N ASP C 391 34.70 -3.64 -7.11
CA ASP C 391 33.75 -4.48 -6.37
C ASP C 391 32.88 -5.30 -7.32
N ALA C 392 32.39 -4.69 -8.40
CA ALA C 392 31.54 -5.42 -9.33
C ALA C 392 32.30 -6.52 -10.05
N LYS C 393 33.55 -6.23 -10.46
CA LYS C 393 34.37 -7.27 -11.06
C LYS C 393 34.65 -8.38 -10.06
N GLY C 394 34.87 -8.04 -8.79
CA GLY C 394 35.00 -9.05 -7.76
C GLY C 394 33.76 -9.92 -7.64
N ILE C 395 32.59 -9.32 -7.83
CA ILE C 395 31.36 -10.10 -7.85
C ILE C 395 31.33 -11.05 -9.04
N VAL C 396 31.75 -10.57 -10.21
CA VAL C 396 31.54 -11.34 -11.44
C VAL C 396 32.76 -12.13 -11.90
N GLU C 397 33.97 -11.75 -11.48
CA GLU C 397 35.18 -12.44 -11.95
C GLU C 397 35.25 -13.90 -11.52
N SER C 398 34.45 -14.32 -10.53
CA SER C 398 34.54 -15.68 -10.02
C SER C 398 34.22 -16.71 -11.09
N THR C 399 33.40 -16.35 -12.08
CA THR C 399 32.97 -17.31 -13.07
C THR C 399 32.94 -16.79 -14.52
N PHE C 400 33.29 -15.53 -14.75
CA PHE C 400 33.25 -14.98 -16.10
C PHE C 400 34.48 -14.13 -16.36
N ARG C 401 34.78 -13.94 -17.64
CA ARG C 401 35.82 -13.03 -18.07
C ARG C 401 35.24 -11.64 -18.24
N THR C 402 36.01 -10.62 -17.84
CA THR C 402 35.50 -9.26 -17.75
C THR C 402 36.36 -8.30 -18.56
N LEU C 403 35.71 -7.31 -19.14
CA LEU C 403 36.37 -6.20 -19.81
C LEU C 403 36.24 -4.94 -18.97
N GLN C 404 37.25 -4.07 -19.06
CA GLN C 404 37.21 -2.82 -18.30
C GLN C 404 36.07 -1.94 -18.78
N ALA C 405 35.34 -1.36 -17.83
CA ALA C 405 34.18 -0.53 -18.12
C ALA C 405 34.51 0.92 -17.87
N GLU C 406 34.21 1.77 -18.84
CA GLU C 406 34.43 3.21 -18.74
C GLU C 406 33.11 3.94 -18.97
N PHE C 407 32.86 4.96 -18.17
CA PHE C 407 31.62 5.71 -18.27
C PHE C 407 31.70 6.72 -19.41
N LYS C 408 30.74 6.66 -20.32
CA LYS C 408 30.65 7.56 -21.46
C LYS C 408 29.36 8.37 -21.39
N SER C 409 29.11 9.14 -22.44
CA SER C 409 27.95 10.02 -22.48
C SER C 409 26.72 9.28 -22.98
N PHE C 410 25.55 9.78 -22.58
CA PHE C 410 24.28 9.25 -23.04
C PHE C 410 24.02 9.72 -24.47
N ALA C 411 23.79 8.77 -25.37
CA ALA C 411 23.63 9.05 -26.81
C ALA C 411 22.37 8.35 -27.33
N PRO C 412 21.21 8.94 -27.16
CA PRO C 412 19.98 8.37 -27.72
C PRO C 412 19.68 8.92 -29.11
N GLY C 413 18.97 8.10 -29.89
CA GLY C 413 18.54 8.47 -31.21
C GLY C 413 19.19 7.63 -32.29
N ILE C 414 18.97 8.03 -33.53
CA ILE C 414 19.51 7.31 -34.69
C ILE C 414 21.02 7.44 -34.72
N ALA C 432 26.80 -19.98 -26.79
CA ALA C 432 26.18 -19.39 -25.62
C ALA C 432 24.67 -19.59 -25.64
N SER C 433 24.16 -20.35 -24.67
CA SER C 433 22.74 -20.62 -24.56
C SER C 433 22.18 -20.27 -23.18
N LEU C 434 22.93 -19.54 -22.36
CA LEU C 434 22.44 -19.16 -21.05
C LEU C 434 21.44 -18.02 -21.17
N SER C 435 20.39 -18.08 -20.35
CA SER C 435 19.33 -17.08 -20.37
C SER C 435 19.54 -16.04 -19.29
N VAL C 436 18.81 -14.94 -19.41
CA VAL C 436 18.95 -13.84 -18.46
C VAL C 436 18.43 -14.24 -17.08
N PHE C 437 17.44 -15.14 -17.04
CA PHE C 437 16.88 -15.56 -15.76
C PHE C 437 17.91 -16.27 -14.90
N GLU C 438 18.64 -17.22 -15.48
CA GLU C 438 19.68 -17.93 -14.73
C GLU C 438 20.81 -16.99 -14.34
N PHE C 439 21.19 -16.07 -15.23
CA PHE C 439 22.22 -15.10 -14.92
C PHE C 439 21.83 -14.24 -13.73
N THR C 440 20.58 -13.77 -13.72
CA THR C 440 20.10 -12.96 -12.61
C THR C 440 20.07 -13.76 -11.32
N GLN C 441 19.66 -15.02 -11.38
CA GLN C 441 19.67 -15.86 -10.19
C GLN C 441 21.09 -16.03 -9.65
N ILE C 442 22.05 -16.27 -10.54
CA ILE C 442 23.44 -16.46 -10.11
C ILE C 442 23.96 -15.19 -9.44
N ILE C 443 23.70 -14.05 -10.07
CA ILE C 443 24.19 -12.78 -9.52
C ILE C 443 23.55 -12.49 -8.17
N LEU C 444 22.24 -12.74 -8.06
CA LEU C 444 21.54 -12.49 -6.80
C LEU C 444 22.09 -13.36 -5.68
N ARG C 445 22.31 -14.65 -5.95
CA ARG C 445 22.83 -15.54 -4.92
C ARG C 445 24.26 -15.17 -4.55
N THR C 446 25.07 -14.77 -5.53
CA THR C 446 26.42 -14.30 -5.24
C THR C 446 26.41 -13.07 -4.34
N ILE C 447 25.51 -12.12 -4.64
CA ILE C 447 25.40 -10.92 -3.81
C ILE C 447 24.97 -11.28 -2.40
N LEU C 448 24.00 -12.19 -2.28
CA LEU C 448 23.54 -12.62 -0.96
C LEU C 448 24.68 -13.24 -0.15
N PHE C 449 25.45 -14.14 -0.77
CA PHE C 449 26.56 -14.76 -0.06
C PHE C 449 27.62 -13.73 0.33
N ARG C 450 27.98 -12.83 -0.59
CA ARG C 450 29.00 -11.84 -0.31
C ARG C 450 28.57 -10.89 0.81
N ASN C 451 27.28 -10.54 0.85
CA ASN C 451 26.81 -9.64 1.89
C ASN C 451 26.74 -10.34 3.25
N ASN C 452 26.22 -11.58 3.29
CA ASN C 452 25.83 -12.18 4.56
C ASN C 452 26.97 -12.91 5.27
N HIS C 453 27.80 -13.66 4.54
CA HIS C 453 28.71 -14.61 5.18
C HIS C 453 30.19 -14.33 4.95
N LEU C 454 30.57 -13.70 3.85
CA LEU C 454 31.98 -13.52 3.54
C LEU C 454 32.60 -12.48 4.47
N VAL C 455 33.83 -12.73 4.90
CA VAL C 455 34.54 -11.88 5.84
C VAL C 455 35.61 -11.09 5.09
N MET C 456 35.60 -9.77 5.25
CA MET C 456 36.58 -8.90 4.61
C MET C 456 37.84 -8.85 5.45
N ASP C 457 38.99 -8.97 4.79
CA ASP C 457 40.28 -8.98 5.48
C ASP C 457 40.96 -7.62 5.47
N LYS C 458 40.87 -6.87 4.37
CA LYS C 458 41.51 -5.57 4.24
C LYS C 458 40.69 -4.45 4.85
N TYR C 459 39.51 -4.74 5.38
CA TYR C 459 38.67 -3.71 5.98
C TYR C 459 39.38 -3.08 7.18
N ASP C 460 39.31 -1.75 7.25
CA ASP C 460 39.95 -1.01 8.33
C ASP C 460 38.97 -0.82 9.48
N ARG C 461 39.42 -1.13 10.69
CA ARG C 461 38.60 -1.02 11.88
C ARG C 461 39.00 0.21 12.69
N ASP C 462 38.02 1.00 13.10
CA ASP C 462 38.29 2.17 13.93
C ASP C 462 38.46 1.74 15.39
N ALA C 463 38.83 2.72 16.23
CA ALA C 463 39.10 2.43 17.63
C ALA C 463 37.84 1.98 18.36
N ASP C 464 36.71 2.61 18.07
CA ASP C 464 35.48 2.37 18.83
C ASP C 464 34.68 1.21 18.23
N PHE C 465 35.27 0.02 18.25
CA PHE C 465 34.60 -1.21 17.87
C PHE C 465 34.86 -2.29 18.92
N PRO C 466 33.85 -3.07 19.28
CA PRO C 466 34.09 -4.22 20.16
C PRO C 466 34.96 -5.27 19.48
N THR C 467 35.71 -6.01 20.29
CA THR C 467 36.58 -7.06 19.78
C THR C 467 35.81 -8.28 19.30
N ASP C 468 34.51 -8.37 19.58
CA ASP C 468 33.70 -9.50 19.18
C ASP C 468 32.87 -9.20 17.93
N LEU C 469 33.22 -8.14 17.19
CA LEU C 469 32.48 -7.78 15.99
C LEU C 469 33.26 -8.22 14.77
N PRO C 470 32.80 -9.23 14.03
CA PRO C 470 33.50 -9.64 12.81
C PRO C 470 33.32 -8.61 11.70
N SER C 471 34.24 -8.67 10.74
CA SER C 471 34.18 -7.78 9.57
C SER C 471 33.24 -8.35 8.51
N ILE C 472 31.97 -8.40 8.86
CA ILE C 472 30.90 -8.83 7.97
C ILE C 472 29.96 -7.65 7.77
N PRO C 473 29.57 -7.33 6.53
CA PRO C 473 28.79 -6.09 6.30
C PRO C 473 27.48 -6.03 7.07
N VAL C 474 26.78 -7.15 7.23
CA VAL C 474 25.47 -7.11 7.89
C VAL C 474 25.62 -6.82 9.38
N GLN C 475 26.65 -7.39 10.02
CA GLN C 475 26.88 -7.10 11.43
C GLN C 475 27.22 -5.62 11.64
N LEU C 476 28.05 -5.06 10.75
CA LEU C 476 28.36 -3.63 10.84
C LEU C 476 27.11 -2.79 10.62
N TRP C 477 26.25 -3.20 9.68
CA TRP C 477 25.01 -2.47 9.44
C TRP C 477 24.14 -2.46 10.68
N GLN C 478 23.96 -3.62 11.32
CA GLN C 478 23.12 -3.70 12.51
C GLN C 478 23.74 -2.92 13.67
N TRP C 479 25.06 -2.98 13.82
CA TRP C 479 25.73 -2.21 14.88
C TRP C 479 25.53 -0.72 14.67
N GLY C 480 25.64 -0.25 13.43
CA GLY C 480 25.39 1.15 13.15
C GLY C 480 23.95 1.55 13.40
N MET C 481 23.00 0.68 13.04
CA MET C 481 21.60 0.95 13.32
C MET C 481 21.36 1.09 14.82
N GLN C 482 21.97 0.22 15.63
CA GLN C 482 21.72 0.24 17.06
C GLN C 482 22.59 1.24 17.81
N HIS C 483 23.60 1.84 17.17
CA HIS C 483 24.54 2.69 17.89
C HIS C 483 24.86 4.03 17.24
N ARG C 484 24.70 4.17 15.92
CA ARG C 484 25.23 5.35 15.25
C ARG C 484 24.16 6.25 14.64
N THR C 485 23.32 5.75 13.74
CA THR C 485 22.54 6.64 12.87
C THR C 485 21.05 6.38 12.85
N GLY C 486 20.55 5.47 13.67
CA GLY C 486 19.11 5.25 13.72
C GLY C 486 18.55 4.54 12.51
N SER C 487 17.85 5.25 11.64
CA SER C 487 17.19 4.65 10.48
C SER C 487 17.20 5.63 9.32
N LEU C 488 16.64 5.18 8.20
CA LEU C 488 16.55 5.95 6.97
C LEU C 488 15.16 6.53 6.79
N ARG C 489 15.03 7.45 5.84
CA ARG C 489 13.75 8.10 5.57
C ARG C 489 12.92 7.25 4.60
N ALA C 490 11.63 7.56 4.55
CA ALA C 490 10.68 6.83 3.73
C ALA C 490 10.37 7.56 2.44
N VAL C 491 10.04 6.79 1.41
CA VAL C 491 9.78 7.32 0.08
C VAL C 491 8.84 6.37 -0.66
N GLU C 492 8.06 6.92 -1.59
CA GLU C 492 7.19 6.13 -2.44
C GLU C 492 7.88 5.89 -3.78
N GLN C 493 7.74 4.67 -4.31
CA GLN C 493 8.64 4.20 -5.35
C GLN C 493 8.32 4.80 -6.71
N GLU C 494 7.04 4.96 -7.03
CA GLU C 494 6.66 5.38 -8.38
C GLU C 494 7.15 6.79 -8.69
N GLN C 495 7.00 7.72 -7.73
CA GLN C 495 7.43 9.09 -7.96
C GLN C 495 8.93 9.16 -8.17
N LEU C 496 9.71 8.44 -7.35
CA LEU C 496 11.16 8.43 -7.50
C LEU C 496 11.57 7.80 -8.83
N ARG C 497 10.88 6.73 -9.24
CA ARG C 497 11.22 6.06 -10.49
C ARG C 497 10.95 6.96 -11.69
N VAL C 498 9.80 7.64 -11.72
CA VAL C 498 9.48 8.49 -12.85
C VAL C 498 10.36 9.74 -12.87
N ALA C 499 10.64 10.30 -11.69
CA ALA C 499 11.37 11.57 -11.63
C ALA C 499 12.80 11.46 -12.12
N LEU C 500 13.36 10.25 -12.25
CA LEU C 500 14.74 10.07 -12.64
C LEU C 500 14.93 9.52 -14.05
N LEU C 501 13.85 9.30 -14.79
CA LEU C 501 13.97 8.82 -16.16
C LEU C 501 14.41 9.95 -17.09
N PRO C 502 15.04 9.62 -18.22
CA PRO C 502 15.33 10.65 -19.23
C PRO C 502 14.06 11.16 -19.87
N ARG C 503 14.11 12.42 -20.32
CA ARG C 503 12.94 13.09 -20.87
C ARG C 503 13.33 13.87 -22.12
N ARG C 504 12.33 14.07 -22.99
CA ARG C 504 12.53 14.77 -24.25
C ARG C 504 11.30 15.59 -24.62
N LYS C 505 11.51 16.61 -25.44
CA LYS C 505 10.41 17.43 -25.93
C LYS C 505 9.51 16.64 -26.88
N VAL C 506 8.21 16.85 -26.74
CA VAL C 506 7.23 16.14 -27.55
C VAL C 506 6.41 17.15 -28.35
N SER C 507 5.64 16.64 -29.30
CA SER C 507 4.72 17.49 -30.06
C SER C 507 3.29 16.99 -29.87
N ILE C 508 2.33 17.89 -30.05
CA ILE C 508 0.91 17.60 -29.84
C ILE C 508 0.15 17.92 -31.12
N SER C 509 -0.71 17.00 -31.55
CA SER C 509 -1.56 17.25 -32.70
C SER C 509 -2.86 16.46 -32.52
N SER C 510 -3.71 16.49 -33.54
CA SER C 510 -4.98 15.78 -33.49
C SER C 510 -4.81 14.27 -33.52
N PHE C 511 -3.61 13.78 -33.80
CA PHE C 511 -3.31 12.36 -33.70
C PHE C 511 -2.69 11.98 -32.37
N GLY C 512 -2.56 12.94 -31.44
CA GLY C 512 -2.06 12.64 -30.11
C GLY C 512 -0.71 13.26 -29.81
N VAL C 513 0.07 12.59 -28.97
CA VAL C 513 1.41 13.04 -28.59
C VAL C 513 2.43 12.30 -29.44
N ASN C 514 3.33 13.04 -30.04
CA ASN C 514 4.38 12.49 -30.89
C ASN C 514 5.72 12.59 -30.16
N LEU C 515 6.35 11.43 -29.96
CA LEU C 515 7.68 11.30 -29.35
C LEU C 515 8.49 10.31 -30.16
N TRP C 516 9.65 10.76 -30.68
CA TRP C 516 10.56 9.91 -31.44
C TRP C 516 9.91 9.33 -32.69
N GLY C 517 8.89 9.99 -33.20
CA GLY C 517 8.15 9.49 -34.35
C GLY C 517 7.00 8.57 -34.01
N LEU C 518 6.82 8.21 -32.75
CA LEU C 518 5.72 7.36 -32.32
C LEU C 518 4.61 8.21 -31.74
N TYR C 519 3.40 7.63 -31.69
CA TYR C 519 2.20 8.34 -31.30
C TYR C 519 1.55 7.69 -30.09
N TYR C 520 1.14 8.51 -29.14
CA TYR C 520 0.59 8.06 -27.86
C TYR C 520 -0.67 8.85 -27.53
N SER C 521 -1.52 8.26 -26.70
CA SER C 521 -2.77 8.88 -26.30
C SER C 521 -3.17 8.40 -24.91
N GLY C 522 -4.01 9.20 -24.25
CA GLY C 522 -4.46 8.89 -22.91
C GLY C 522 -5.82 9.52 -22.64
N SER C 523 -6.34 9.26 -21.44
CA SER C 523 -7.68 9.72 -21.10
C SER C 523 -7.70 11.16 -20.57
N GLU C 524 -6.58 11.64 -20.02
CA GLU C 524 -6.55 12.99 -19.47
C GLU C 524 -6.55 14.04 -20.58
N ILE C 525 -5.82 13.78 -21.66
CA ILE C 525 -5.78 14.73 -22.77
C ILE C 525 -7.14 14.83 -23.44
N LEU C 526 -7.92 13.74 -23.42
CA LEU C 526 -9.25 13.77 -24.01
C LEU C 526 -10.23 14.56 -23.14
N ARG C 527 -10.19 14.34 -21.82
CA ARG C 527 -11.12 15.05 -20.95
C ARG C 527 -10.79 16.53 -20.88
N GLU C 528 -9.50 16.87 -20.91
CA GLU C 528 -9.11 18.27 -20.76
C GLU C 528 -9.29 19.05 -22.05
N GLY C 529 -9.70 18.36 -23.13
CA GLY C 529 -9.97 19.02 -24.41
C GLY C 529 -8.75 19.75 -24.88
N TRP C 530 -7.61 19.08 -24.85
CA TRP C 530 -6.36 19.74 -25.17
C TRP C 530 -6.04 19.73 -26.64
N LEU C 531 -6.34 18.66 -27.32
CA LEU C 531 -6.07 18.50 -28.75
C LEU C 531 -6.56 19.70 -29.56
N GLN C 532 -7.53 20.44 -29.04
CA GLN C 532 -8.04 21.59 -29.78
C GLN C 532 -7.30 22.87 -29.39
N ARG C 533 -7.21 23.16 -28.10
CA ARG C 533 -6.62 24.42 -27.65
C ARG C 533 -5.12 24.33 -27.40
N SER C 534 -4.50 23.19 -27.70
CA SER C 534 -3.05 23.03 -27.63
C SER C 534 -2.52 22.45 -28.93
N THR C 535 -2.99 23.01 -30.04
CA THR C 535 -2.65 22.55 -31.39
C THR C 535 -2.96 21.07 -31.57
N GLN C 541 3.74 25.92 -27.22
CA GLN C 541 3.80 24.86 -26.21
C GLN C 541 5.10 24.07 -26.32
N HIS C 542 5.81 23.96 -25.20
CA HIS C 542 7.08 23.23 -25.11
C HIS C 542 6.93 22.22 -23.98
N LEU C 543 6.46 21.01 -24.30
CA LEU C 543 6.14 20.02 -23.30
C LEU C 543 7.15 18.88 -23.32
N GLU C 544 7.36 18.29 -22.14
CA GLU C 544 8.32 17.24 -21.90
C GLU C 544 7.61 15.93 -21.61
N ALA C 545 8.21 14.83 -22.03
CA ALA C 545 7.77 13.50 -21.64
C ALA C 545 8.95 12.65 -21.24
N ALA C 546 8.74 11.80 -20.23
CA ALA C 546 9.72 10.83 -19.77
C ALA C 546 9.42 9.47 -20.39
N TYR C 547 10.48 8.80 -20.85
CA TYR C 547 10.39 7.50 -21.49
C TYR C 547 11.40 6.56 -20.88
N ASP C 548 11.05 5.28 -20.82
CA ASP C 548 11.97 4.24 -20.41
C ASP C 548 12.58 3.61 -21.65
N PRO C 549 13.91 3.63 -21.82
CA PRO C 549 14.50 3.19 -23.09
C PRO C 549 14.53 1.67 -23.24
N VAL C 550 13.79 0.96 -22.40
CA VAL C 550 13.72 -0.49 -22.47
C VAL C 550 12.38 -0.98 -23.03
N LEU C 551 11.32 -0.18 -22.94
CA LEU C 551 10.01 -0.56 -23.45
C LEU C 551 9.32 0.68 -24.02
N VAL C 552 8.64 0.51 -25.16
CA VAL C 552 8.02 1.62 -25.86
C VAL C 552 6.53 1.74 -25.56
N ASP C 553 6.02 0.95 -24.61
CA ASP C 553 4.57 0.84 -24.45
C ASP C 553 3.97 2.10 -23.80
N THR C 554 4.68 2.71 -22.86
CA THR C 554 4.11 3.78 -22.04
C THR C 554 5.09 4.94 -21.93
N ILE C 555 4.55 6.16 -21.91
CA ILE C 555 5.34 7.37 -21.65
C ILE C 555 4.60 8.22 -20.62
N TYR C 556 5.31 9.20 -20.05
CA TYR C 556 4.77 10.03 -18.98
C TYR C 556 4.91 11.51 -19.36
N LEU C 557 3.79 12.17 -19.60
CA LEU C 557 3.78 13.56 -20.07
C LEU C 557 3.65 14.51 -18.88
N PHE C 558 4.44 15.59 -18.91
CA PHE C 558 4.34 16.63 -17.88
C PHE C 558 3.53 17.79 -18.42
N PRO C 559 2.30 18.01 -17.94
CA PRO C 559 1.41 18.97 -18.60
C PRO C 559 1.82 20.43 -18.46
N GLN C 560 2.66 20.77 -17.49
CA GLN C 560 3.11 22.15 -17.30
C GLN C 560 4.62 22.17 -17.10
N VAL C 561 5.25 23.24 -17.56
CA VAL C 561 6.70 23.35 -17.48
C VAL C 561 7.12 23.41 -16.02
N GLY C 562 8.04 22.53 -15.64
CA GLY C 562 8.52 22.49 -14.27
C GLY C 562 7.46 22.09 -13.26
N SER C 563 6.67 21.07 -13.56
CA SER C 563 5.58 20.64 -12.71
C SER C 563 5.93 19.30 -12.04
N ARG C 564 5.03 18.84 -11.19
CA ARG C 564 5.20 17.62 -10.42
C ARG C 564 4.24 16.52 -10.83
N VAL C 565 3.21 16.84 -11.60
CA VAL C 565 2.19 15.88 -12.01
C VAL C 565 2.55 15.35 -13.40
N PHE C 566 2.19 14.09 -13.65
CA PHE C 566 2.41 13.48 -14.97
C PHE C 566 1.21 12.63 -15.32
N TRP C 567 0.98 12.47 -16.62
CA TRP C 567 -0.09 11.63 -17.15
C TRP C 567 0.52 10.49 -17.97
N ARG C 568 -0.07 9.30 -17.84
CA ARG C 568 0.44 8.11 -18.52
C ARG C 568 -0.24 7.95 -19.88
N CYS C 569 0.57 7.76 -20.93
CA CYS C 569 0.07 7.63 -22.29
C CYS C 569 0.55 6.32 -22.90
N ASN C 570 -0.35 5.66 -23.63
CA ASN C 570 -0.10 4.38 -24.27
C ASN C 570 -0.12 4.54 -25.79
N LEU C 571 0.33 3.50 -26.48
CA LEU C 571 0.45 3.55 -27.94
C LEU C 571 -0.93 3.51 -28.60
N THR C 572 -1.03 4.20 -29.74
CA THR C 572 -2.25 4.24 -30.52
C THR C 572 -2.24 3.14 -31.57
N GLU C 573 -3.28 3.12 -32.40
CA GLU C 573 -3.40 2.09 -33.42
C GLU C 573 -2.36 2.25 -34.52
N ARG C 574 -1.99 3.49 -34.84
CA ARG C 574 -1.00 3.74 -35.87
C ARG C 574 0.37 3.18 -35.54
N SER C 575 0.68 3.00 -34.26
CA SER C 575 2.01 2.58 -33.83
C SER C 575 2.02 1.29 -33.03
N ARG C 576 0.90 0.57 -32.98
CA ARG C 576 0.83 -0.65 -32.17
C ARG C 576 1.62 -1.80 -32.78
N GLN C 577 2.12 -1.67 -34.00
CA GLN C 577 2.97 -2.70 -34.59
C GLN C 577 4.40 -2.65 -34.08
N PHE C 578 4.77 -1.62 -33.32
CA PHE C 578 6.04 -1.57 -32.61
C PHE C 578 5.93 -2.13 -31.19
N LYS C 579 4.79 -2.69 -30.83
CA LYS C 579 4.55 -3.11 -29.45
C LYS C 579 5.50 -4.22 -29.04
N GLY C 580 5.98 -4.14 -27.80
CA GLY C 580 6.86 -5.15 -27.24
C GLY C 580 8.33 -4.91 -27.46
N LEU C 581 8.71 -3.93 -28.28
CA LEU C 581 10.10 -3.67 -28.60
C LEU C 581 10.68 -2.64 -27.64
N SER C 582 11.96 -2.35 -27.82
CA SER C 582 12.64 -1.27 -27.12
C SER C 582 13.06 -0.19 -28.10
N PHE C 583 13.51 0.94 -27.57
CA PHE C 583 13.79 2.08 -28.42
C PHE C 583 15.02 1.86 -29.29
N TRP C 584 15.96 1.03 -28.83
CA TRP C 584 17.19 0.80 -29.59
C TRP C 584 16.89 0.13 -30.93
N GLU C 585 16.11 -0.95 -30.91
CA GLU C 585 15.78 -1.60 -32.17
C GLU C 585 14.77 -0.80 -32.99
N VAL C 586 13.96 0.04 -32.35
CA VAL C 586 13.10 0.94 -33.12
C VAL C 586 13.95 1.92 -33.93
N TRP C 587 14.98 2.49 -33.30
CA TRP C 587 15.89 3.37 -34.02
C TRP C 587 16.64 2.61 -35.11
N ASP C 588 17.00 1.35 -34.83
CA ASP C 588 17.63 0.51 -35.86
C ASP C 588 16.72 0.36 -37.07
N ILE C 589 15.46 -0.01 -36.83
CA ILE C 589 14.50 -0.21 -37.92
C ILE C 589 14.27 1.08 -38.69
N GLN C 590 14.25 2.22 -37.99
CA GLN C 590 14.10 3.49 -38.68
C GLN C 590 15.30 3.81 -39.57
N ALA C 591 16.51 3.50 -39.11
CA ALA C 591 17.69 3.67 -39.97
C ALA C 591 17.60 2.78 -41.21
N GLN C 592 17.17 1.52 -41.02
CA GLN C 592 17.03 0.62 -42.17
C GLN C 592 15.98 1.15 -43.16
N GLU C 593 14.87 1.68 -42.65
CA GLU C 593 13.84 2.21 -43.54
C GLU C 593 14.34 3.44 -44.29
N LYS C 594 15.15 4.27 -43.63
CA LYS C 594 15.76 5.39 -44.35
C LYS C 594 16.69 4.91 -45.46
N HIS C 595 17.49 3.88 -45.18
CA HIS C 595 18.37 3.34 -46.21
C HIS C 595 17.56 2.75 -47.37
N ASN C 596 16.44 2.09 -47.06
CA ASN C 596 15.59 1.55 -48.12
C ASN C 596 14.99 2.66 -48.97
N LYS C 597 14.55 3.75 -48.33
CA LYS C 597 14.08 4.90 -49.09
C LYS C 597 15.19 5.48 -49.96
N ALA C 598 16.44 5.35 -49.51
CA ALA C 598 17.56 5.82 -50.32
C ALA C 598 17.77 4.93 -51.55
N ASN C 599 17.74 3.61 -51.38
CA ASN C 599 18.12 2.69 -52.46
C ASN C 599 16.92 2.10 -53.20
N ALA C 600 15.73 2.66 -53.02
CA ALA C 600 14.57 2.22 -53.81
C ALA C 600 14.83 2.31 -55.31
N LYS C 601 15.62 3.30 -55.75
CA LYS C 601 15.89 3.44 -57.18
C LYS C 601 16.68 2.25 -57.70
N GLN C 602 17.64 1.76 -56.92
CA GLN C 602 18.35 0.55 -57.29
C GLN C 602 17.45 -0.68 -57.19
N ASP C 603 16.53 -0.68 -56.22
CA ASP C 603 15.60 -1.81 -56.09
C ASP C 603 14.67 -1.92 -57.30
N GLU C 604 14.33 -0.78 -57.92
CA GLU C 604 13.41 -0.78 -59.06
C GLU C 604 13.95 -1.62 -60.22
N LEU C 605 15.26 -1.52 -60.49
CA LEU C 605 15.83 -2.28 -61.59
C LEU C 605 15.78 -3.78 -61.33
N THR C 606 16.05 -4.20 -60.10
CA THR C 606 15.92 -5.62 -59.77
C THR C 606 14.47 -6.09 -59.91
N LYS C 607 13.52 -5.25 -59.49
CA LYS C 607 12.11 -5.59 -59.69
C LYS C 607 11.79 -5.78 -61.17
N ARG C 608 12.29 -4.86 -62.01
CA ARG C 608 12.05 -4.99 -63.44
C ARG C 608 12.64 -6.29 -63.98
N ARG C 609 13.89 -6.60 -63.60
CA ARG C 609 14.55 -7.80 -64.10
C ARG C 609 13.76 -9.05 -63.70
N GLU C 610 13.27 -9.08 -62.46
CA GLU C 610 12.40 -10.19 -62.05
C GLU C 610 11.14 -10.24 -62.90
N LEU C 611 10.60 -9.09 -63.25
CA LEU C 611 9.38 -9.06 -64.07
C LEU C 611 9.61 -9.72 -65.43
N GLU C 612 10.65 -9.27 -66.16
CA GLU C 612 10.90 -9.93 -67.46
C GLU C 612 11.32 -11.38 -67.29
N ALA C 613 11.99 -11.74 -66.20
CA ALA C 613 12.33 -13.14 -65.96
C ALA C 613 11.07 -13.99 -65.90
N PHE C 614 10.10 -13.57 -65.09
CA PHE C 614 8.85 -14.31 -64.97
C PHE C 614 8.10 -14.34 -66.30
N ILE C 615 8.05 -13.20 -67.00
CA ILE C 615 7.31 -13.13 -68.26
C ILE C 615 7.88 -14.09 -69.27
N GLN C 616 9.21 -14.08 -69.45
CA GLN C 616 9.84 -14.95 -70.43
C GLN C 616 9.73 -16.42 -70.03
N GLN C 617 9.85 -16.72 -68.73
CA GLN C 617 9.69 -18.09 -68.29
C GLN C 617 8.28 -18.61 -68.61
N THR C 618 7.27 -17.80 -68.34
CA THR C 618 5.90 -18.21 -68.63
C THR C 618 5.68 -18.39 -70.13
N ILE C 619 6.20 -17.46 -70.94
CA ILE C 619 6.02 -17.57 -72.39
C ILE C 619 6.69 -18.83 -72.93
N GLN C 620 7.92 -19.10 -72.49
CA GLN C 620 8.61 -20.28 -72.99
C GLN C 620 7.94 -21.57 -72.51
N LYS C 621 7.44 -21.59 -71.27
CA LYS C 621 6.73 -22.77 -70.79
C LYS C 621 5.46 -23.00 -71.60
N ALA C 622 4.73 -21.93 -71.94
CA ALA C 622 3.55 -22.08 -72.77
C ALA C 622 3.93 -22.57 -74.17
N ASN C 623 5.03 -22.05 -74.72
CA ASN C 623 5.48 -22.49 -76.04
C ASN C 623 5.91 -23.96 -76.02
N LYS C 624 6.33 -24.46 -74.86
CA LYS C 624 6.68 -25.87 -74.76
C LYS C 624 5.48 -26.76 -75.05
N LEU C 625 4.31 -26.39 -74.53
CA LEU C 625 3.09 -27.14 -74.76
C LEU C 625 2.46 -26.76 -76.09
N ALA D 264 23.26 -16.46 80.25
CA ALA D 264 23.23 -17.89 79.93
C ALA D 264 22.73 -18.12 78.51
N LEU D 265 23.17 -19.22 77.91
CA LEU D 265 22.80 -19.58 76.55
C LEU D 265 21.51 -20.40 76.56
N GLY D 266 20.74 -20.29 75.48
CA GLY D 266 19.51 -21.01 75.35
C GLY D 266 19.01 -21.07 73.93
N PRO D 267 17.81 -21.60 73.73
CA PRO D 267 17.27 -21.70 72.36
C PRO D 267 17.02 -20.33 71.76
N GLY D 268 17.58 -20.10 70.58
CA GLY D 268 17.43 -18.84 69.89
C GLY D 268 18.47 -17.78 70.20
N SER D 269 19.59 -18.16 70.81
CA SER D 269 20.66 -17.21 71.07
C SER D 269 21.69 -17.14 69.95
N ARG D 270 21.95 -18.25 69.27
CA ARG D 270 22.88 -18.30 68.16
C ARG D 270 22.38 -19.28 67.11
N TYR D 271 22.52 -18.90 65.84
CA TYR D 271 22.22 -19.77 64.71
C TYR D 271 23.47 -19.93 63.85
N GLU D 272 23.59 -21.09 63.20
CA GLU D 272 24.76 -21.37 62.37
C GLU D 272 24.32 -22.06 61.08
N ILE D 273 25.14 -21.94 60.05
CA ILE D 273 24.81 -22.42 58.71
C ILE D 273 25.70 -23.60 58.36
N ASP D 274 25.18 -24.52 57.55
CA ASP D 274 25.95 -25.63 57.01
C ASP D 274 25.42 -25.98 55.64
N ALA D 275 26.24 -26.67 54.84
CA ALA D 275 25.84 -27.03 53.49
C ALA D 275 26.56 -28.30 53.04
N THR D 276 25.98 -28.96 52.05
CA THR D 276 26.56 -30.17 51.46
C THR D 276 26.02 -30.35 50.05
N ILE D 277 26.61 -31.30 49.31
CA ILE D 277 26.22 -31.60 47.94
C ILE D 277 25.98 -33.10 47.81
N ALA D 278 24.93 -33.47 47.09
CA ALA D 278 24.60 -34.88 46.84
C ALA D 278 24.86 -35.23 45.39
N ASP D 279 25.38 -36.45 45.17
CA ASP D 279 25.81 -36.89 43.84
C ASP D 279 24.70 -37.68 43.13
N ILE D 280 23.58 -37.01 42.90
CA ILE D 280 22.45 -37.56 42.15
C ILE D 280 22.05 -36.51 41.12
N TYR D 281 21.25 -36.92 40.15
CA TYR D 281 20.67 -36.01 39.18
C TYR D 281 19.15 -36.12 39.25
N LEU D 282 18.48 -34.97 39.15
CA LEU D 282 17.06 -34.88 39.42
C LEU D 282 16.29 -34.58 38.14
N VAL D 283 15.01 -34.93 38.13
CA VAL D 283 14.12 -34.69 37.01
C VAL D 283 12.83 -34.07 37.53
N ASP D 284 12.08 -33.47 36.60
CA ASP D 284 10.79 -32.90 36.94
C ASP D 284 9.81 -33.99 37.33
N HIS D 285 8.82 -33.62 38.15
CA HIS D 285 7.82 -34.59 38.60
C HIS D 285 6.84 -34.95 37.48
N HIS D 286 6.48 -33.97 36.65
CA HIS D 286 5.56 -34.22 35.55
C HIS D 286 6.28 -34.72 34.31
N ASP D 287 7.29 -34.00 33.84
CA ASP D 287 8.08 -34.39 32.68
C ASP D 287 9.35 -35.07 33.18
N ARG D 288 9.40 -36.39 33.06
CA ARG D 288 10.49 -37.18 33.62
C ARG D 288 11.72 -37.24 32.71
N GLN D 289 11.86 -36.31 31.77
CA GLN D 289 12.98 -36.32 30.83
C GLN D 289 13.87 -35.09 30.89
N LYS D 290 13.63 -34.18 31.83
CA LYS D 290 14.43 -32.96 31.96
C LYS D 290 15.35 -33.09 33.16
N ILE D 291 16.65 -32.96 32.92
CA ILE D 291 17.65 -33.07 33.98
C ILE D 291 17.90 -31.69 34.58
N ILE D 292 17.76 -31.59 35.90
CA ILE D 292 17.95 -30.31 36.59
C ILE D 292 19.39 -30.12 37.02
N GLY D 293 19.97 -31.11 37.69
CA GLY D 293 21.36 -31.06 38.09
C GLY D 293 21.56 -31.70 39.44
N ARG D 294 22.78 -31.58 39.94
CA ARG D 294 23.11 -32.10 41.27
C ARG D 294 22.56 -31.17 42.35
N PRO D 295 22.01 -31.72 43.43
CA PRO D 295 21.43 -30.87 44.48
C PRO D 295 22.42 -30.54 45.59
N THR D 296 22.23 -29.34 46.14
CA THR D 296 22.96 -28.89 47.33
C THR D 296 21.95 -28.55 48.42
N LEU D 297 22.36 -28.81 49.66
CA LEU D 297 21.51 -28.65 50.84
C LEU D 297 22.14 -27.62 51.78
N TYR D 298 21.33 -26.67 52.24
CA TYR D 298 21.68 -25.73 53.28
C TYR D 298 20.82 -26.00 54.51
N ILE D 299 21.43 -25.96 55.69
CA ILE D 299 20.69 -26.12 56.94
C ILE D 299 21.15 -25.10 57.97
N VAL D 300 20.24 -24.77 58.89
CA VAL D 300 20.49 -23.86 60.00
C VAL D 300 20.35 -24.63 61.30
N ILE D 301 21.35 -24.50 62.18
CA ILE D 301 21.41 -25.25 63.43
C ILE D 301 21.39 -24.26 64.59
N ASP D 302 20.58 -24.57 65.60
CA ASP D 302 20.59 -23.84 66.87
C ASP D 302 21.69 -24.39 67.76
N VAL D 303 22.55 -23.52 68.29
CA VAL D 303 23.77 -23.96 68.95
C VAL D 303 23.48 -24.65 70.27
N PHE D 304 22.53 -24.12 71.05
CA PHE D 304 22.28 -24.67 72.38
C PHE D 304 21.72 -26.10 72.30
N SER D 305 20.68 -26.31 71.50
CA SER D 305 19.99 -27.59 71.44
C SER D 305 20.46 -28.48 70.30
N ARG D 306 21.28 -27.97 69.37
CA ARG D 306 21.75 -28.72 68.22
C ARG D 306 20.59 -29.18 67.34
N MET D 307 19.56 -28.34 67.24
CA MET D 307 18.35 -28.67 66.51
C MET D 307 18.32 -27.90 65.19
N ILE D 308 17.70 -28.50 64.17
CA ILE D 308 17.64 -27.92 62.84
C ILE D 308 16.40 -27.04 62.74
N THR D 309 16.56 -25.84 62.18
CA THR D 309 15.51 -24.84 62.16
C THR D 309 14.97 -24.54 60.77
N GLY D 310 15.79 -24.62 59.72
CA GLY D 310 15.33 -24.32 58.38
C GLY D 310 16.25 -24.94 57.35
N PHE D 311 15.78 -24.92 56.10
CA PHE D 311 16.50 -25.59 55.02
C PHE D 311 16.22 -24.88 53.70
N TYR D 312 17.04 -25.20 52.70
CA TYR D 312 16.88 -24.67 51.35
C TYR D 312 17.64 -25.57 50.38
N ILE D 313 17.04 -25.84 49.23
CA ILE D 313 17.62 -26.70 48.19
C ILE D 313 18.02 -25.83 47.01
N GLY D 314 19.30 -25.87 46.63
CA GLY D 314 19.80 -25.16 45.49
C GLY D 314 20.37 -26.08 44.44
N PHE D 315 20.85 -25.49 43.35
CA PHE D 315 21.43 -26.26 42.25
C PHE D 315 22.67 -25.59 41.68
N GLU D 316 23.44 -24.89 42.51
CA GLU D 316 24.63 -24.17 42.05
C GLU D 316 25.70 -24.28 43.14
N ASN D 317 26.73 -23.46 43.00
CA ASN D 317 27.83 -23.44 43.96
C ASN D 317 27.34 -22.87 45.29
N PRO D 318 27.67 -23.49 46.42
CA PRO D 318 27.29 -22.91 47.72
C PRO D 318 27.90 -21.52 47.94
N SER D 319 27.07 -20.62 48.48
CA SER D 319 27.50 -19.28 48.84
C SER D 319 26.60 -18.76 49.94
N TYR D 320 27.09 -17.74 50.65
CA TYR D 320 26.32 -17.18 51.77
C TYR D 320 25.14 -16.35 51.28
N VAL D 321 25.31 -15.65 50.16
CA VAL D 321 24.23 -14.88 49.56
C VAL D 321 23.02 -15.76 49.33
N VAL D 322 23.24 -16.97 48.81
CA VAL D 322 22.15 -17.91 48.60
C VAL D 322 21.77 -18.60 49.90
N ALA D 323 22.71 -18.75 50.83
CA ALA D 323 22.42 -19.36 52.13
C ALA D 323 21.45 -18.54 52.97
N MET D 324 21.28 -17.25 52.65
CA MET D 324 20.29 -16.45 53.38
C MET D 324 18.85 -16.92 53.18
N GLN D 325 18.58 -17.73 52.15
CA GLN D 325 17.22 -18.24 51.96
C GLN D 325 16.87 -19.31 53.00
N ALA D 326 17.86 -20.08 53.45
CA ALA D 326 17.62 -20.98 54.56
C ALA D 326 17.33 -20.23 55.84
N PHE D 327 17.90 -19.03 56.00
CA PHE D 327 17.59 -18.21 57.16
C PHE D 327 16.20 -17.59 57.05
N VAL D 328 15.78 -17.25 55.83
CA VAL D 328 14.40 -16.80 55.64
C VAL D 328 13.43 -17.93 55.99
N ASN D 329 13.76 -19.16 55.58
CA ASN D 329 12.93 -20.32 55.92
C ASN D 329 12.92 -20.57 57.42
N ALA D 330 14.07 -20.41 58.08
CA ALA D 330 14.21 -20.75 59.49
C ALA D 330 13.31 -19.94 60.41
N CYS D 331 12.82 -18.79 59.97
CA CYS D 331 12.07 -17.89 60.83
C CYS D 331 10.57 -17.93 60.58
N SER D 332 10.10 -18.81 59.70
CA SER D 332 8.69 -18.90 59.34
C SER D 332 8.08 -20.17 59.94
N ASP D 333 6.76 -20.31 59.73
CA ASP D 333 6.03 -21.48 60.17
C ASP D 333 6.03 -22.52 59.04
N LYS D 334 6.41 -23.75 59.37
CA LYS D 334 6.69 -24.77 58.38
C LYS D 334 5.54 -25.73 58.15
N THR D 335 4.35 -25.43 58.68
CA THR D 335 3.21 -26.32 58.48
C THR D 335 2.80 -26.40 57.02
N ALA D 336 2.83 -25.26 56.32
CA ALA D 336 2.35 -25.23 54.93
C ALA D 336 3.22 -26.09 54.02
N ILE D 337 4.55 -25.99 54.15
CA ILE D 337 5.42 -26.77 53.28
C ILE D 337 5.37 -28.25 53.63
N CYS D 338 5.22 -28.58 54.91
CA CYS D 338 5.07 -29.98 55.30
C CYS D 338 3.77 -30.56 54.74
N ALA D 339 2.68 -29.79 54.82
CA ALA D 339 1.42 -30.26 54.25
C ALA D 339 1.50 -30.42 52.75
N GLN D 340 2.14 -29.46 52.07
CA GLN D 340 2.23 -29.50 50.61
C GLN D 340 2.98 -30.73 50.12
N HIS D 341 3.86 -31.32 50.94
CA HIS D 341 4.53 -32.57 50.61
C HIS D 341 3.84 -33.78 51.26
N ASP D 342 2.53 -33.68 51.47
CA ASP D 342 1.72 -34.80 51.98
C ASP D 342 2.24 -35.30 53.33
N ILE D 343 2.54 -34.37 54.23
CA ILE D 343 2.97 -34.69 55.59
C ILE D 343 2.11 -33.91 56.56
N GLU D 344 1.47 -34.61 57.49
CA GLU D 344 0.67 -33.98 58.53
C GLU D 344 1.54 -33.77 59.76
N ILE D 345 1.68 -32.51 60.18
CA ILE D 345 2.62 -32.15 61.23
C ILE D 345 1.89 -31.31 62.28
N SER D 346 2.37 -31.35 63.52
CA SER D 346 1.81 -30.51 64.57
C SER D 346 2.88 -29.52 65.02
N SER D 347 2.50 -28.51 65.79
CA SER D 347 3.44 -27.50 66.26
C SER D 347 4.52 -28.05 67.17
N SER D 348 4.19 -29.01 68.02
CA SER D 348 5.15 -29.55 68.96
C SER D 348 6.34 -30.21 68.29
N ASP D 349 6.10 -30.89 67.19
CA ASP D 349 7.21 -31.49 66.44
C ASP D 349 8.18 -30.50 65.86
N TRP D 350 7.70 -29.36 65.36
CA TRP D 350 8.62 -28.31 64.93
C TRP D 350 8.29 -26.97 65.56
N PRO D 351 8.70 -26.70 66.84
CA PRO D 351 8.34 -25.36 67.33
C PRO D 351 9.43 -24.31 67.06
N CYS D 352 9.50 -23.77 65.85
CA CYS D 352 10.57 -22.83 65.51
C CYS D 352 10.12 -21.59 64.72
N VAL D 353 9.41 -20.66 65.35
CA VAL D 353 8.95 -19.45 64.67
C VAL D 353 9.49 -18.27 65.44
N GLY D 354 10.08 -17.30 64.73
CA GLY D 354 10.60 -16.11 65.34
C GLY D 354 12.03 -15.84 64.90
N LEU D 355 12.63 -14.82 65.50
CA LEU D 355 13.93 -14.27 65.16
C LEU D 355 14.95 -14.56 66.26
N PRO D 356 16.15 -15.01 65.90
CA PRO D 356 17.19 -15.26 66.91
C PRO D 356 17.91 -13.99 67.35
N ASP D 357 18.94 -14.15 68.17
CA ASP D 357 19.72 -13.02 68.66
C ASP D 357 20.97 -12.76 67.81
N VAL D 358 21.74 -13.80 67.51
CA VAL D 358 23.00 -13.67 66.79
C VAL D 358 23.05 -14.70 65.67
N LEU D 359 23.63 -14.32 64.54
CA LEU D 359 23.81 -15.21 63.39
C LEU D 359 25.29 -15.28 63.06
N LEU D 360 25.83 -16.50 63.01
CA LEU D 360 27.25 -16.71 62.76
C LEU D 360 27.47 -16.94 61.27
N ALA D 361 28.19 -16.01 60.63
CA ALA D 361 28.44 -16.09 59.20
C ALA D 361 29.63 -15.18 58.87
N ASP D 362 29.92 -15.02 57.58
CA ASP D 362 31.01 -14.17 57.12
C ASP D 362 30.45 -12.81 56.72
N ARG D 363 30.76 -11.78 57.50
CA ARG D 363 30.26 -10.44 57.21
C ARG D 363 30.85 -9.89 55.92
N GLY D 364 32.09 -10.25 55.60
CA GLY D 364 32.73 -9.77 54.39
C GLY D 364 32.33 -10.49 53.12
N GLU D 365 31.64 -11.63 53.24
CA GLU D 365 31.18 -12.38 52.08
C GLU D 365 29.74 -12.06 51.70
N LEU D 366 29.03 -11.28 52.51
CA LEU D 366 27.68 -10.87 52.22
C LEU D 366 27.67 -9.50 51.56
N MET D 367 26.54 -9.15 50.95
CA MET D 367 26.38 -7.83 50.38
C MET D 367 26.19 -6.80 51.49
N SER D 368 26.34 -5.52 51.12
CA SER D 368 26.26 -4.45 52.10
C SER D 368 24.82 -4.19 52.53
N HIS D 369 23.88 -4.24 51.59
CA HIS D 369 22.48 -4.00 51.92
C HIS D 369 21.92 -5.10 52.82
N GLN D 370 22.38 -6.34 52.62
CA GLN D 370 21.94 -7.44 53.47
C GLN D 370 22.36 -7.20 54.91
N VAL D 371 23.63 -6.82 55.12
CA VAL D 371 24.14 -6.55 56.46
C VAL D 371 23.41 -5.37 57.08
N GLU D 372 23.20 -4.30 56.30
CA GLU D 372 22.49 -3.14 56.80
C GLU D 372 21.09 -3.50 57.29
N ALA D 373 20.35 -4.25 56.46
CA ALA D 373 18.99 -4.63 56.85
C ALA D 373 18.99 -5.54 58.08
N LEU D 374 19.93 -6.50 58.13
CA LEU D 374 19.97 -7.39 59.28
C LEU D 374 20.28 -6.64 60.57
N VAL D 375 21.21 -5.68 60.52
CA VAL D 375 21.69 -5.05 61.74
C VAL D 375 20.73 -3.96 62.21
N SER D 376 20.33 -3.05 61.32
CA SER D 376 19.59 -1.88 61.76
C SER D 376 18.09 -2.07 61.78
N SER D 377 17.53 -2.80 60.82
CA SER D 377 16.09 -2.87 60.67
C SER D 377 15.46 -4.03 61.43
N PHE D 378 16.20 -5.11 61.67
CA PHE D 378 15.68 -6.27 62.38
C PHE D 378 16.47 -6.60 63.64
N ASN D 379 17.60 -5.94 63.88
CA ASN D 379 18.39 -6.07 65.10
C ASN D 379 18.86 -7.51 65.32
N VAL D 380 19.61 -8.01 64.33
CA VAL D 380 20.28 -9.29 64.43
C VAL D 380 21.78 -9.02 64.30
N ARG D 381 22.55 -9.49 65.28
CA ARG D 381 23.99 -9.28 65.30
C ARG D 381 24.69 -10.36 64.49
N VAL D 382 25.64 -9.95 63.65
CA VAL D 382 26.38 -10.84 62.77
C VAL D 382 27.79 -10.96 63.30
N GLU D 383 28.21 -12.20 63.60
CA GLU D 383 29.53 -12.43 64.19
C GLU D 383 30.32 -13.46 63.38
N SER D 384 31.45 -13.90 63.91
CA SER D 384 32.33 -14.79 63.18
C SER D 384 31.91 -16.25 63.38
N ALA D 385 31.92 -17.01 62.28
CA ALA D 385 31.49 -18.39 62.28
C ALA D 385 32.55 -19.31 62.89
N PRO D 386 32.14 -20.36 63.58
CA PRO D 386 33.08 -21.34 64.10
C PRO D 386 33.33 -22.44 63.08
N PRO D 387 34.29 -23.33 63.32
CA PRO D 387 34.49 -24.46 62.40
C PRO D 387 33.27 -25.37 62.32
N ARG D 388 33.08 -25.96 61.16
CA ARG D 388 31.89 -26.75 60.88
C ARG D 388 32.10 -28.22 61.27
N ARG D 389 31.01 -28.98 61.23
CA ARG D 389 31.02 -30.42 61.43
C ARG D 389 30.18 -31.07 60.33
N GLY D 390 30.17 -32.40 60.31
CA GLY D 390 29.40 -33.11 59.32
C GLY D 390 27.93 -33.23 59.68
N ASP D 391 27.21 -32.10 59.67
CA ASP D 391 25.80 -32.09 60.01
C ASP D 391 24.93 -32.36 58.79
N ALA D 392 25.02 -31.50 57.77
CA ALA D 392 24.31 -31.74 56.53
C ALA D 392 24.83 -33.00 55.85
N LYS D 393 26.15 -33.20 55.87
CA LYS D 393 26.73 -34.44 55.35
C LYS D 393 26.12 -35.65 56.07
N GLY D 394 26.08 -35.60 57.39
CA GLY D 394 25.48 -36.70 58.15
C GLY D 394 24.02 -36.91 57.82
N ILE D 395 23.30 -35.83 57.51
CA ILE D 395 21.91 -35.97 57.07
C ILE D 395 21.84 -36.70 55.73
N VAL D 396 22.73 -36.38 54.81
CA VAL D 396 22.62 -36.88 53.43
C VAL D 396 23.28 -38.25 53.28
N GLU D 397 24.47 -38.45 53.85
CA GLU D 397 25.24 -39.65 53.53
C GLU D 397 24.60 -40.94 54.03
N SER D 398 23.43 -40.88 54.67
CA SER D 398 22.77 -42.09 55.13
C SER D 398 22.39 -43.00 53.96
N THR D 399 21.85 -42.43 52.88
CA THR D 399 21.42 -43.20 51.73
C THR D 399 21.85 -42.58 50.41
N PHE D 400 22.95 -41.81 50.41
CA PHE D 400 23.45 -41.18 49.19
C PHE D 400 24.96 -41.08 49.27
N ARG D 401 25.55 -40.45 48.25
CA ARG D 401 26.98 -40.22 48.18
C ARG D 401 27.26 -38.73 48.29
N THR D 402 28.32 -38.38 49.01
CA THR D 402 28.61 -36.99 49.33
C THR D 402 30.03 -36.64 48.91
N LEU D 403 30.19 -35.44 48.34
CA LEU D 403 31.49 -34.85 48.09
C LEU D 403 31.53 -33.47 48.75
N GLN D 404 32.72 -33.07 49.17
CA GLN D 404 32.86 -31.88 50.00
C GLN D 404 32.41 -30.63 49.25
N ALA D 405 31.80 -29.71 49.98
CA ALA D 405 31.29 -28.45 49.44
C ALA D 405 31.96 -27.29 50.17
N GLU D 406 32.44 -26.31 49.42
CA GLU D 406 33.13 -25.17 49.98
C GLU D 406 32.46 -23.88 49.54
N PHE D 407 32.19 -23.00 50.50
CA PHE D 407 31.61 -21.69 50.18
C PHE D 407 32.63 -20.82 49.47
N LYS D 408 32.21 -20.16 48.41
CA LYS D 408 33.01 -19.12 47.78
C LYS D 408 32.07 -18.12 47.11
N SER D 409 32.67 -17.10 46.50
CA SER D 409 31.97 -15.85 46.24
C SER D 409 30.77 -16.02 45.30
N PHE D 410 29.90 -15.02 45.31
CA PHE D 410 28.73 -14.98 44.45
C PHE D 410 29.13 -14.47 43.08
N ALA D 411 28.72 -15.17 42.04
CA ALA D 411 29.11 -14.86 40.66
C ALA D 411 27.88 -14.78 39.76
N PRO D 412 27.13 -13.70 39.82
CA PRO D 412 26.02 -13.49 38.88
C PRO D 412 26.55 -13.05 37.53
N GLY D 413 25.67 -13.13 36.53
CA GLY D 413 25.99 -12.63 35.21
C GLY D 413 26.57 -13.67 34.28
N ILE D 414 27.33 -13.21 33.29
CA ILE D 414 27.90 -14.08 32.27
C ILE D 414 29.32 -14.47 32.69
N VAL D 415 29.63 -15.76 32.57
CA VAL D 415 30.96 -16.26 32.93
C VAL D 415 31.44 -17.26 31.88
N ALA D 432 19.15 -41.37 37.60
CA ALA D 432 18.65 -40.15 36.96
C ALA D 432 17.15 -40.24 36.72
N SER D 433 16.47 -41.04 37.54
CA SER D 433 15.03 -41.23 37.44
C SER D 433 14.27 -40.68 38.64
N LEU D 434 14.96 -40.08 39.60
CA LEU D 434 14.32 -39.56 40.81
C LEU D 434 13.91 -38.11 40.61
N SER D 435 12.74 -37.77 41.12
CA SER D 435 12.22 -36.40 41.03
C SER D 435 12.57 -35.62 42.29
N VAL D 436 12.43 -34.29 42.19
CA VAL D 436 12.74 -33.42 43.31
C VAL D 436 11.73 -33.59 44.44
N PHE D 437 10.48 -33.93 44.11
CA PHE D 437 9.44 -34.07 45.12
C PHE D 437 9.79 -35.20 46.10
N GLU D 438 10.22 -36.34 45.58
CA GLU D 438 10.58 -37.46 46.45
C GLU D 438 11.82 -37.16 47.27
N PHE D 439 12.80 -36.48 46.66
CA PHE D 439 14.00 -36.08 47.40
C PHE D 439 13.64 -35.16 48.56
N THR D 440 12.75 -34.20 48.32
CA THR D 440 12.32 -33.30 49.38
C THR D 440 11.57 -34.05 50.47
N GLN D 441 10.71 -35.00 50.09
CA GLN D 441 9.98 -35.78 51.08
C GLN D 441 10.94 -36.58 51.96
N ILE D 442 11.94 -37.22 51.34
CA ILE D 442 12.92 -37.98 52.11
C ILE D 442 13.71 -37.07 53.04
N ILE D 443 14.12 -35.90 52.55
CA ILE D 443 14.87 -34.96 53.36
C ILE D 443 14.05 -34.51 54.57
N LEU D 444 12.78 -34.18 54.34
CA LEU D 444 11.91 -33.72 55.43
C LEU D 444 11.71 -34.81 56.47
N ARG D 445 11.46 -36.04 56.02
CA ARG D 445 11.24 -37.13 56.97
C ARG D 445 12.52 -37.42 57.77
N THR D 446 13.68 -37.37 57.12
CA THR D 446 14.93 -37.56 57.85
C THR D 446 15.15 -36.47 58.88
N ILE D 447 14.88 -35.21 58.51
CA ILE D 447 15.04 -34.10 59.44
C ILE D 447 14.14 -34.28 60.65
N LEU D 448 12.87 -34.64 60.42
CA LEU D 448 11.93 -34.82 61.51
C LEU D 448 12.35 -35.97 62.42
N PHE D 449 12.81 -37.08 61.83
CA PHE D 449 13.26 -38.21 62.63
C PHE D 449 14.45 -37.83 63.51
N ARG D 450 15.44 -37.15 62.93
CA ARG D 450 16.61 -36.78 63.71
C ARG D 450 16.26 -35.78 64.80
N ASN D 451 15.37 -34.83 64.51
CA ASN D 451 14.99 -33.84 65.51
C ASN D 451 14.24 -34.47 66.66
N ASN D 452 13.25 -35.32 66.38
CA ASN D 452 12.28 -35.70 67.41
C ASN D 452 12.65 -36.96 68.17
N HIS D 453 13.31 -37.93 67.55
CA HIS D 453 13.46 -39.24 68.16
C HIS D 453 14.90 -39.67 68.43
N LEU D 454 15.87 -39.22 67.64
CA LEU D 454 17.24 -39.69 67.80
C LEU D 454 17.87 -39.11 69.05
N VAL D 455 18.85 -39.85 69.60
CA VAL D 455 19.50 -39.50 70.85
C VAL D 455 20.99 -39.26 70.58
N MET D 456 21.49 -38.12 71.03
CA MET D 456 22.91 -37.81 70.88
C MET D 456 23.73 -38.57 71.93
N ASP D 457 25.01 -38.75 71.63
CA ASP D 457 25.92 -39.48 72.51
C ASP D 457 27.04 -38.62 73.05
N LYS D 458 27.72 -37.85 72.20
CA LYS D 458 28.84 -37.01 72.60
C LYS D 458 28.40 -35.65 73.14
N TYR D 459 27.12 -35.51 73.52
CA TYR D 459 26.65 -34.24 74.04
C TYR D 459 27.25 -33.98 75.42
N ASP D 460 27.78 -32.77 75.60
CA ASP D 460 28.34 -32.36 76.89
C ASP D 460 27.21 -31.82 77.75
N ARG D 461 26.75 -32.64 78.70
CA ARG D 461 25.62 -32.26 79.53
C ARG D 461 26.00 -31.16 80.51
N ASP D 462 25.00 -30.40 80.95
CA ASP D 462 25.17 -29.33 81.92
C ASP D 462 24.74 -29.80 83.30
N ALA D 463 25.23 -29.07 84.31
CA ALA D 463 24.93 -29.45 85.70
C ALA D 463 23.45 -29.30 86.01
N ASP D 464 22.80 -28.24 85.51
CA ASP D 464 21.42 -27.96 85.86
C ASP D 464 20.43 -28.91 85.20
N PHE D 465 20.85 -29.73 84.25
CA PHE D 465 19.93 -30.63 83.58
C PHE D 465 19.37 -31.65 84.55
N PRO D 466 18.06 -31.91 84.52
CA PRO D 466 17.51 -33.03 85.30
C PRO D 466 18.07 -34.35 84.80
N THR D 467 18.20 -35.30 85.72
CA THR D 467 18.78 -36.60 85.36
C THR D 467 17.88 -37.37 84.41
N ASP D 468 16.56 -37.13 84.45
CA ASP D 468 15.61 -37.83 83.60
C ASP D 468 15.40 -37.17 82.25
N LEU D 469 16.33 -36.32 81.81
CA LEU D 469 16.21 -35.63 80.53
C LEU D 469 17.22 -36.20 79.55
N PRO D 470 16.79 -36.94 78.53
CA PRO D 470 17.73 -37.46 77.54
C PRO D 470 18.16 -36.39 76.55
N SER D 471 19.31 -36.64 75.92
CA SER D 471 19.89 -35.69 74.96
C SER D 471 19.20 -35.82 73.61
N ILE D 472 17.97 -35.29 73.56
CA ILE D 472 17.16 -35.24 72.36
C ILE D 472 16.85 -33.79 72.06
N PRO D 473 17.01 -33.32 70.82
CA PRO D 473 16.94 -31.87 70.56
C PRO D 473 15.65 -31.20 71.02
N VAL D 474 14.49 -31.83 70.80
CA VAL D 474 13.22 -31.17 71.14
C VAL D 474 13.05 -31.07 72.65
N GLN D 475 13.50 -32.08 73.39
CA GLN D 475 13.41 -32.03 74.85
C GLN D 475 14.24 -30.88 75.40
N LEU D 476 15.47 -30.74 74.89
CA LEU D 476 16.31 -29.62 75.31
C LEU D 476 15.71 -28.28 74.91
N TRP D 477 15.10 -28.22 73.72
CA TRP D 477 14.44 -27.00 73.29
C TRP D 477 13.33 -26.61 74.26
N GLN D 478 12.50 -27.58 74.64
CA GLN D 478 11.40 -27.29 75.57
C GLN D 478 11.93 -26.85 76.93
N TRP D 479 12.93 -27.56 77.44
CA TRP D 479 13.48 -27.21 78.75
C TRP D 479 14.07 -25.80 78.74
N GLY D 480 14.83 -25.47 77.69
CA GLY D 480 15.42 -24.14 77.61
C GLY D 480 14.38 -23.04 77.48
N MET D 481 13.37 -23.27 76.63
CA MET D 481 12.32 -22.26 76.46
C MET D 481 11.56 -22.06 77.76
N GLN D 482 11.35 -23.13 78.52
CA GLN D 482 10.64 -23.01 79.79
C GLN D 482 11.49 -22.29 80.83
N HIS D 483 12.80 -22.53 80.81
CA HIS D 483 13.63 -22.06 81.92
C HIS D 483 14.33 -20.74 81.61
N ARG D 484 14.95 -20.62 80.44
CA ARG D 484 15.96 -19.57 80.28
C ARG D 484 15.55 -18.40 79.36
N THR D 485 15.19 -18.69 78.11
CA THR D 485 15.11 -17.62 77.13
C THR D 485 13.76 -16.92 77.16
N GLY D 486 12.68 -17.66 77.33
CA GLY D 486 11.36 -17.06 77.19
C GLY D 486 10.74 -17.40 75.85
N SER D 487 10.80 -16.46 74.91
CA SER D 487 10.31 -16.68 73.55
C SER D 487 11.25 -16.03 72.56
N LEU D 488 10.89 -16.08 71.29
CA LEU D 488 11.63 -15.43 70.22
C LEU D 488 10.99 -14.07 69.95
N ARG D 489 11.41 -13.41 68.87
CA ARG D 489 10.94 -12.08 68.53
C ARG D 489 10.04 -12.11 67.30
N ALA D 490 9.20 -11.09 67.18
CA ALA D 490 8.23 -11.02 66.10
C ALA D 490 8.87 -10.58 64.79
N VAL D 491 8.30 -11.05 63.68
CA VAL D 491 8.80 -10.72 62.35
C VAL D 491 7.71 -11.11 61.35
N GLU D 492 7.70 -10.43 60.21
CA GLU D 492 6.81 -10.77 59.11
C GLU D 492 7.64 -11.12 57.87
N GLN D 493 7.17 -12.12 57.12
CA GLN D 493 8.02 -12.82 56.18
C GLN D 493 8.29 -12.06 54.89
N GLU D 494 7.33 -11.28 54.41
CA GLU D 494 7.50 -10.60 53.12
C GLU D 494 8.66 -9.62 53.16
N GLN D 495 8.71 -8.78 54.20
CA GLN D 495 9.77 -7.79 54.32
C GLN D 495 11.12 -8.46 54.49
N LEU D 496 11.19 -9.51 55.32
CA LEU D 496 12.45 -10.21 55.53
C LEU D 496 12.95 -10.84 54.24
N ARG D 497 12.05 -11.43 53.45
CA ARG D 497 12.47 -12.06 52.20
C ARG D 497 12.93 -11.02 51.18
N VAL D 498 12.21 -9.90 51.06
CA VAL D 498 12.59 -8.90 50.06
C VAL D 498 13.90 -8.23 50.45
N ALA D 499 14.10 -7.98 51.75
CA ALA D 499 15.31 -7.29 52.20
C ALA D 499 16.58 -8.11 51.98
N LEU D 500 16.47 -9.42 51.74
CA LEU D 500 17.63 -10.29 51.64
C LEU D 500 17.92 -10.77 50.23
N LEU D 501 17.15 -10.33 49.23
CA LEU D 501 17.39 -10.69 47.85
C LEU D 501 18.55 -9.89 47.27
N PRO D 502 19.18 -10.39 46.20
CA PRO D 502 20.19 -9.61 45.50
C PRO D 502 19.59 -8.52 44.62
N ARG D 503 20.42 -7.51 44.34
CA ARG D 503 20.01 -6.30 43.65
C ARG D 503 20.91 -6.02 42.45
N ARG D 504 20.38 -5.24 41.52
CA ARG D 504 21.19 -4.71 40.42
C ARG D 504 20.58 -3.42 39.88
N LYS D 505 21.44 -2.62 39.25
CA LYS D 505 21.02 -1.40 38.56
C LYS D 505 20.25 -1.75 37.29
N VAL D 506 19.21 -0.97 37.01
CA VAL D 506 18.34 -1.21 35.87
C VAL D 506 18.37 0.01 34.96
N SER D 507 17.86 -0.16 33.75
CA SER D 507 17.73 0.92 32.80
C SER D 507 16.26 1.19 32.51
N ILE D 508 15.94 2.43 32.14
CA ILE D 508 14.57 2.83 31.84
C ILE D 508 14.52 3.39 30.43
N SER D 509 13.53 2.96 29.66
CA SER D 509 13.34 3.53 28.32
C SER D 509 11.90 3.28 27.89
N SER D 510 11.60 3.61 26.63
CA SER D 510 10.27 3.42 26.08
C SER D 510 9.87 1.95 25.99
N PHE D 511 10.83 1.04 26.11
CA PHE D 511 10.55 -0.39 26.14
C PHE D 511 10.36 -0.92 27.55
N GLY D 512 10.44 -0.06 28.57
CA GLY D 512 10.22 -0.48 29.93
C GLY D 512 11.48 -0.45 30.78
N VAL D 513 11.59 -1.42 31.69
CA VAL D 513 12.74 -1.56 32.59
C VAL D 513 13.62 -2.69 32.07
N ASN D 514 14.92 -2.42 31.93
CA ASN D 514 15.89 -3.37 31.42
C ASN D 514 16.74 -3.87 32.57
N LEU D 515 16.71 -5.18 32.82
CA LEU D 515 17.53 -5.83 33.83
C LEU D 515 18.12 -7.09 33.24
N TRP D 516 19.46 -7.19 33.28
CA TRP D 516 20.20 -8.36 32.78
C TRP D 516 19.93 -8.64 31.31
N GLY D 517 19.36 -7.68 30.57
CA GLY D 517 19.01 -7.88 29.18
C GLY D 517 17.55 -8.20 28.94
N LEU D 518 16.75 -8.35 29.98
CA LEU D 518 15.32 -8.63 29.85
C LEU D 518 14.52 -7.37 30.15
N TYR D 519 13.25 -7.38 29.72
CA TYR D 519 12.40 -6.20 29.74
C TYR D 519 11.17 -6.48 30.61
N TYR D 520 10.84 -5.53 31.48
CA TYR D 520 9.75 -5.65 32.43
C TYR D 520 8.90 -4.40 32.40
N SER D 521 7.63 -4.55 32.79
CA SER D 521 6.69 -3.44 32.84
C SER D 521 5.64 -3.71 33.90
N GLY D 522 4.96 -2.64 34.31
CA GLY D 522 3.94 -2.76 35.34
C GLY D 522 2.98 -1.58 35.26
N SER D 523 1.97 -1.61 36.15
CA SER D 523 0.93 -0.60 36.11
C SER D 523 1.42 0.73 36.67
N GLU D 524 2.28 0.71 37.69
CA GLU D 524 2.76 1.93 38.31
C GLU D 524 3.81 2.65 37.46
N ILE D 525 4.39 1.97 36.47
CA ILE D 525 5.34 2.64 35.59
C ILE D 525 4.61 3.45 34.51
N LEU D 526 3.46 2.96 34.07
CA LEU D 526 2.63 3.68 33.09
C LEU D 526 1.71 4.67 33.77
N ARG D 527 2.29 5.56 34.58
CA ARG D 527 1.52 6.51 35.37
C ARG D 527 2.37 7.67 35.84
N PRO D 540 14.96 8.99 37.85
CA PRO D 540 16.30 9.21 38.39
C PRO D 540 17.38 8.42 37.64
N GLN D 541 18.64 8.82 37.81
CA GLN D 541 19.72 8.20 37.05
C GLN D 541 20.11 6.83 37.60
N HIS D 542 19.99 6.62 38.91
CA HIS D 542 20.44 5.39 39.54
C HIS D 542 19.27 4.75 40.30
N LEU D 543 18.49 3.94 39.59
CA LEU D 543 17.47 3.11 40.20
C LEU D 543 17.98 1.68 40.35
N GLU D 544 17.32 0.92 41.22
CA GLU D 544 17.78 -0.43 41.53
C GLU D 544 16.58 -1.36 41.69
N ALA D 545 16.83 -2.64 41.43
CA ALA D 545 15.79 -3.66 41.55
C ALA D 545 16.36 -4.90 42.21
N ALA D 546 15.48 -5.64 42.89
CA ALA D 546 15.80 -6.90 43.52
C ALA D 546 15.23 -8.05 42.69
N TYR D 547 16.01 -9.13 42.58
CA TYR D 547 15.63 -10.28 41.77
C TYR D 547 15.93 -11.57 42.52
N ASP D 548 15.16 -12.61 42.18
CA ASP D 548 15.39 -13.96 42.68
C ASP D 548 16.08 -14.78 41.60
N PRO D 549 17.25 -15.36 41.84
CA PRO D 549 17.97 -16.07 40.77
C PRO D 549 17.34 -17.40 40.38
N VAL D 550 16.12 -17.67 40.85
CA VAL D 550 15.46 -18.93 40.58
C VAL D 550 14.34 -18.80 39.55
N LEU D 551 13.70 -17.64 39.44
CA LEU D 551 12.60 -17.46 38.51
C LEU D 551 12.64 -16.03 37.96
N VAL D 552 12.58 -15.89 36.64
CA VAL D 552 12.77 -14.62 35.97
C VAL D 552 11.45 -13.87 35.80
N ASP D 553 10.38 -14.39 36.42
CA ASP D 553 9.05 -13.89 36.11
C ASP D 553 8.79 -12.49 36.66
N THR D 554 9.32 -12.16 37.84
CA THR D 554 8.98 -10.92 38.50
C THR D 554 10.22 -10.31 39.16
N ILE D 555 10.26 -8.98 39.18
CA ILE D 555 11.31 -8.24 39.87
C ILE D 555 10.69 -7.15 40.73
N TYR D 556 11.48 -6.63 41.68
CA TYR D 556 11.02 -5.64 42.65
C TYR D 556 11.81 -4.35 42.49
N LEU D 557 11.19 -3.32 41.92
CA LEU D 557 11.85 -2.05 41.68
C LEU D 557 11.71 -1.13 42.89
N PHE D 558 12.81 -0.45 43.25
CA PHE D 558 12.76 0.49 44.36
C PHE D 558 12.71 1.91 43.81
N PRO D 559 11.57 2.60 43.86
CA PRO D 559 11.45 3.89 43.14
C PRO D 559 12.23 5.03 43.77
N GLN D 560 12.19 5.20 45.09
CA GLN D 560 12.93 6.27 45.74
C GLN D 560 13.99 5.71 46.67
N VAL D 561 15.07 6.46 46.84
CA VAL D 561 16.21 6.04 47.64
C VAL D 561 15.91 6.27 49.12
N GLY D 562 16.51 5.45 49.97
CA GLY D 562 16.30 5.52 51.39
C GLY D 562 15.09 4.77 51.91
N SER D 563 14.37 4.06 51.04
CA SER D 563 13.20 3.30 51.44
C SER D 563 13.21 1.97 50.71
N ARG D 564 12.54 0.98 51.30
CA ARG D 564 12.39 -0.34 50.69
C ARG D 564 10.98 -0.61 50.21
N VAL D 565 10.21 0.45 49.96
CA VAL D 565 8.96 0.31 49.23
C VAL D 565 9.27 -0.01 47.77
N PHE D 566 8.52 -0.95 47.20
CA PHE D 566 8.84 -1.46 45.87
C PHE D 566 7.59 -1.55 45.02
N TRP D 567 7.81 -1.70 43.71
CA TRP D 567 6.77 -2.02 42.75
C TRP D 567 7.13 -3.35 42.08
N ARG D 568 6.10 -4.14 41.77
CA ARG D 568 6.29 -5.42 41.11
C ARG D 568 6.30 -5.24 39.59
N CYS D 569 7.27 -5.84 38.92
CA CYS D 569 7.38 -5.76 37.47
C CYS D 569 7.41 -7.17 36.87
N ASN D 570 6.57 -7.38 35.86
CA ASN D 570 6.43 -8.65 35.14
C ASN D 570 7.05 -8.55 33.76
N LEU D 571 7.33 -9.71 33.18
CA LEU D 571 7.95 -9.78 31.86
C LEU D 571 7.00 -9.28 30.77
N THR D 572 7.57 -8.64 29.76
CA THR D 572 6.82 -8.18 28.60
C THR D 572 6.90 -9.21 27.48
N GLU D 573 6.10 -8.99 26.44
CA GLU D 573 6.10 -9.89 25.29
C GLU D 573 7.45 -9.89 24.59
N ARG D 574 8.17 -8.77 24.61
CA ARG D 574 9.47 -8.66 23.98
C ARG D 574 10.47 -9.66 24.54
N SER D 575 10.25 -10.15 25.76
CA SER D 575 11.07 -11.20 26.35
C SER D 575 10.24 -12.43 26.72
N ARG D 576 9.01 -12.54 26.20
CA ARG D 576 8.09 -13.56 26.66
C ARG D 576 8.62 -14.96 26.45
N GLN D 577 9.50 -15.15 25.47
CA GLN D 577 10.06 -16.47 25.17
C GLN D 577 11.07 -16.93 26.21
N PHE D 578 11.28 -16.18 27.29
CA PHE D 578 12.10 -16.63 28.41
C PHE D 578 11.27 -17.07 29.60
N LYS D 579 9.95 -17.14 29.46
CA LYS D 579 9.09 -17.45 30.59
C LYS D 579 9.35 -18.85 31.13
N GLY D 580 9.27 -18.97 32.46
CA GLY D 580 9.41 -20.25 33.12
C GLY D 580 10.83 -20.72 33.37
N LEU D 581 11.83 -19.97 32.92
CA LEU D 581 13.23 -20.33 33.11
C LEU D 581 13.79 -19.69 34.37
N SER D 582 15.04 -20.01 34.66
CA SER D 582 15.79 -19.40 35.74
C SER D 582 16.92 -18.55 35.17
N PHE D 583 17.59 -17.81 36.05
CA PHE D 583 18.62 -16.88 35.59
C PHE D 583 19.88 -17.61 35.15
N TRP D 584 20.19 -18.74 35.79
CA TRP D 584 21.36 -19.52 35.38
C TRP D 584 21.20 -20.07 33.97
N GLU D 585 20.00 -20.58 33.65
CA GLU D 585 19.74 -21.09 32.31
C GLU D 585 19.80 -19.96 31.28
N VAL D 586 19.27 -18.79 31.62
CA VAL D 586 19.32 -17.65 30.69
C VAL D 586 20.76 -17.24 30.43
N TRP D 587 21.59 -17.20 31.48
CA TRP D 587 22.99 -16.86 31.29
C TRP D 587 23.71 -17.91 30.46
N ASP D 588 23.36 -19.18 30.65
CA ASP D 588 23.95 -20.24 29.82
C ASP D 588 23.56 -20.08 28.35
N ILE D 589 22.29 -19.76 28.09
CA ILE D 589 21.84 -19.55 26.72
C ILE D 589 22.57 -18.38 26.09
N GLN D 590 22.73 -17.29 26.83
CA GLN D 590 23.47 -16.13 26.31
C GLN D 590 24.92 -16.48 26.05
N ALA D 591 25.53 -17.29 26.92
CA ALA D 591 26.90 -17.72 26.68
C ALA D 591 27.01 -18.55 25.41
N GLN D 592 26.05 -19.45 25.19
CA GLN D 592 26.05 -20.25 23.97
C GLN D 592 25.90 -19.36 22.74
N GLU D 593 25.00 -18.36 22.82
CA GLU D 593 24.80 -17.47 21.68
C GLU D 593 26.05 -16.66 21.36
N LYS D 594 26.73 -16.16 22.40
CA LYS D 594 27.94 -15.39 22.18
C LYS D 594 29.16 -16.27 21.93
N HIS D 595 29.03 -17.59 22.07
CA HIS D 595 30.18 -18.47 21.86
C HIS D 595 30.38 -18.80 20.38
N ASN D 596 29.30 -19.08 19.66
CA ASN D 596 29.42 -19.50 18.26
C ASN D 596 29.62 -18.32 17.31
N LYS D 597 30.61 -17.48 17.60
CA LYS D 597 30.91 -16.33 16.75
C LYS D 597 32.39 -16.22 16.43
N ALA D 598 33.18 -17.26 16.63
CA ALA D 598 34.61 -17.24 16.36
C ALA D 598 34.99 -18.18 15.22
N ASN D 599 34.67 -19.46 15.34
CA ASN D 599 34.95 -20.44 14.30
C ASN D 599 33.72 -20.78 13.46
N ALA D 600 32.53 -20.59 14.01
CA ALA D 600 31.31 -20.80 13.23
C ALA D 600 31.26 -19.88 12.03
N LYS D 601 31.88 -18.70 12.12
CA LYS D 601 31.91 -17.79 10.98
C LYS D 601 32.61 -18.42 9.79
N GLN D 602 33.83 -18.94 9.99
CA GLN D 602 34.55 -19.56 8.89
C GLN D 602 33.92 -20.87 8.47
N ASP D 603 33.36 -21.63 9.42
CA ASP D 603 32.70 -22.88 9.06
C ASP D 603 31.52 -22.62 8.14
N GLU D 604 30.66 -21.65 8.50
CA GLU D 604 29.53 -21.30 7.65
C GLU D 604 30.00 -20.68 6.34
N LEU D 605 31.07 -19.90 6.38
CA LEU D 605 31.63 -19.35 5.14
C LEU D 605 31.96 -20.46 4.16
N THR D 606 32.71 -21.47 4.62
CA THR D 606 33.11 -22.56 3.74
C THR D 606 31.90 -23.36 3.27
N LYS D 607 30.99 -23.70 4.19
CA LYS D 607 29.82 -24.49 3.82
C LYS D 607 28.99 -23.76 2.76
N ARG D 608 28.70 -22.48 2.99
CA ARG D 608 27.92 -21.72 2.02
C ARG D 608 28.67 -21.55 0.70
N ARG D 609 30.01 -21.48 0.76
CA ARG D 609 30.78 -21.33 -0.46
C ARG D 609 30.65 -22.56 -1.35
N GLU D 610 30.84 -23.76 -0.78
CA GLU D 610 30.64 -24.95 -1.62
C GLU D 610 29.17 -25.14 -2.00
N LEU D 611 28.23 -24.74 -1.14
CA LEU D 611 26.82 -24.84 -1.53
C LEU D 611 26.53 -23.95 -2.74
N GLU D 612 27.05 -22.73 -2.72
CA GLU D 612 26.90 -21.82 -3.85
C GLU D 612 27.55 -22.39 -5.11
N ALA D 613 28.77 -22.94 -4.97
CA ALA D 613 29.42 -23.52 -6.14
C ALA D 613 28.59 -24.65 -6.72
N PHE D 614 28.04 -25.51 -5.86
CA PHE D 614 27.24 -26.62 -6.33
C PHE D 614 25.99 -26.14 -7.06
N ILE D 615 25.25 -25.19 -6.47
CA ILE D 615 24.01 -24.75 -7.10
C ILE D 615 24.31 -24.02 -8.41
N GLN D 616 25.35 -23.20 -8.43
CA GLN D 616 25.74 -22.51 -9.66
C GLN D 616 26.10 -23.50 -10.75
N GLN D 617 26.90 -24.51 -10.41
CA GLN D 617 27.32 -25.48 -11.41
C GLN D 617 26.15 -26.30 -11.93
N THR D 618 25.24 -26.72 -11.05
CA THR D 618 24.11 -27.52 -11.52
C THR D 618 23.16 -26.68 -12.37
N ILE D 619 22.96 -25.41 -12.01
CA ILE D 619 22.11 -24.54 -12.83
C ILE D 619 22.73 -24.34 -14.21
N GLN D 620 24.04 -24.06 -14.25
CA GLN D 620 24.70 -23.87 -15.53
C GLN D 620 24.66 -25.12 -16.38
N LYS D 621 24.87 -26.29 -15.77
CA LYS D 621 24.82 -27.54 -16.52
C LYS D 621 23.42 -27.82 -17.06
N ALA D 622 22.39 -27.57 -16.24
CA ALA D 622 21.02 -27.77 -16.70
C ALA D 622 20.69 -26.83 -17.86
N ASN D 623 21.15 -25.58 -17.77
CA ASN D 623 20.94 -24.64 -18.86
C ASN D 623 21.65 -25.08 -20.13
N LYS D 624 22.90 -25.56 -19.99
CA LYS D 624 23.65 -26.00 -21.16
C LYS D 624 23.05 -27.24 -21.80
N LEU D 625 22.45 -28.11 -20.99
CA LEU D 625 21.83 -29.32 -21.54
C LEU D 625 20.66 -28.96 -22.46
N THR D 626 19.86 -27.98 -22.08
CA THR D 626 18.72 -27.56 -22.88
C THR D 626 19.17 -26.62 -24.00
N ASP G 588 -4.64 -39.47 83.73
CA ASP G 588 -3.69 -40.31 84.48
C ASP G 588 -2.96 -41.27 83.55
N ILE G 589 -3.70 -41.81 82.58
CA ILE G 589 -3.11 -42.74 81.62
C ILE G 589 -2.09 -42.03 80.73
N GLN G 590 -2.37 -40.77 80.39
CA GLN G 590 -1.45 -40.01 79.54
C GLN G 590 -0.10 -39.81 80.23
N ALA G 591 -0.12 -39.53 81.53
CA ALA G 591 1.14 -39.38 82.26
C ALA G 591 1.94 -40.67 82.28
N GLN G 592 1.25 -41.81 82.47
CA GLN G 592 1.93 -43.09 82.45
C GLN G 592 2.53 -43.38 81.07
N GLU G 593 1.78 -43.05 80.00
CA GLU G 593 2.30 -43.24 78.65
C GLU G 593 3.52 -42.37 78.40
N LYS G 594 3.48 -41.11 78.86
CA LYS G 594 4.63 -40.24 78.69
C LYS G 594 5.84 -40.77 79.46
N HIS G 595 5.62 -41.26 80.69
CA HIS G 595 6.73 -41.81 81.47
C HIS G 595 7.31 -43.05 80.79
N ASN G 596 6.45 -43.91 80.24
CA ASN G 596 6.93 -45.08 79.52
C ASN G 596 7.74 -44.68 78.29
N LYS G 597 7.26 -43.69 77.54
CA LYS G 597 7.98 -43.24 76.36
C LYS G 597 9.34 -42.65 76.71
N ALA G 598 9.40 -41.88 77.81
CA ALA G 598 10.64 -41.26 78.22
C ALA G 598 11.54 -42.20 79.03
N ASN G 599 11.07 -43.39 79.37
CA ASN G 599 11.86 -44.31 80.19
C ASN G 599 13.16 -44.70 79.49
N ALA G 600 13.04 -45.39 78.35
CA ALA G 600 14.20 -45.87 77.61
C ALA G 600 14.35 -45.17 76.26
N LYS G 601 13.32 -45.24 75.42
CA LYS G 601 13.23 -44.60 74.11
C LYS G 601 14.19 -45.19 73.08
N GLN G 602 15.03 -46.17 73.46
CA GLN G 602 15.91 -46.79 72.49
C GLN G 602 15.14 -47.73 71.57
N ASP G 603 14.16 -48.45 72.12
CA ASP G 603 13.33 -49.31 71.28
C ASP G 603 12.54 -48.49 70.27
N GLU G 604 11.98 -47.36 70.70
CA GLU G 604 11.28 -46.47 69.78
C GLU G 604 12.25 -45.92 68.73
N LEU G 605 13.46 -45.57 69.14
CA LEU G 605 14.47 -45.08 68.20
C LEU G 605 14.74 -46.11 67.11
N THR G 606 14.97 -47.37 67.51
CA THR G 606 15.27 -48.42 66.54
C THR G 606 14.07 -48.72 65.65
N LYS G 607 12.87 -48.78 66.23
CA LYS G 607 11.68 -49.07 65.43
C LYS G 607 11.44 -47.98 64.41
N ARG G 608 11.61 -46.72 64.80
CA ARG G 608 11.36 -45.62 63.86
C ARG G 608 12.49 -45.49 62.83
N ARG G 609 13.71 -45.87 63.20
CA ARG G 609 14.77 -45.97 62.20
C ARG G 609 14.43 -47.03 61.16
N GLU G 610 13.92 -48.17 61.62
CA GLU G 610 13.51 -49.22 60.68
C GLU G 610 12.38 -48.73 59.78
N LEU G 611 11.40 -48.02 60.35
CA LEU G 611 10.31 -47.49 59.54
C LEU G 611 10.81 -46.47 58.52
N GLU G 612 11.75 -45.62 58.92
CA GLU G 612 12.33 -44.65 58.00
C GLU G 612 13.04 -45.35 56.85
N ALA G 613 13.85 -46.36 57.16
CA ALA G 613 14.53 -47.10 56.10
C ALA G 613 13.54 -47.79 55.18
N PHE G 614 12.48 -48.37 55.75
CA PHE G 614 11.49 -49.06 54.93
C PHE G 614 10.77 -48.10 53.98
N ILE G 615 10.38 -46.92 54.49
CA ILE G 615 9.67 -45.98 53.63
C ILE G 615 10.60 -45.38 52.58
N GLN G 616 11.88 -45.17 52.92
CA GLN G 616 12.83 -44.71 51.92
C GLN G 616 13.01 -45.75 50.82
N GLN G 617 13.11 -47.03 51.20
CA GLN G 617 13.23 -48.09 50.20
C GLN G 617 11.97 -48.17 49.33
N THR G 618 10.79 -47.99 49.94
CA THR G 618 9.56 -48.00 49.18
C THR G 618 9.54 -46.87 48.15
N ILE G 619 9.94 -45.67 48.56
CA ILE G 619 9.98 -44.54 47.63
C ILE G 619 10.98 -44.80 46.52
N GLN G 620 12.14 -45.40 46.86
CA GLN G 620 13.13 -45.73 45.84
C GLN G 620 12.56 -46.72 44.83
N LYS G 621 11.88 -47.77 45.30
CA LYS G 621 11.32 -48.76 44.39
C LYS G 621 10.22 -48.15 43.51
N ALA G 622 9.38 -47.30 44.10
CA ALA G 622 8.35 -46.63 43.31
C ALA G 622 8.96 -45.73 42.24
N ASN G 623 10.06 -45.04 42.59
CA ASN G 623 10.75 -44.20 41.61
C ASN G 623 11.35 -45.05 40.49
N LYS G 624 11.92 -46.20 40.84
CA LYS G 624 12.48 -47.09 39.82
C LYS G 624 11.39 -47.61 38.88
N LEU G 625 10.23 -47.95 39.43
CA LEU G 625 9.14 -48.47 38.61
C LEU G 625 8.34 -47.37 37.91
N THR G 626 8.58 -46.11 38.26
CA THR G 626 7.81 -45.01 37.64
C THR G 626 8.03 -44.90 36.14
N PRO G 627 9.26 -44.92 35.61
CA PRO G 627 9.36 -44.80 34.15
C PRO G 627 8.87 -46.04 33.41
#